data_9L6W
#
_entry.id   9L6W
#
_cell.length_a   1.00
_cell.length_b   1.00
_cell.length_c   1.00
_cell.angle_alpha   90.00
_cell.angle_beta   90.00
_cell.angle_gamma   90.00
#
_symmetry.space_group_name_H-M   'P 1'
#
loop_
_entity.id
_entity.type
_entity.pdbx_description
1 polymer 'Outer mitochondrial transmembrane helix translocase'
2 polymer 'An unknown peptide substrate'
3 non-polymer "ADENOSINE-5'-TRIPHOSPHATE"
4 non-polymer 'MAGNESIUM ION'
#
loop_
_entity_poly.entity_id
_entity_poly.type
_entity_poly.pdbx_seq_one_letter_code
_entity_poly.pdbx_strand_id
1 'polypeptide(L)'
;MSRKFDLKTITDLSVLVGTGISLYYLVSRLLNDVESGPLSGKSRESKAKQSLQWEKLVKRSPALAEVTLDAYERTILSSI
VTPDEINITFQDIGGLDPLISDLHESVIYPLMMPEVYSNSPLLQAPSGVLLYGPPGCGKTMLAKALAKESGANFISIRMS
SIMDKWYGESNKIVDAMFSLANKLQPCIIFIDQIDSFLRERSSTDHEVTATLKAEFMTLWDGLLNNGRVMIIGATNRIND
IDDAFLRRLPKRFLVSLPGSDQRYKILSVLLKDTKLDEDEFDLQLIADNTKGFSGSDLKELCREAALDAAKEYIKQKRQL
IDSGTIDVNDTSSLKIRPLKTKDFTKKLRMDATSTLSSQPLD
;
B,F,E,D,C,A
2 'polypeptide(L)' (UNK)(UNK)(UNK)(UNK)(UNK)(UNK)(UNK)(UNK)(UNK)(UNK)(UNK)(UNK) G
#
# COMPACT_ATOMS: atom_id res chain seq x y z
N SER A 43 2.06 34.07 -13.03
CA SER A 43 3.45 34.38 -13.33
C SER A 43 3.57 35.29 -14.54
N ARG A 44 4.56 36.19 -14.51
CA ARG A 44 4.77 37.11 -15.62
C ARG A 44 5.17 36.36 -16.89
N GLU A 45 5.97 35.31 -16.76
CA GLU A 45 6.23 34.44 -17.89
C GLU A 45 4.97 33.72 -18.34
N SER A 46 4.15 33.28 -17.38
CA SER A 46 2.88 32.64 -17.72
C SER A 46 1.92 33.63 -18.36
N LYS A 47 1.90 34.88 -17.87
CA LYS A 47 1.04 35.89 -18.48
C LYS A 47 1.51 36.24 -19.88
N ALA A 48 2.83 36.31 -20.10
CA ALA A 48 3.36 36.52 -21.43
C ALA A 48 3.00 35.36 -22.35
N LYS A 49 3.06 34.12 -21.84
CA LYS A 49 2.64 32.97 -22.62
C LYS A 49 1.17 33.04 -22.97
N GLN A 50 0.32 33.41 -22.00
CA GLN A 50 -1.11 33.54 -22.27
C GLN A 50 -1.38 34.60 -23.33
N SER A 51 -0.74 35.77 -23.19
CA SER A 51 -0.94 36.85 -24.14
C SER A 51 -0.42 36.48 -25.52
N LEU A 52 0.74 35.83 -25.58
CA LEU A 52 1.33 35.43 -26.87
C LEU A 52 0.45 34.40 -27.56
N GLN A 53 0.04 33.37 -26.82
CA GLN A 53 -0.78 32.31 -27.39
C GLN A 53 -2.13 32.87 -27.82
N TRP A 54 -2.68 33.79 -27.02
CA TRP A 54 -3.95 34.41 -27.39
C TRP A 54 -3.84 35.23 -28.67
N GLU A 55 -2.86 36.14 -28.73
CA GLU A 55 -2.77 36.98 -29.93
C GLU A 55 -2.52 36.14 -31.17
N LYS A 56 -1.73 35.06 -31.04
CA LYS A 56 -1.49 34.19 -32.18
C LYS A 56 -2.76 33.44 -32.57
N LEU A 57 -3.58 33.06 -31.58
CA LEU A 57 -4.84 32.38 -31.88
C LEU A 57 -5.81 33.30 -32.58
N VAL A 58 -5.85 34.57 -32.20
CA VAL A 58 -6.75 35.49 -32.88
C VAL A 58 -6.23 36.00 -34.23
N LYS A 59 -4.92 35.93 -34.48
CA LYS A 59 -4.44 36.31 -35.79
C LYS A 59 -4.52 35.18 -36.81
N ARG A 60 -4.50 33.92 -36.38
CA ARG A 60 -4.67 32.80 -37.32
C ARG A 60 -6.14 32.67 -37.66
N SER A 61 -6.99 32.71 -36.65
CA SER A 61 -8.44 32.60 -36.80
C SER A 61 -9.10 33.89 -36.30
N PRO A 62 -9.48 34.80 -37.19
CA PRO A 62 -10.01 36.10 -36.74
C PRO A 62 -11.36 36.04 -36.08
N ALA A 63 -12.11 34.95 -36.21
CA ALA A 63 -13.48 34.91 -35.71
C ALA A 63 -13.58 34.85 -34.19
N LEU A 64 -12.47 34.67 -33.49
CA LEU A 64 -12.49 34.50 -32.04
C LEU A 64 -12.13 35.77 -31.28
N ALA A 65 -12.20 36.94 -31.93
CA ALA A 65 -11.81 38.18 -31.25
C ALA A 65 -12.86 38.59 -30.22
N GLU A 66 -14.13 38.33 -30.50
CA GLU A 66 -15.20 38.77 -29.60
C GLU A 66 -15.31 37.93 -28.35
N VAL A 67 -14.60 36.81 -28.27
CA VAL A 67 -14.71 35.90 -27.13
C VAL A 67 -13.72 36.30 -26.06
N THR A 68 -14.20 36.37 -24.81
CA THR A 68 -13.37 36.62 -23.64
C THR A 68 -13.31 35.36 -22.79
N LEU A 69 -12.41 35.36 -21.81
CA LEU A 69 -12.19 34.18 -20.99
C LEU A 69 -12.15 34.53 -19.51
N ASP A 70 -12.50 33.53 -18.70
CA ASP A 70 -12.29 33.56 -17.26
C ASP A 70 -10.81 33.29 -16.98
N ALA A 71 -10.42 33.45 -15.71
CA ALA A 71 -9.01 33.30 -15.34
C ALA A 71 -8.51 31.88 -15.56
N TYR A 72 -9.30 30.89 -15.17
CA TYR A 72 -8.92 29.50 -15.34
C TYR A 72 -8.79 29.18 -16.82
N GLU A 73 -9.72 29.67 -17.63
CA GLU A 73 -9.63 29.49 -19.07
C GLU A 73 -8.34 30.07 -19.63
N ARG A 74 -7.88 31.20 -19.06
CA ARG A 74 -6.60 31.77 -19.50
C ARG A 74 -5.43 30.89 -19.07
N THR A 75 -5.48 30.31 -17.87
CA THR A 75 -4.43 29.38 -17.48
C THR A 75 -4.39 28.15 -18.37
N ILE A 76 -5.56 27.73 -18.89
CA ILE A 76 -5.57 26.66 -19.87
C ILE A 76 -5.01 27.15 -21.21
N LEU A 77 -5.34 28.38 -21.59
CA LEU A 77 -4.80 29.00 -22.79
C LEU A 77 -3.28 29.07 -22.76
N SER A 78 -2.70 29.11 -21.56
CA SER A 78 -1.24 29.09 -21.42
C SER A 78 -0.62 27.81 -21.93
N SER A 79 -1.40 26.75 -22.14
CA SER A 79 -0.86 25.46 -22.57
C SER A 79 -1.41 25.04 -23.92
N ILE A 80 -1.42 25.95 -24.89
CA ILE A 80 -1.92 25.68 -26.24
C ILE A 80 -0.74 25.65 -27.20
N VAL A 81 -0.68 24.61 -28.02
CA VAL A 81 0.42 24.40 -28.96
C VAL A 81 -0.06 24.74 -30.36
N THR A 82 0.68 25.66 -30.94
CA THR A 82 0.39 26.08 -32.28
C THR A 82 1.31 25.28 -33.26
N PRO A 83 1.00 25.23 -34.58
CA PRO A 83 1.85 24.40 -35.47
C PRO A 83 3.26 24.92 -35.66
N ASP A 84 3.50 26.22 -35.49
CA ASP A 84 4.80 26.79 -35.87
C ASP A 84 5.93 26.42 -34.90
N GLU A 85 5.61 25.91 -33.70
CA GLU A 85 6.63 25.50 -32.75
C GLU A 85 6.90 24.00 -32.77
N ILE A 86 6.37 23.29 -33.76
CA ILE A 86 6.54 21.85 -33.88
C ILE A 86 7.19 21.54 -35.22
N ASN A 87 8.23 20.69 -35.18
CA ASN A 87 9.05 20.41 -36.35
C ASN A 87 8.70 19.12 -37.07
N ILE A 88 7.67 18.39 -36.63
CA ILE A 88 7.35 17.08 -37.18
C ILE A 88 6.10 17.18 -38.04
N THR A 89 6.18 16.62 -39.25
CA THR A 89 5.05 16.56 -40.19
C THR A 89 4.75 15.10 -40.53
N PHE A 90 3.80 14.88 -41.43
CA PHE A 90 3.53 13.51 -41.83
C PHE A 90 4.65 12.99 -42.70
N GLN A 91 5.33 13.86 -43.47
CA GLN A 91 6.49 13.37 -44.18
C GLN A 91 7.67 13.13 -43.25
N ASP A 92 7.54 13.48 -41.97
CA ASP A 92 8.52 13.15 -40.96
C ASP A 92 8.17 11.88 -40.20
N ILE A 93 7.00 11.29 -40.47
CA ILE A 93 6.57 10.05 -39.83
C ILE A 93 6.64 8.95 -40.89
N GLY A 94 7.41 7.92 -40.62
CA GLY A 94 7.59 6.82 -41.55
C GLY A 94 7.05 5.52 -41.00
N GLY A 95 6.73 4.60 -41.91
CA GLY A 95 6.28 3.28 -41.53
C GLY A 95 4.90 3.23 -40.92
N LEU A 96 4.08 4.26 -41.15
CA LEU A 96 2.74 4.28 -40.58
C LEU A 96 1.71 4.79 -41.58
N ASP A 97 2.03 4.79 -42.88
CA ASP A 97 1.12 5.35 -43.89
C ASP A 97 -0.36 4.87 -43.78
N PRO A 98 -0.65 3.52 -43.75
CA PRO A 98 -2.08 3.18 -43.56
C PRO A 98 -2.67 3.79 -42.29
N LEU A 99 -1.87 3.86 -41.22
CA LEU A 99 -2.38 4.49 -40.01
C LEU A 99 -2.52 6.00 -40.18
N ILE A 100 -1.62 6.64 -40.94
CA ILE A 100 -1.78 8.07 -41.23
C ILE A 100 -3.04 8.30 -42.04
N SER A 101 -3.30 7.45 -43.04
CA SER A 101 -4.50 7.62 -43.85
C SER A 101 -5.77 7.39 -43.05
N ASP A 102 -5.79 6.37 -42.19
CA ASP A 102 -6.93 6.14 -41.31
C ASP A 102 -7.10 7.31 -40.34
N LEU A 103 -6.00 7.81 -39.81
CA LEU A 103 -6.03 8.97 -38.92
C LEU A 103 -6.67 10.16 -39.60
N HIS A 104 -6.26 10.45 -40.84
CA HIS A 104 -6.90 11.47 -41.65
C HIS A 104 -8.40 11.24 -41.76
N GLU A 105 -8.76 10.13 -42.43
CA GLU A 105 -10.13 9.88 -42.86
C GLU A 105 -11.11 9.73 -41.71
N SER A 106 -10.65 9.39 -40.50
CA SER A 106 -11.58 9.22 -39.39
C SER A 106 -11.32 10.16 -38.23
N VAL A 107 -10.32 11.05 -38.31
CA VAL A 107 -10.01 11.93 -37.20
C VAL A 107 -9.97 13.39 -37.66
N ILE A 108 -9.16 13.70 -38.68
CA ILE A 108 -8.94 15.10 -39.01
C ILE A 108 -10.07 15.63 -39.86
N TYR A 109 -10.30 15.04 -41.01
CA TYR A 109 -11.34 15.54 -41.88
C TYR A 109 -12.73 15.51 -41.16
N PRO A 110 -13.16 14.36 -40.53
CA PRO A 110 -14.45 14.46 -39.80
C PRO A 110 -14.48 15.59 -38.78
N LEU A 111 -13.34 16.10 -38.33
CA LEU A 111 -13.32 17.21 -37.40
C LEU A 111 -13.10 18.53 -38.12
N MET A 112 -12.11 18.57 -39.02
CA MET A 112 -11.68 19.85 -39.60
C MET A 112 -12.65 20.38 -40.64
N MET A 113 -13.30 19.50 -41.41
CA MET A 113 -14.20 19.92 -42.48
C MET A 113 -15.59 19.28 -42.28
N PRO A 114 -16.45 19.92 -41.48
CA PRO A 114 -17.76 19.32 -41.17
C PRO A 114 -18.78 19.51 -42.28
N GLU A 115 -18.74 20.64 -42.98
CA GLU A 115 -19.70 20.91 -44.05
C GLU A 115 -19.50 19.95 -45.22
N VAL A 116 -18.30 19.38 -45.34
CA VAL A 116 -18.09 18.25 -46.25
C VAL A 116 -18.89 17.05 -45.78
N TYR A 117 -18.91 16.78 -44.47
CA TYR A 117 -19.58 15.58 -43.96
C TYR A 117 -21.00 15.82 -43.46
N SER A 118 -21.55 17.00 -43.71
CA SER A 118 -22.87 17.36 -43.21
C SER A 118 -23.98 16.57 -43.88
N ASN A 119 -23.66 15.74 -44.87
CA ASN A 119 -24.69 14.96 -45.57
C ASN A 119 -25.35 13.95 -44.63
N SER A 120 -24.56 13.26 -43.82
CA SER A 120 -25.10 12.28 -42.89
C SER A 120 -24.77 12.68 -41.45
N PRO A 121 -25.69 12.43 -40.52
CA PRO A 121 -25.43 12.82 -39.12
C PRO A 121 -24.42 11.92 -38.40
N LEU A 122 -24.05 10.80 -39.02
CA LEU A 122 -23.11 9.83 -38.42
C LEU A 122 -21.78 9.85 -39.15
N LEU A 123 -21.40 11.00 -39.68
CA LEU A 123 -20.11 11.15 -40.36
C LEU A 123 -19.22 12.16 -39.67
N GLN A 124 -19.46 12.48 -38.41
CA GLN A 124 -18.79 13.58 -37.73
C GLN A 124 -17.61 13.06 -36.91
N ALA A 125 -17.00 13.97 -36.16
CA ALA A 125 -15.75 13.66 -35.47
C ALA A 125 -16.00 12.73 -34.30
N PRO A 126 -15.03 11.91 -33.91
CA PRO A 126 -15.17 11.11 -32.69
C PRO A 126 -15.13 11.98 -31.45
N SER A 127 -15.69 11.44 -30.37
CA SER A 127 -15.61 12.11 -29.08
C SER A 127 -14.21 12.06 -28.50
N GLY A 128 -13.41 11.08 -28.90
CA GLY A 128 -12.03 11.00 -28.42
C GLY A 128 -11.26 9.97 -29.22
N VAL A 129 -9.94 10.19 -29.24
CA VAL A 129 -9.05 9.30 -29.96
C VAL A 129 -7.97 8.86 -28.99
N LEU A 130 -7.59 7.60 -29.02
CA LEU A 130 -6.51 7.06 -28.19
C LEU A 130 -5.42 6.48 -29.07
N LEU A 131 -4.18 6.91 -28.83
CA LEU A 131 -3.01 6.36 -29.50
C LEU A 131 -2.28 5.49 -28.50
N TYR A 132 -2.41 4.18 -28.70
CA TYR A 132 -1.79 3.24 -27.80
C TYR A 132 -0.85 2.30 -28.51
N GLY A 133 0.12 1.78 -27.79
CA GLY A 133 1.04 0.82 -28.36
C GLY A 133 2.31 0.68 -27.56
N PRO A 134 3.23 -0.16 -28.05
CA PRO A 134 4.51 -0.33 -27.37
C PRO A 134 5.33 0.94 -27.46
N PRO A 135 6.33 1.12 -26.57
CA PRO A 135 7.06 2.38 -26.54
C PRO A 135 7.85 2.66 -27.81
N GLY A 136 7.95 3.95 -28.14
CA GLY A 136 8.76 4.41 -29.24
C GLY A 136 8.31 3.99 -30.62
N CYS A 137 7.02 4.06 -30.90
CA CYS A 137 6.51 3.65 -32.19
C CYS A 137 5.93 4.81 -33.01
N GLY A 138 5.86 6.01 -32.44
CA GLY A 138 5.50 7.20 -33.19
C GLY A 138 4.43 8.07 -32.59
N LYS A 139 3.79 7.65 -31.49
CA LYS A 139 2.56 8.27 -31.01
C LYS A 139 2.76 9.75 -30.68
N THR A 140 3.91 10.10 -30.09
CA THR A 140 4.19 11.50 -29.80
C THR A 140 4.33 12.32 -31.09
N MET A 141 4.99 11.77 -32.11
CA MET A 141 5.04 12.47 -33.37
C MET A 141 3.70 12.45 -34.09
N LEU A 142 2.88 11.43 -33.85
CA LEU A 142 1.50 11.48 -34.33
C LEU A 142 0.79 12.70 -33.76
N ALA A 143 0.95 12.94 -32.46
CA ALA A 143 0.37 14.14 -31.85
C ALA A 143 0.99 15.42 -32.40
N LYS A 144 2.31 15.42 -32.60
CA LYS A 144 2.99 16.61 -33.12
C LYS A 144 2.48 16.97 -34.51
N ALA A 145 2.33 15.97 -35.38
CA ALA A 145 1.85 16.25 -36.72
C ALA A 145 0.34 16.47 -36.76
N LEU A 146 -0.39 16.01 -35.74
CA LEU A 146 -1.77 16.42 -35.57
C LEU A 146 -1.86 17.91 -35.25
N ALA A 147 -0.94 18.39 -34.40
CA ALA A 147 -0.86 19.83 -34.17
C ALA A 147 -0.34 20.57 -35.40
N LYS A 148 0.42 19.90 -36.26
CA LYS A 148 0.98 20.55 -37.45
C LYS A 148 -0.02 20.66 -38.60
N GLU A 149 -0.45 19.52 -39.17
CA GLU A 149 -1.36 19.56 -40.30
C GLU A 149 -2.77 20.00 -39.92
N SER A 150 -3.38 19.33 -38.95
CA SER A 150 -4.77 19.61 -38.61
C SER A 150 -4.88 21.00 -38.01
N GLY A 151 -5.79 21.81 -38.53
CA GLY A 151 -5.89 23.20 -38.16
C GLY A 151 -6.63 23.43 -36.85
N ALA A 152 -7.00 22.36 -36.17
CA ALA A 152 -7.68 22.47 -34.88
C ALA A 152 -6.77 23.11 -33.86
N ASN A 153 -7.37 23.94 -33.01
CA ASN A 153 -6.61 24.69 -32.00
C ASN A 153 -6.15 23.70 -30.94
N PHE A 154 -4.90 23.26 -31.08
CA PHE A 154 -4.43 22.08 -30.38
C PHE A 154 -4.08 22.41 -28.94
N ILE A 155 -4.68 21.68 -28.00
CA ILE A 155 -4.37 21.89 -26.58
C ILE A 155 -3.64 20.67 -26.05
N SER A 156 -2.34 20.81 -25.82
CA SER A 156 -1.56 19.77 -25.14
C SER A 156 -1.32 20.24 -23.72
N ILE A 157 -1.95 19.57 -22.77
CA ILE A 157 -1.86 19.91 -21.36
C ILE A 157 -1.30 18.71 -20.61
N ARG A 158 -0.70 18.99 -19.46
CA ARG A 158 -0.11 17.96 -18.62
C ARG A 158 -0.70 18.03 -17.21
N MET A 159 -0.22 17.20 -16.32
CA MET A 159 -0.78 17.17 -14.98
C MET A 159 -0.41 18.40 -14.14
N SER A 160 0.73 19.01 -14.44
CA SER A 160 1.14 20.18 -13.67
C SER A 160 0.17 21.35 -13.83
N SER A 161 -0.49 21.44 -14.99
CA SER A 161 -1.42 22.53 -15.23
C SER A 161 -2.85 22.19 -14.83
N ILE A 162 -3.13 20.94 -14.48
CA ILE A 162 -4.48 20.54 -14.10
C ILE A 162 -4.57 20.46 -12.57
N MET A 163 -3.79 19.58 -11.97
CA MET A 163 -3.90 19.34 -10.54
C MET A 163 -3.27 20.49 -9.75
N ASP A 164 -4.05 21.06 -8.85
CA ASP A 164 -3.64 22.20 -8.04
C ASP A 164 -3.73 21.85 -6.57
N LYS A 165 -3.05 22.66 -5.77
CA LYS A 165 -3.01 22.44 -4.33
C LYS A 165 -4.36 22.72 -3.69
N TRP A 166 -4.97 23.84 -4.07
CA TRP A 166 -6.21 24.25 -3.42
C TRP A 166 -7.42 23.40 -3.70
N TYR A 167 -8.41 23.49 -2.81
CA TYR A 167 -9.60 22.69 -2.95
C TYR A 167 -10.50 23.13 -4.08
N GLY A 168 -10.80 22.22 -4.99
CA GLY A 168 -11.74 22.52 -6.05
C GLY A 168 -11.21 23.38 -7.17
N GLU A 169 -9.94 23.76 -7.12
CA GLU A 169 -9.40 24.51 -8.24
C GLU A 169 -9.19 23.64 -9.45
N SER A 170 -8.83 22.38 -9.26
CA SER A 170 -8.50 21.52 -10.39
C SER A 170 -9.73 21.13 -11.20
N ASN A 171 -10.88 20.95 -10.52
CA ASN A 171 -12.14 20.74 -11.23
C ASN A 171 -12.50 21.96 -12.07
N LYS A 172 -12.29 23.16 -11.52
CA LYS A 172 -12.54 24.39 -12.28
C LYS A 172 -11.58 24.50 -13.45
N ILE A 173 -10.35 24.04 -13.29
CA ILE A 173 -9.39 24.01 -14.38
C ILE A 173 -9.86 23.10 -15.51
N VAL A 174 -10.40 21.92 -15.15
CA VAL A 174 -10.95 21.01 -16.17
C VAL A 174 -12.15 21.65 -16.87
N ASP A 175 -13.07 22.23 -16.10
CA ASP A 175 -14.24 22.86 -16.70
C ASP A 175 -13.85 24.01 -17.61
N ALA A 176 -12.85 24.78 -17.21
CA ALA A 176 -12.35 25.88 -18.05
C ALA A 176 -11.67 25.33 -19.30
N MET A 177 -10.96 24.21 -19.18
CA MET A 177 -10.34 23.57 -20.34
C MET A 177 -11.39 23.22 -21.38
N PHE A 178 -12.44 22.55 -20.97
CA PHE A 178 -13.44 22.13 -21.93
C PHE A 178 -14.24 23.32 -22.44
N SER A 179 -14.54 24.29 -21.58
CA SER A 179 -15.24 25.47 -22.04
C SER A 179 -14.43 26.22 -23.09
N LEU A 180 -13.10 26.33 -22.86
CA LEU A 180 -12.21 26.91 -23.86
C LEU A 180 -12.22 26.12 -25.16
N ALA A 181 -12.22 24.79 -25.05
CA ALA A 181 -12.29 23.96 -26.25
C ALA A 181 -13.60 24.20 -27.00
N ASN A 182 -14.70 24.37 -26.27
CA ASN A 182 -15.97 24.71 -26.90
C ASN A 182 -15.91 26.09 -27.56
N LYS A 183 -15.19 27.04 -26.94
CA LYS A 183 -15.03 28.36 -27.54
C LYS A 183 -14.19 28.29 -28.81
N LEU A 184 -13.04 27.60 -28.74
CA LEU A 184 -12.20 27.35 -29.90
C LEU A 184 -12.76 26.12 -30.61
N GLN A 185 -13.82 26.35 -31.38
CA GLN A 185 -14.73 25.28 -31.81
C GLN A 185 -14.05 24.11 -32.51
N PRO A 186 -13.14 24.28 -33.50
CA PRO A 186 -12.32 23.14 -33.92
C PRO A 186 -11.14 22.98 -32.98
N CYS A 187 -11.17 21.97 -32.13
CA CYS A 187 -10.17 21.83 -31.08
C CYS A 187 -9.77 20.37 -30.92
N ILE A 188 -8.54 20.19 -30.44
CA ILE A 188 -8.05 18.89 -30.01
C ILE A 188 -7.41 19.07 -28.65
N ILE A 189 -7.93 18.40 -27.64
CA ILE A 189 -7.36 18.44 -26.30
C ILE A 189 -6.49 17.21 -26.13
N PHE A 190 -5.21 17.43 -25.86
CA PHE A 190 -4.24 16.34 -25.76
C PHE A 190 -3.77 16.19 -24.33
N ILE A 191 -3.87 14.98 -23.82
CA ILE A 191 -3.36 14.69 -22.51
C ILE A 191 -2.30 13.66 -22.85
N ASP A 192 -1.03 14.06 -22.86
CA ASP A 192 0.06 13.13 -23.11
C ASP A 192 0.25 12.21 -21.92
N GLN A 193 0.55 10.94 -22.22
CA GLN A 193 0.68 9.88 -21.22
C GLN A 193 -0.59 9.79 -20.39
N ILE A 194 -1.68 9.47 -21.08
CA ILE A 194 -3.03 9.66 -20.55
C ILE A 194 -3.44 8.54 -19.60
N ASP A 195 -2.68 7.45 -19.54
CA ASP A 195 -3.04 6.33 -18.67
C ASP A 195 -3.05 6.73 -17.20
N SER A 196 -2.08 7.55 -16.78
CA SER A 196 -2.00 7.98 -15.39
C SER A 196 -3.20 8.80 -14.99
N PHE A 197 -3.68 9.61 -15.93
CA PHE A 197 -4.84 10.46 -15.68
C PHE A 197 -6.12 9.64 -15.69
N LEU A 198 -6.19 8.64 -16.57
CA LEU A 198 -7.38 7.81 -16.64
C LEU A 198 -7.20 6.45 -16.00
N ARG A 199 -6.54 6.39 -14.84
CA ARG A 199 -6.27 5.09 -14.23
C ARG A 199 -7.49 4.40 -13.65
N GLU A 200 -7.40 3.09 -13.44
CA GLU A 200 -8.49 2.30 -12.88
C GLU A 200 -9.03 2.96 -11.61
N ARG A 201 -10.27 3.44 -11.67
CA ARG A 201 -10.86 4.13 -10.53
C ARG A 201 -11.04 3.17 -9.36
N SER A 202 -10.77 3.68 -8.15
CA SER A 202 -10.91 2.87 -6.95
C SER A 202 -11.35 3.76 -5.81
N SER A 203 -11.65 3.17 -4.68
CA SER A 203 -12.01 3.95 -3.51
C SER A 203 -10.75 4.34 -2.77
N THR A 204 -9.65 3.68 -3.10
CA THR A 204 -8.39 4.02 -2.47
C THR A 204 -7.84 5.30 -3.08
N ASP A 205 -8.58 5.90 -4.00
CA ASP A 205 -8.06 7.09 -4.67
C ASP A 205 -8.27 8.35 -3.88
N HIS A 206 -7.48 9.38 -4.19
CA HIS A 206 -7.59 10.67 -3.50
C HIS A 206 -8.92 11.31 -3.83
N GLU A 207 -9.50 12.04 -2.89
CA GLU A 207 -10.80 12.67 -3.10
C GLU A 207 -10.79 13.66 -4.27
N VAL A 208 -9.77 14.50 -4.38
CA VAL A 208 -9.67 15.42 -5.51
C VAL A 208 -9.48 14.65 -6.80
N THR A 209 -8.55 13.72 -6.84
CA THR A 209 -8.31 12.91 -8.02
C THR A 209 -9.61 12.29 -8.54
N ALA A 210 -10.44 11.77 -7.63
CA ALA A 210 -11.67 11.08 -8.05
C ALA A 210 -12.68 12.05 -8.64
N THR A 211 -12.89 13.18 -7.97
CA THR A 211 -13.81 14.18 -8.50
C THR A 211 -13.25 14.81 -9.75
N LEU A 212 -11.94 14.90 -9.87
CA LEU A 212 -11.33 15.39 -11.10
C LEU A 212 -11.60 14.44 -12.27
N LYS A 213 -11.48 13.13 -12.02
CA LYS A 213 -11.80 12.14 -13.03
C LYS A 213 -13.26 12.22 -13.42
N ALA A 214 -14.15 12.40 -12.44
CA ALA A 214 -15.58 12.50 -12.72
C ALA A 214 -15.90 13.77 -13.51
N GLU A 215 -15.29 14.90 -13.14
CA GLU A 215 -15.42 16.11 -13.93
C GLU A 215 -14.97 15.90 -15.37
N PHE A 216 -13.84 15.23 -15.55
CA PHE A 216 -13.32 15.04 -16.89
C PHE A 216 -14.28 14.21 -17.72
N MET A 217 -14.67 13.06 -17.18
CA MET A 217 -15.61 12.20 -17.88
C MET A 217 -16.91 12.91 -18.19
N THR A 218 -17.43 13.70 -17.23
CA THR A 218 -18.68 14.41 -17.46
C THR A 218 -18.54 15.42 -18.58
N LEU A 219 -17.39 16.08 -18.66
CA LEU A 219 -17.24 17.04 -19.76
C LEU A 219 -16.99 16.32 -21.08
N TRP A 220 -16.56 15.07 -21.02
CA TRP A 220 -16.34 14.28 -22.23
C TRP A 220 -17.64 13.77 -22.84
N ASP A 221 -18.54 13.20 -22.05
CA ASP A 221 -19.77 12.61 -22.56
C ASP A 221 -20.92 12.83 -21.59
N GLY A 222 -21.11 14.07 -21.16
CA GLY A 222 -22.22 14.46 -20.32
C GLY A 222 -23.38 15.00 -21.12
N LEU A 223 -24.21 15.79 -20.44
CA LEU A 223 -25.42 16.31 -21.08
C LEU A 223 -25.10 17.47 -22.01
N LEU A 224 -24.35 18.46 -21.50
CA LEU A 224 -23.86 19.55 -22.35
C LEU A 224 -22.72 18.99 -23.19
N ASN A 225 -23.10 18.37 -24.31
CA ASN A 225 -22.12 17.72 -25.17
C ASN A 225 -21.19 18.75 -25.82
N ASN A 226 -19.94 18.35 -25.98
CA ASN A 226 -18.95 19.26 -26.56
C ASN A 226 -19.26 19.52 -28.02
N GLY A 227 -19.11 20.77 -28.43
CA GLY A 227 -19.35 21.13 -29.82
C GLY A 227 -18.09 20.98 -30.65
N ARG A 228 -17.99 19.87 -31.39
CA ARG A 228 -16.85 19.57 -32.25
C ARG A 228 -15.53 19.58 -31.48
N VAL A 229 -15.51 18.95 -30.31
CA VAL A 229 -14.31 18.92 -29.50
C VAL A 229 -13.86 17.48 -29.38
N MET A 230 -12.60 17.23 -29.72
CA MET A 230 -12.04 15.91 -29.77
C MET A 230 -11.01 15.77 -28.66
N ILE A 231 -10.97 14.59 -28.04
CA ILE A 231 -10.02 14.40 -26.94
C ILE A 231 -9.02 13.36 -27.38
N ILE A 232 -7.89 13.79 -27.91
CA ILE A 232 -6.89 12.88 -28.43
C ILE A 232 -5.91 12.59 -27.31
N GLY A 233 -5.66 11.32 -27.06
CA GLY A 233 -4.77 10.91 -25.99
C GLY A 233 -3.78 9.88 -26.47
N ALA A 234 -2.57 9.97 -25.93
CA ALA A 234 -1.52 9.00 -26.21
C ALA A 234 -1.23 8.22 -24.94
N THR A 235 -1.07 6.91 -25.08
CA THR A 235 -0.76 6.10 -23.92
C THR A 235 0.09 4.90 -24.32
N ASN A 236 0.83 4.37 -23.35
CA ASN A 236 1.67 3.22 -23.61
C ASN A 236 0.98 1.97 -23.10
N ARG A 237 0.29 2.07 -21.97
CA ARG A 237 -0.42 0.92 -21.42
C ARG A 237 -1.92 1.21 -21.47
N ILE A 238 -2.61 0.59 -22.44
CA ILE A 238 -4.05 0.75 -22.56
C ILE A 238 -4.80 0.09 -21.42
N ASN A 239 -4.20 -0.93 -20.79
CA ASN A 239 -4.91 -1.72 -19.79
C ASN A 239 -5.17 -0.92 -18.51
N ASP A 240 -4.26 0.00 -18.18
CA ASP A 240 -4.43 0.81 -16.98
C ASP A 240 -5.56 1.83 -17.10
N ILE A 241 -6.08 2.06 -18.30
CA ILE A 241 -7.16 3.01 -18.49
C ILE A 241 -8.46 2.40 -17.98
N ASP A 242 -9.25 3.21 -17.28
CA ASP A 242 -10.54 2.77 -16.78
C ASP A 242 -11.50 2.48 -17.93
N ASP A 243 -12.44 1.57 -17.69
CA ASP A 243 -13.33 1.10 -18.76
C ASP A 243 -14.25 2.21 -19.24
N ALA A 244 -14.74 3.06 -18.34
CA ALA A 244 -15.58 4.16 -18.77
C ALA A 244 -14.78 5.18 -19.59
N PHE A 245 -13.55 5.47 -19.14
CA PHE A 245 -12.69 6.39 -19.84
C PHE A 245 -12.36 5.86 -21.23
N LEU A 246 -12.11 4.57 -21.32
CA LEU A 246 -11.83 3.94 -22.61
C LEU A 246 -13.08 3.90 -23.45
N ARG A 247 -14.25 3.83 -22.81
CA ARG A 247 -15.48 3.67 -23.57
C ARG A 247 -15.78 4.92 -24.37
N ARG A 248 -15.46 6.07 -23.78
CA ARG A 248 -15.64 7.37 -24.46
C ARG A 248 -14.43 7.74 -25.28
N LEU A 249 -13.47 6.82 -25.42
CA LEU A 249 -12.32 7.04 -26.29
C LEU A 249 -12.51 6.02 -27.40
N PRO A 250 -13.53 6.19 -28.30
CA PRO A 250 -13.81 5.04 -29.15
C PRO A 250 -12.89 4.86 -30.36
N LYS A 251 -12.15 5.89 -30.75
CA LYS A 251 -11.25 5.81 -31.89
C LYS A 251 -9.83 5.51 -31.40
N ARG A 252 -9.50 4.23 -31.33
CA ARG A 252 -8.20 3.83 -30.80
C ARG A 252 -7.34 3.17 -31.87
N PHE A 253 -6.10 3.62 -31.96
CA PHE A 253 -5.14 3.18 -32.97
C PHE A 253 -4.01 2.40 -32.31
N LEU A 254 -3.74 1.21 -32.84
CA LEU A 254 -2.61 0.41 -32.38
C LEU A 254 -1.35 0.85 -33.13
N VAL A 255 -0.56 1.71 -32.51
CA VAL A 255 0.73 2.11 -33.08
C VAL A 255 1.74 1.09 -32.58
N SER A 256 1.81 -0.03 -33.29
CA SER A 256 2.53 -1.20 -32.81
C SER A 256 4.01 -1.13 -33.18
N LEU A 257 4.75 -2.17 -32.80
CA LEU A 257 6.15 -2.26 -33.15
C LEU A 257 6.31 -2.38 -34.67
N PRO A 258 7.30 -1.71 -35.25
CA PRO A 258 7.40 -1.67 -36.71
C PRO A 258 7.85 -3.00 -37.29
N GLY A 259 7.22 -3.40 -38.39
CA GLY A 259 7.62 -4.56 -39.14
C GLY A 259 8.70 -4.21 -40.14
N SER A 260 9.01 -5.19 -41.01
CA SER A 260 10.11 -5.04 -41.96
C SER A 260 9.88 -3.85 -42.90
N ASP A 261 8.67 -3.74 -43.46
CA ASP A 261 8.32 -2.58 -44.26
C ASP A 261 8.37 -1.30 -43.43
N GLN A 262 7.84 -1.35 -42.20
CA GLN A 262 7.78 -0.17 -41.37
C GLN A 262 9.18 0.26 -40.92
N ARG A 263 10.02 -0.70 -40.54
CA ARG A 263 11.42 -0.40 -40.19
C ARG A 263 12.19 0.15 -41.40
N TYR A 264 11.87 -0.33 -42.59
CA TYR A 264 12.51 0.22 -43.79
C TYR A 264 12.11 1.67 -43.94
N LYS A 265 10.81 1.95 -43.89
CA LYS A 265 10.35 3.33 -44.09
C LYS A 265 10.85 4.25 -42.99
N ILE A 266 10.95 3.76 -41.75
CA ILE A 266 11.47 4.58 -40.66
C ILE A 266 12.95 4.87 -40.86
N LEU A 267 13.74 3.88 -41.24
CA LEU A 267 15.16 4.11 -41.38
C LEU A 267 15.35 5.15 -42.46
N SER A 268 14.61 5.01 -43.55
CA SER A 268 14.73 5.96 -44.65
C SER A 268 14.30 7.37 -44.24
N VAL A 269 13.20 7.45 -43.48
CA VAL A 269 12.72 8.76 -43.03
C VAL A 269 13.74 9.42 -42.11
N LEU A 270 14.39 8.64 -41.25
CA LEU A 270 15.34 9.23 -40.30
C LEU A 270 16.61 9.71 -40.99
N LEU A 271 17.04 9.03 -42.05
CA LEU A 271 18.34 9.28 -42.65
C LEU A 271 18.34 10.38 -43.72
N LYS A 272 17.25 11.10 -43.82
CA LYS A 272 17.23 12.23 -44.74
C LYS A 272 18.14 13.32 -44.21
N ASP A 273 18.54 14.24 -45.07
CA ASP A 273 19.41 15.37 -44.72
C ASP A 273 20.78 14.89 -44.21
N THR A 274 21.08 13.62 -44.38
CA THR A 274 22.40 13.03 -44.14
C THR A 274 22.84 12.36 -45.43
N LYS A 275 24.14 12.36 -45.69
CA LYS A 275 24.65 11.88 -46.97
C LYS A 275 25.05 10.43 -46.87
N LEU A 276 24.44 9.58 -47.70
CA LEU A 276 24.57 8.14 -47.65
C LEU A 276 25.60 7.68 -48.68
N ASP A 277 25.70 6.37 -48.87
CA ASP A 277 26.67 5.78 -49.79
C ASP A 277 25.93 5.13 -50.95
N GLU A 278 26.60 4.97 -52.09
CA GLU A 278 25.94 4.41 -53.26
C GLU A 278 25.94 2.90 -53.25
N ASP A 279 27.12 2.29 -53.22
CA ASP A 279 27.17 0.84 -53.32
C ASP A 279 27.46 0.11 -52.02
N GLU A 280 28.38 0.62 -51.22
CA GLU A 280 28.75 -0.10 -50.01
C GLU A 280 27.68 -0.02 -48.92
N PHE A 281 26.50 0.50 -49.22
CA PHE A 281 25.44 0.66 -48.23
C PHE A 281 24.18 -0.05 -48.72
N ASP A 282 23.71 -1.03 -47.96
CA ASP A 282 22.45 -1.72 -48.24
C ASP A 282 21.57 -1.60 -47.02
N LEU A 283 20.52 -0.79 -47.11
CA LEU A 283 19.71 -0.47 -45.94
C LEU A 283 18.67 -1.54 -45.65
N GLN A 284 18.34 -2.35 -46.65
CA GLN A 284 17.27 -3.34 -46.47
C GLN A 284 17.56 -4.35 -45.40
N LEU A 285 18.78 -4.90 -45.46
CA LEU A 285 19.22 -5.86 -44.47
C LEU A 285 19.22 -5.21 -43.10
N ILE A 286 19.73 -3.99 -43.02
CA ILE A 286 19.75 -3.27 -41.75
C ILE A 286 18.34 -3.18 -41.18
N ALA A 287 17.38 -2.77 -42.01
CA ALA A 287 16.00 -2.67 -41.57
C ALA A 287 15.51 -3.98 -40.96
N ASP A 288 15.61 -5.08 -41.71
CA ASP A 288 15.11 -6.33 -41.21
C ASP A 288 15.93 -6.87 -40.05
N ASN A 289 17.22 -6.57 -40.03
CA ASN A 289 18.07 -7.06 -38.97
C ASN A 289 17.64 -6.55 -37.61
N THR A 290 17.03 -5.37 -37.52
CA THR A 290 16.71 -4.87 -36.19
C THR A 290 15.47 -5.58 -35.67
N LYS A 291 15.70 -6.74 -35.07
CA LYS A 291 14.61 -7.61 -34.65
C LYS A 291 13.89 -7.01 -33.44
N GLY A 292 12.71 -6.43 -33.67
CA GLY A 292 11.89 -5.91 -32.60
C GLY A 292 12.26 -4.54 -32.09
N PHE A 293 13.17 -3.87 -32.79
CA PHE A 293 13.56 -2.51 -32.42
C PHE A 293 12.43 -1.54 -32.65
N SER A 294 12.18 -0.65 -31.69
CA SER A 294 11.20 0.39 -31.89
C SER A 294 11.78 1.52 -32.75
N GLY A 295 10.96 2.52 -33.02
CA GLY A 295 11.40 3.63 -33.86
C GLY A 295 12.52 4.44 -33.24
N SER A 296 12.44 4.68 -31.93
CA SER A 296 13.48 5.47 -31.26
C SER A 296 14.74 4.66 -31.06
N ASP A 297 14.62 3.34 -31.02
CA ASP A 297 15.80 2.49 -30.91
C ASP A 297 16.53 2.59 -32.22
N LEU A 298 15.78 2.81 -33.29
CA LEU A 298 16.42 2.99 -34.59
C LEU A 298 17.05 4.37 -34.59
N LYS A 299 16.35 5.37 -34.08
CA LYS A 299 16.88 6.73 -34.00
C LYS A 299 18.23 6.76 -33.30
N GLU A 300 18.32 6.11 -32.14
CA GLU A 300 19.58 6.11 -31.39
C GLU A 300 20.68 5.37 -32.15
N LEU A 301 20.34 4.24 -32.76
CA LEU A 301 21.32 3.49 -33.54
C LEU A 301 21.84 4.37 -34.66
N CYS A 302 20.93 5.04 -35.35
CA CYS A 302 21.31 5.90 -36.47
C CYS A 302 22.19 7.04 -36.01
N ARG A 303 21.92 7.57 -34.81
CA ARG A 303 22.73 8.66 -34.27
C ARG A 303 24.14 8.18 -33.92
N GLU A 304 24.23 7.01 -33.33
CA GLU A 304 25.52 6.45 -32.96
C GLU A 304 26.34 6.20 -34.20
N ALA A 305 25.74 5.57 -35.20
CA ALA A 305 26.44 5.33 -36.46
C ALA A 305 26.81 6.61 -37.19
N ALA A 306 25.98 7.66 -37.10
CA ALA A 306 26.35 8.94 -37.69
C ALA A 306 27.58 9.52 -37.02
N LEU A 307 27.69 9.35 -35.71
CA LEU A 307 28.88 9.83 -34.99
C LEU A 307 30.08 8.93 -35.28
N ASP A 308 29.84 7.64 -35.50
CA ASP A 308 30.93 6.72 -35.80
C ASP A 308 31.42 6.89 -37.24
N ALA A 309 30.57 7.46 -38.11
CA ALA A 309 31.00 7.75 -39.47
C ALA A 309 31.63 9.12 -39.57
N ALA A 310 31.17 10.07 -38.76
CA ALA A 310 31.72 11.41 -38.74
C ALA A 310 32.92 11.54 -37.80
N LYS A 311 33.44 10.41 -37.33
CA LYS A 311 34.58 10.42 -36.41
C LYS A 311 35.73 11.29 -36.91
N GLU A 312 36.00 11.26 -38.21
CA GLU A 312 37.04 12.12 -38.76
C GLU A 312 36.62 13.60 -38.70
N TYR A 313 35.36 13.90 -38.94
CA TYR A 313 34.96 15.29 -38.95
C TYR A 313 35.05 15.79 -37.52
N ILE A 314 34.64 14.94 -36.58
CA ILE A 314 34.73 15.30 -35.17
C ILE A 314 36.14 15.72 -34.88
N LYS A 315 37.08 14.84 -35.17
CA LYS A 315 38.50 15.12 -34.93
C LYS A 315 38.90 16.43 -35.57
N GLN A 316 38.72 16.53 -36.88
CA GLN A 316 39.14 17.73 -37.60
C GLN A 316 38.54 18.99 -37.02
N LYS A 317 37.23 19.05 -36.88
CA LYS A 317 36.58 20.26 -36.39
C LYS A 317 37.04 20.64 -34.98
N ARG A 318 37.26 19.64 -34.14
CA ARG A 318 37.74 19.91 -32.79
C ARG A 318 39.12 20.55 -32.82
N GLN A 319 40.04 19.97 -33.58
CA GLN A 319 41.37 20.56 -33.71
C GLN A 319 41.28 21.84 -34.51
N LYS A 335 33.29 16.24 -46.14
CA LYS A 335 32.98 16.63 -44.78
C LYS A 335 32.70 15.42 -43.90
N ILE A 336 31.76 14.57 -44.35
CA ILE A 336 31.27 13.43 -43.59
C ILE A 336 31.45 12.19 -44.45
N ARG A 337 31.76 11.07 -43.78
CA ARG A 337 31.88 9.81 -44.47
C ARG A 337 30.48 9.30 -44.93
N PRO A 338 30.32 8.88 -46.23
CA PRO A 338 29.01 8.30 -46.64
C PRO A 338 28.59 7.21 -45.68
N LEU A 339 27.38 7.34 -45.14
CA LEU A 339 26.88 6.43 -44.11
C LEU A 339 26.64 5.08 -44.74
N LYS A 340 27.62 4.18 -44.64
CA LYS A 340 27.52 2.86 -45.24
C LYS A 340 27.36 1.80 -44.15
N THR A 341 27.29 0.55 -44.60
CA THR A 341 26.85 -0.58 -43.79
C THR A 341 27.77 -0.88 -42.61
N LYS A 342 29.02 -0.39 -42.63
CA LYS A 342 30.00 -0.76 -41.60
C LYS A 342 29.54 -0.33 -40.22
N ASP A 343 29.07 0.91 -40.07
CA ASP A 343 28.72 1.44 -38.76
C ASP A 343 27.52 0.72 -38.16
N PHE A 344 26.46 0.58 -38.95
CA PHE A 344 25.29 -0.13 -38.47
C PHE A 344 25.64 -1.59 -38.16
N THR A 345 26.36 -2.25 -39.06
CA THR A 345 26.66 -3.67 -38.86
C THR A 345 27.50 -3.86 -37.60
N LYS A 346 28.54 -3.06 -37.42
CA LYS A 346 29.40 -3.31 -36.26
C LYS A 346 28.66 -3.06 -34.97
N LYS A 347 27.59 -2.25 -35.02
CA LYS A 347 26.87 -1.90 -33.79
C LYS A 347 25.80 -2.91 -33.48
N LEU A 348 24.74 -2.95 -34.29
CA LEU A 348 23.67 -3.89 -34.07
C LEU A 348 24.19 -5.30 -34.33
N ARG A 349 23.99 -6.20 -33.38
CA ARG A 349 24.55 -7.54 -33.47
C ARG A 349 23.49 -8.49 -34.03
N MET A 350 23.10 -8.18 -35.26
CA MET A 350 22.10 -8.88 -36.04
C MET A 350 20.78 -9.09 -35.29
N SER B 51 -27.64 -1.55 6.91
CA SER B 51 -28.77 -0.84 7.50
C SER B 51 -29.95 -1.76 7.76
N LEU B 52 -30.23 -2.68 6.82
CA LEU B 52 -31.34 -3.62 6.98
C LEU B 52 -31.07 -4.56 8.15
N GLN B 53 -29.88 -5.14 8.21
CA GLN B 53 -29.55 -6.07 9.27
C GLN B 53 -29.53 -5.36 10.61
N TRP B 54 -29.03 -4.12 10.62
CA TRP B 54 -29.04 -3.34 11.84
C TRP B 54 -30.45 -3.04 12.35
N GLU B 55 -31.32 -2.51 11.50
CA GLU B 55 -32.65 -2.17 11.95
C GLU B 55 -33.41 -3.41 12.42
N LYS B 56 -33.20 -4.54 11.74
CA LYS B 56 -33.84 -5.78 12.15
C LYS B 56 -33.29 -6.26 13.50
N LEU B 57 -31.99 -6.07 13.73
CA LEU B 57 -31.41 -6.45 15.00
C LEU B 57 -31.92 -5.59 16.15
N VAL B 58 -32.14 -4.30 15.91
CA VAL B 58 -32.67 -3.46 16.97
C VAL B 58 -34.18 -3.58 17.16
N LYS B 59 -34.92 -4.08 16.16
CA LYS B 59 -36.34 -4.29 16.37
C LYS B 59 -36.64 -5.63 17.02
N ARG B 60 -35.79 -6.64 16.88
CA ARG B 60 -36.01 -7.92 17.57
C ARG B 60 -35.57 -7.78 19.02
N SER B 61 -34.43 -7.18 19.23
CA SER B 61 -33.87 -6.94 20.57
C SER B 61 -33.73 -5.46 20.81
N PRO B 62 -34.65 -4.82 21.53
CA PRO B 62 -34.61 -3.35 21.67
C PRO B 62 -33.46 -2.83 22.52
N ALA B 63 -32.80 -3.67 23.30
CA ALA B 63 -31.79 -3.19 24.23
C ALA B 63 -30.50 -2.71 23.56
N LEU B 64 -30.35 -2.93 22.25
CA LEU B 64 -29.11 -2.60 21.56
C LEU B 64 -29.19 -1.28 20.79
N ALA B 65 -30.16 -0.42 21.09
CA ALA B 65 -30.30 0.83 20.36
C ALA B 65 -29.20 1.82 20.70
N GLU B 66 -28.76 1.83 21.97
CA GLU B 66 -27.77 2.79 22.42
C GLU B 66 -26.36 2.48 21.93
N VAL B 67 -26.17 1.30 21.33
CA VAL B 67 -24.85 0.84 20.88
C VAL B 67 -24.35 1.58 19.64
N THR B 68 -23.08 1.98 19.63
CA THR B 68 -22.49 2.65 18.47
C THR B 68 -21.46 1.70 17.86
N LEU B 69 -21.26 1.78 16.55
CA LEU B 69 -20.35 0.84 15.87
C LEU B 69 -19.21 1.49 15.11
N ASP B 70 -18.15 0.72 14.84
CA ASP B 70 -17.01 1.23 14.08
C ASP B 70 -17.21 0.76 12.64
N ALA B 71 -16.51 1.33 11.67
CA ALA B 71 -16.76 0.96 10.28
C ALA B 71 -16.56 -0.53 10.06
N TYR B 72 -15.48 -1.09 10.59
CA TYR B 72 -15.23 -2.52 10.42
C TYR B 72 -16.29 -3.36 11.10
N GLU B 73 -16.78 -2.90 12.26
CA GLU B 73 -17.89 -3.57 12.93
C GLU B 73 -19.14 -3.56 12.05
N ARG B 74 -19.35 -2.48 11.29
CA ARG B 74 -20.50 -2.46 10.39
C ARG B 74 -20.29 -3.40 9.21
N THR B 75 -19.06 -3.50 8.69
CA THR B 75 -18.82 -4.49 7.64
C THR B 75 -19.04 -5.91 8.15
N ILE B 76 -18.77 -6.15 9.43
CA ILE B 76 -19.10 -7.46 10.01
C ILE B 76 -20.62 -7.61 10.16
N LEU B 77 -21.29 -6.52 10.55
CA LEU B 77 -22.75 -6.50 10.65
C LEU B 77 -23.41 -6.83 9.32
N SER B 78 -22.72 -6.54 8.21
CA SER B 78 -23.23 -6.88 6.88
C SER B 78 -23.37 -8.39 6.68
N SER B 79 -22.76 -9.22 7.53
CA SER B 79 -22.80 -10.66 7.36
C SER B 79 -23.47 -11.36 8.55
N ILE B 80 -24.62 -10.85 8.97
CA ILE B 80 -25.36 -11.40 10.09
C ILE B 80 -26.63 -12.06 9.57
N VAL B 81 -26.87 -13.30 9.99
CA VAL B 81 -28.01 -14.08 9.51
C VAL B 81 -29.06 -14.11 10.63
N THR B 82 -30.24 -13.67 10.20
CA THR B 82 -31.35 -13.66 11.09
C THR B 82 -32.19 -14.96 10.85
N PRO B 83 -33.11 -15.35 11.78
CA PRO B 83 -33.84 -16.61 11.54
C PRO B 83 -34.82 -16.57 10.38
N ASP B 84 -35.34 -15.40 10.01
CA ASP B 84 -36.42 -15.34 9.04
C ASP B 84 -35.99 -15.66 7.61
N GLU B 85 -34.68 -15.64 7.32
CA GLU B 85 -34.19 -15.96 5.99
C GLU B 85 -33.70 -17.39 5.86
N ILE B 86 -33.97 -18.24 6.86
CA ILE B 86 -33.53 -19.62 6.86
C ILE B 86 -34.75 -20.52 6.99
N ASN B 87 -34.82 -21.54 6.14
CA ASN B 87 -35.99 -22.40 6.02
C ASN B 87 -35.88 -23.71 6.77
N ILE B 88 -34.78 -23.96 7.48
CA ILE B 88 -34.53 -25.25 8.12
C ILE B 88 -34.72 -25.13 9.63
N THR B 89 -35.49 -26.06 10.20
CA THR B 89 -35.73 -26.13 11.64
C THR B 89 -35.26 -27.49 12.17
N PHE B 90 -35.46 -27.70 13.46
CA PHE B 90 -35.16 -28.99 14.08
C PHE B 90 -36.14 -30.08 13.70
N GLN B 91 -37.33 -29.73 13.22
CA GLN B 91 -38.21 -30.72 12.60
C GLN B 91 -37.87 -30.93 11.14
N ASP B 92 -36.94 -30.15 10.59
CA ASP B 92 -36.41 -30.37 9.26
C ASP B 92 -35.13 -31.18 9.26
N ILE B 93 -34.60 -31.50 10.44
CA ILE B 93 -33.39 -32.30 10.57
C ILE B 93 -33.80 -33.67 11.11
N GLY B 94 -33.48 -34.71 10.37
CA GLY B 94 -33.85 -36.07 10.75
C GLY B 94 -32.64 -36.92 11.04
N GLY B 95 -32.85 -37.98 11.82
CA GLY B 95 -31.79 -38.93 12.10
C GLY B 95 -30.69 -38.42 13.00
N LEU B 96 -30.94 -37.34 13.75
CA LEU B 96 -29.91 -36.80 14.63
C LEU B 96 -30.49 -36.39 15.98
N ASP B 97 -31.61 -36.98 16.39
CA ASP B 97 -32.30 -36.56 17.61
C ASP B 97 -31.46 -36.61 18.88
N PRO B 98 -30.67 -37.65 19.19
CA PRO B 98 -29.76 -37.52 20.34
C PRO B 98 -28.75 -36.40 20.18
N LEU B 99 -28.27 -36.18 18.95
CA LEU B 99 -27.34 -35.08 18.73
C LEU B 99 -28.04 -33.73 18.85
N ILE B 100 -29.30 -33.63 18.41
CA ILE B 100 -30.06 -32.40 18.60
C ILE B 100 -30.26 -32.12 20.08
N SER B 101 -30.59 -33.16 20.86
CA SER B 101 -30.80 -32.97 22.30
C SER B 101 -29.51 -32.57 23.00
N ASP B 102 -28.39 -33.22 22.65
CA ASP B 102 -27.09 -32.83 23.21
C ASP B 102 -26.74 -31.40 22.81
N LEU B 103 -27.00 -31.05 21.55
CA LEU B 103 -26.75 -29.70 21.06
C LEU B 103 -27.51 -28.69 21.89
N HIS B 104 -28.80 -28.94 22.13
CA HIS B 104 -29.60 -28.12 23.03
C HIS B 104 -28.94 -27.99 24.38
N GLU B 105 -28.85 -29.10 25.10
CA GLU B 105 -28.51 -29.12 26.51
C GLU B 105 -27.10 -28.62 26.79
N SER B 106 -26.20 -28.65 25.82
CA SER B 106 -24.84 -28.19 26.07
C SER B 106 -24.40 -27.02 25.20
N VAL B 107 -25.27 -26.50 24.33
CA VAL B 107 -24.89 -25.41 23.45
C VAL B 107 -25.89 -24.26 23.55
N ILE B 108 -27.18 -24.53 23.34
CA ILE B 108 -28.13 -23.42 23.23
C ILE B 108 -28.54 -22.93 24.60
N TYR B 109 -29.12 -23.80 25.41
CA TYR B 109 -29.57 -23.35 26.72
C TYR B 109 -28.37 -22.77 27.56
N PRO B 110 -27.21 -23.50 27.68
CA PRO B 110 -26.12 -22.83 28.41
C PRO B 110 -25.75 -21.47 27.87
N LEU B 111 -26.09 -21.15 26.62
CA LEU B 111 -25.83 -19.83 26.07
C LEU B 111 -27.05 -18.93 26.14
N MET B 112 -28.21 -19.45 25.74
CA MET B 112 -29.38 -18.59 25.58
C MET B 112 -30.02 -18.21 26.92
N MET B 113 -29.99 -19.09 27.91
CA MET B 113 -30.63 -18.84 29.21
C MET B 113 -29.61 -18.99 30.33
N PRO B 114 -28.86 -17.92 30.64
CA PRO B 114 -27.80 -18.03 31.66
C PRO B 114 -28.32 -17.96 33.08
N GLU B 115 -29.37 -17.17 33.32
CA GLU B 115 -29.92 -17.04 34.67
C GLU B 115 -30.55 -18.35 35.14
N VAL B 116 -30.93 -19.22 34.20
CA VAL B 116 -31.26 -20.59 34.55
C VAL B 116 -30.04 -21.31 35.08
N TYR B 117 -28.88 -21.12 34.45
CA TYR B 117 -27.68 -21.87 34.87
C TYR B 117 -26.77 -21.12 35.83
N SER B 118 -27.22 -19.98 36.34
CA SER B 118 -26.40 -19.15 37.21
C SER B 118 -26.12 -19.80 38.57
N ASN B 119 -26.70 -20.97 38.84
CA ASN B 119 -26.50 -21.63 40.12
C ASN B 119 -25.05 -22.07 40.28
N SER B 120 -24.45 -22.64 39.23
CA SER B 120 -23.07 -23.07 39.30
C SER B 120 -22.22 -22.32 38.28
N PRO B 121 -20.97 -21.99 38.61
CA PRO B 121 -20.13 -21.24 37.66
C PRO B 121 -19.62 -22.07 36.50
N LEU B 122 -19.81 -23.39 36.53
CA LEU B 122 -19.30 -24.29 35.50
C LEU B 122 -20.47 -24.90 34.71
N LEU B 123 -21.56 -24.14 34.58
CA LEU B 123 -22.72 -24.55 33.80
C LEU B 123 -22.99 -23.63 32.62
N GLN B 124 -21.93 -22.96 32.17
CA GLN B 124 -21.98 -21.97 31.11
C GLN B 124 -21.82 -22.56 29.72
N ALA B 125 -21.70 -21.68 28.74
CA ALA B 125 -21.65 -22.07 27.33
C ALA B 125 -20.26 -22.49 26.92
N PRO B 126 -20.17 -23.36 25.90
CA PRO B 126 -18.86 -23.66 25.30
C PRO B 126 -18.25 -22.43 24.67
N SER B 127 -16.93 -22.31 24.79
CA SER B 127 -16.22 -21.23 24.14
C SER B 127 -16.40 -21.34 22.65
N GLY B 128 -16.44 -22.59 22.18
CA GLY B 128 -16.69 -22.85 20.78
C GLY B 128 -17.24 -24.23 20.54
N VAL B 129 -18.00 -24.39 19.47
CA VAL B 129 -18.64 -25.66 19.14
C VAL B 129 -18.27 -26.16 17.75
N LEU B 130 -17.61 -27.31 17.65
CA LEU B 130 -17.24 -27.83 16.35
C LEU B 130 -18.28 -28.81 15.83
N LEU B 131 -18.63 -28.69 14.56
CA LEU B 131 -19.45 -29.73 13.91
C LEU B 131 -18.59 -30.38 12.84
N TYR B 132 -18.12 -31.59 13.10
CA TYR B 132 -17.23 -32.29 12.20
C TYR B 132 -17.80 -33.67 11.86
N GLY B 133 -17.51 -34.13 10.65
CA GLY B 133 -17.96 -35.42 10.19
C GLY B 133 -17.81 -35.62 8.70
N PRO B 134 -18.25 -36.78 8.21
CA PRO B 134 -18.21 -37.04 6.78
C PRO B 134 -19.15 -36.13 6.03
N PRO B 135 -18.95 -35.93 4.72
CA PRO B 135 -19.78 -34.97 3.98
C PRO B 135 -21.25 -35.34 3.92
N GLY B 136 -22.08 -34.30 3.93
CA GLY B 136 -23.51 -34.47 3.74
C GLY B 136 -24.24 -35.19 4.85
N CYS B 137 -23.93 -34.89 6.09
CA CYS B 137 -24.58 -35.55 7.22
C CYS B 137 -25.46 -34.62 8.04
N GLY B 138 -25.48 -33.32 7.74
CA GLY B 138 -26.43 -32.41 8.35
C GLY B 138 -25.84 -31.14 8.92
N LYS B 139 -24.51 -30.99 8.95
CA LYS B 139 -23.86 -29.93 9.73
C LYS B 139 -24.29 -28.54 9.30
N THR B 140 -24.47 -28.33 7.99
CA THR B 140 -24.94 -27.03 7.51
C THR B 140 -26.36 -26.76 7.98
N MET B 141 -27.24 -27.77 7.95
CA MET B 141 -28.58 -27.56 8.50
C MET B 141 -28.55 -27.48 10.02
N LEU B 142 -27.58 -28.11 10.68
CA LEU B 142 -27.40 -27.86 12.10
C LEU B 142 -27.13 -26.38 12.35
N ALA B 143 -26.27 -25.77 11.55
CA ALA B 143 -26.02 -24.33 11.66
C ALA B 143 -27.27 -23.52 11.33
N LYS B 144 -28.00 -23.92 10.29
CA LYS B 144 -29.20 -23.20 9.88
C LYS B 144 -30.24 -23.20 11.00
N ALA B 145 -30.45 -24.35 11.62
CA ALA B 145 -31.44 -24.42 12.69
C ALA B 145 -30.91 -23.84 14.00
N LEU B 146 -29.59 -23.73 14.15
CA LEU B 146 -29.03 -22.93 15.24
C LEU B 146 -29.35 -21.47 15.05
N ALA B 147 -29.28 -20.99 13.81
CA ALA B 147 -29.73 -19.62 13.53
C ALA B 147 -31.24 -19.49 13.64
N LYS B 148 -31.97 -20.59 13.47
CA LYS B 148 -33.43 -20.54 13.53
C LYS B 148 -33.97 -20.57 14.96
N GLU B 149 -33.74 -21.67 15.67
CA GLU B 149 -34.28 -21.81 17.03
C GLU B 149 -33.57 -20.96 18.07
N SER B 150 -32.24 -21.02 18.13
CA SER B 150 -31.48 -20.28 19.13
C SER B 150 -31.54 -18.79 18.84
N GLY B 151 -31.89 -18.00 19.85
CA GLY B 151 -32.14 -16.58 19.65
C GLY B 151 -30.87 -15.75 19.62
N ALA B 152 -29.72 -16.40 19.67
CA ALA B 152 -28.44 -15.70 19.61
C ALA B 152 -28.28 -15.01 18.26
N ASN B 153 -27.70 -13.82 18.30
CA ASN B 153 -27.52 -13.00 17.10
C ASN B 153 -26.47 -13.67 16.23
N PHE B 154 -26.94 -14.43 15.25
CA PHE B 154 -26.08 -15.40 14.57
C PHE B 154 -25.22 -14.70 13.53
N ILE B 155 -23.91 -14.89 13.62
CA ILE B 155 -23.00 -14.32 12.64
C ILE B 155 -22.37 -15.44 11.81
N SER B 156 -22.81 -15.57 10.56
CA SER B 156 -22.18 -16.50 9.62
C SER B 156 -21.34 -15.66 8.66
N ILE B 157 -20.03 -15.79 8.79
CA ILE B 157 -19.08 -15.04 7.97
C ILE B 157 -18.22 -16.02 7.20
N ARG B 158 -17.67 -15.54 6.09
CA ARG B 158 -16.84 -16.34 5.21
C ARG B 158 -15.49 -15.65 5.02
N MET B 159 -14.63 -16.24 4.20
CA MET B 159 -13.28 -15.68 4.02
C MET B 159 -13.30 -14.38 3.21
N SER B 160 -14.29 -14.22 2.34
CA SER B 160 -14.33 -13.01 1.52
C SER B 160 -14.54 -11.76 2.36
N SER B 161 -15.23 -11.88 3.50
CA SER B 161 -15.46 -10.73 4.37
C SER B 161 -14.37 -10.54 5.42
N ILE B 162 -13.46 -11.49 5.56
CA ILE B 162 -12.40 -11.37 6.55
C ILE B 162 -11.12 -10.91 5.88
N MET B 163 -10.61 -11.71 4.95
CA MET B 163 -9.31 -11.42 4.36
C MET B 163 -9.43 -10.28 3.35
N ASP B 164 -8.60 -9.27 3.53
CA ASP B 164 -8.62 -8.07 2.71
C ASP B 164 -7.26 -7.87 2.06
N LYS B 165 -7.25 -7.04 1.03
CA LYS B 165 -6.02 -6.78 0.29
C LYS B 165 -5.04 -5.97 1.11
N TRP B 166 -5.52 -4.93 1.80
CA TRP B 166 -4.64 -3.96 2.43
C TRP B 166 -4.02 -4.53 3.70
N TYR B 167 -2.92 -3.90 4.11
CA TYR B 167 -2.19 -4.37 5.28
C TYR B 167 -2.89 -4.11 6.58
N GLY B 168 -3.09 -5.17 7.35
CA GLY B 168 -3.66 -5.01 8.68
C GLY B 168 -5.15 -4.74 8.72
N GLU B 169 -5.83 -4.68 7.58
CA GLU B 169 -7.28 -4.53 7.61
C GLU B 169 -7.95 -5.79 8.12
N SER B 170 -7.43 -6.96 7.77
CA SER B 170 -8.12 -8.21 8.11
C SER B 170 -8.06 -8.51 9.61
N ASN B 171 -6.95 -8.15 10.27
CA ASN B 171 -6.89 -8.24 11.73
C ASN B 171 -7.90 -7.31 12.38
N LYS B 172 -8.05 -6.10 11.85
CA LYS B 172 -9.06 -5.18 12.36
C LYS B 172 -10.47 -5.72 12.12
N ILE B 173 -10.67 -6.41 11.00
CA ILE B 173 -11.96 -7.04 10.72
C ILE B 173 -12.27 -8.12 11.75
N VAL B 174 -11.26 -8.93 12.11
CA VAL B 174 -11.45 -9.94 13.15
C VAL B 174 -11.76 -9.29 14.51
N ASP B 175 -10.99 -8.27 14.88
CA ASP B 175 -11.22 -7.60 16.16
C ASP B 175 -12.61 -6.95 16.19
N ALA B 176 -13.04 -6.37 15.08
CA ALA B 176 -14.38 -5.80 14.99
C ALA B 176 -15.45 -6.88 15.07
N MET B 177 -15.20 -8.04 14.46
CA MET B 177 -16.12 -9.17 14.55
C MET B 177 -16.35 -9.57 16.00
N PHE B 178 -15.29 -9.75 16.75
CA PHE B 178 -15.47 -10.20 18.12
C PHE B 178 -16.00 -9.09 18.99
N SER B 179 -15.59 -7.84 18.76
CA SER B 179 -16.16 -6.74 19.52
C SER B 179 -17.65 -6.63 19.28
N LEU B 180 -18.09 -6.80 18.03
CA LEU B 180 -19.52 -6.83 17.72
C LEU B 180 -20.22 -7.97 18.43
N ALA B 181 -19.59 -9.15 18.45
CA ALA B 181 -20.17 -10.28 19.18
C ALA B 181 -20.30 -9.97 20.66
N ASN B 182 -19.32 -9.28 21.23
CA ASN B 182 -19.42 -8.86 22.62
C ASN B 182 -20.54 -7.84 22.81
N LYS B 183 -20.75 -6.96 21.82
CA LYS B 183 -21.85 -6.00 21.90
C LYS B 183 -23.19 -6.71 21.81
N LEU B 184 -23.35 -7.60 20.83
CA LEU B 184 -24.54 -8.44 20.69
C LEU B 184 -24.36 -9.64 21.62
N GLN B 185 -24.62 -9.41 22.91
CA GLN B 185 -24.12 -10.29 23.98
C GLN B 185 -24.47 -11.76 23.82
N PRO B 186 -25.74 -12.17 23.52
CA PRO B 186 -25.94 -13.56 23.08
C PRO B 186 -25.64 -13.70 21.61
N CYS B 187 -24.53 -14.33 21.28
CA CYS B 187 -24.06 -14.37 19.90
C CYS B 187 -23.50 -15.73 19.56
N ILE B 188 -23.57 -16.07 18.27
CA ILE B 188 -22.89 -17.23 17.72
C ILE B 188 -22.16 -16.77 16.46
N ILE B 189 -20.84 -16.92 16.45
CA ILE B 189 -20.03 -16.58 15.29
C ILE B 189 -19.76 -17.86 14.52
N PHE B 190 -20.17 -17.94 13.27
CA PHE B 190 -20.06 -19.16 12.48
C PHE B 190 -19.16 -19.05 11.27
N ILE B 191 -18.04 -19.73 11.30
CA ILE B 191 -17.12 -19.80 10.17
C ILE B 191 -17.44 -21.11 9.47
N ASP B 192 -18.20 -21.05 8.38
CA ASP B 192 -18.49 -22.26 7.63
C ASP B 192 -17.23 -22.75 6.92
N GLN B 193 -17.05 -24.07 6.86
CA GLN B 193 -15.81 -24.68 6.30
C GLN B 193 -14.65 -24.14 7.08
N ILE B 194 -14.64 -24.41 8.39
CA ILE B 194 -13.65 -23.76 9.23
C ILE B 194 -12.26 -24.38 9.24
N ASP B 195 -12.06 -25.48 8.52
CA ASP B 195 -10.75 -26.14 8.52
C ASP B 195 -9.75 -25.29 7.76
N SER B 196 -10.18 -24.66 6.67
CA SER B 196 -9.27 -23.83 5.87
C SER B 196 -8.78 -22.64 6.66
N PHE B 197 -9.66 -22.10 7.49
CA PHE B 197 -9.32 -20.94 8.31
C PHE B 197 -8.43 -21.36 9.47
N LEU B 198 -8.68 -22.53 10.03
CA LEU B 198 -7.87 -22.99 11.15
C LEU B 198 -6.87 -24.07 10.75
N ARG B 199 -6.20 -23.90 9.63
CA ARG B 199 -5.25 -24.89 9.14
C ARG B 199 -4.00 -25.07 10.00
N GLU B 200 -3.34 -26.22 9.87
CA GLU B 200 -2.09 -26.45 10.58
C GLU B 200 -1.13 -25.30 10.37
N ARG B 201 -0.82 -24.57 11.44
CA ARG B 201 0.05 -23.40 11.33
C ARG B 201 1.46 -23.83 10.96
N SER B 202 2.09 -23.05 10.09
CA SER B 202 3.43 -23.36 9.62
C SER B 202 4.23 -22.08 9.46
N SER B 203 5.56 -22.23 9.47
CA SER B 203 6.44 -21.08 9.23
C SER B 203 6.41 -20.61 7.78
N THR B 204 5.81 -21.40 6.90
CA THR B 204 5.74 -21.03 5.49
C THR B 204 4.40 -20.37 5.15
N ASP B 205 3.60 -20.08 6.17
CA ASP B 205 2.32 -19.42 5.95
C ASP B 205 2.55 -17.99 5.49
N HIS B 206 1.50 -17.42 4.90
CA HIS B 206 1.52 -15.99 4.61
C HIS B 206 1.42 -15.21 5.90
N GLU B 207 2.13 -14.08 5.95
CA GLU B 207 2.20 -13.29 7.19
C GLU B 207 0.84 -12.79 7.61
N VAL B 208 0.07 -12.22 6.68
CA VAL B 208 -1.27 -11.75 7.04
C VAL B 208 -2.14 -12.91 7.50
N THR B 209 -2.00 -14.08 6.87
CA THR B 209 -2.71 -15.28 7.33
C THR B 209 -2.30 -15.67 8.74
N ALA B 210 -0.99 -15.62 9.04
CA ALA B 210 -0.51 -16.07 10.34
C ALA B 210 -0.95 -15.11 11.45
N THR B 211 -0.81 -13.82 11.23
CA THR B 211 -1.24 -12.83 12.21
C THR B 211 -2.75 -12.84 12.33
N LEU B 212 -3.45 -13.14 11.25
CA LEU B 212 -4.91 -13.27 11.31
C LEU B 212 -5.32 -14.44 12.19
N LYS B 213 -4.63 -15.58 12.03
CA LYS B 213 -4.89 -16.73 12.89
C LYS B 213 -4.60 -16.40 14.35
N ALA B 214 -3.50 -15.68 14.60
CA ALA B 214 -3.15 -15.32 15.97
C ALA B 214 -4.17 -14.34 16.57
N GLU B 215 -4.61 -13.36 15.78
CA GLU B 215 -5.70 -12.48 16.20
C GLU B 215 -6.95 -13.27 16.56
N PHE B 216 -7.30 -14.23 15.70
CA PHE B 216 -8.52 -15.01 15.93
C PHE B 216 -8.41 -15.76 17.24
N MET B 217 -7.35 -16.53 17.37
CA MET B 217 -7.14 -17.30 18.60
C MET B 217 -7.12 -16.41 19.84
N THR B 218 -6.46 -15.25 19.75
CA THR B 218 -6.39 -14.36 20.90
C THR B 218 -7.77 -13.84 21.27
N LEU B 219 -8.62 -13.58 20.28
CA LEU B 219 -9.95 -13.12 20.63
C LEU B 219 -10.82 -14.27 21.13
N TRP B 220 -10.46 -15.49 20.79
CA TRP B 220 -11.18 -16.67 21.26
C TRP B 220 -10.89 -17.02 22.73
N ASP B 221 -9.62 -17.00 23.15
CA ASP B 221 -9.25 -17.38 24.51
C ASP B 221 -8.07 -16.58 25.01
N GLY B 222 -8.16 -15.26 24.86
CA GLY B 222 -7.17 -14.34 25.39
C GLY B 222 -7.53 -13.81 26.76
N LEU B 223 -6.96 -12.67 27.11
CA LEU B 223 -7.17 -12.11 28.45
C LEU B 223 -8.58 -11.60 28.65
N LEU B 224 -8.97 -10.62 27.86
CA LEU B 224 -10.32 -10.10 27.95
C LEU B 224 -11.26 -11.21 27.48
N ASN B 225 -12.14 -11.68 28.35
CA ASN B 225 -12.99 -12.80 28.01
C ASN B 225 -14.18 -12.43 27.15
N ASN B 226 -14.49 -13.28 26.17
CA ASN B 226 -15.63 -13.05 25.32
C ASN B 226 -16.89 -13.20 26.15
N GLY B 227 -17.63 -12.12 26.35
CA GLY B 227 -18.79 -12.20 27.22
C GLY B 227 -19.85 -12.97 26.49
N ARG B 228 -20.15 -14.18 26.98
CA ARG B 228 -21.16 -15.07 26.40
C ARG B 228 -21.13 -15.15 24.87
N VAL B 229 -19.94 -15.33 24.31
CA VAL B 229 -19.79 -15.39 22.86
C VAL B 229 -19.30 -16.79 22.50
N MET B 230 -20.01 -17.45 21.60
CA MET B 230 -19.73 -18.82 21.22
C MET B 230 -19.23 -18.84 19.80
N ILE B 231 -18.26 -19.71 19.52
CA ILE B 231 -17.72 -19.77 18.17
C ILE B 231 -18.06 -21.12 17.59
N ILE B 232 -19.16 -21.19 16.85
CA ILE B 232 -19.63 -22.44 16.31
C ILE B 232 -19.03 -22.59 14.92
N GLY B 233 -18.41 -23.74 14.66
CA GLY B 233 -17.77 -23.97 13.38
C GLY B 233 -18.16 -25.33 12.83
N ALA B 234 -18.28 -25.38 11.51
CA ALA B 234 -18.55 -26.62 10.80
C ALA B 234 -17.34 -26.98 9.97
N THR B 235 -16.98 -28.27 9.98
CA THR B 235 -15.85 -28.70 9.19
C THR B 235 -16.04 -30.13 8.74
N ASN B 236 -15.35 -30.48 7.65
CA ASN B 236 -15.44 -31.84 7.13
C ASN B 236 -14.21 -32.62 7.51
N ARG B 237 -13.05 -31.97 7.56
CA ARG B 237 -11.83 -32.64 7.98
C ARG B 237 -11.34 -32.01 9.28
N ILE B 238 -11.56 -32.72 10.39
CA ILE B 238 -11.11 -32.23 11.69
C ILE B 238 -9.59 -32.26 11.81
N ASN B 239 -8.91 -33.13 11.04
CA ASN B 239 -7.49 -33.32 11.20
C ASN B 239 -6.69 -32.12 10.74
N ASP B 240 -7.19 -31.41 9.73
CA ASP B 240 -6.51 -30.22 9.23
C ASP B 240 -6.54 -29.05 10.19
N ILE B 241 -7.37 -29.10 11.22
CA ILE B 241 -7.45 -28.02 12.19
C ILE B 241 -6.23 -28.07 13.10
N ASP B 242 -5.65 -26.90 13.38
CA ASP B 242 -4.51 -26.80 14.27
C ASP B 242 -4.91 -27.20 15.69
N ASP B 243 -3.92 -27.70 16.45
CA ASP B 243 -4.20 -28.24 17.78
C ASP B 243 -4.65 -27.16 18.75
N ALA B 244 -4.07 -25.96 18.67
CA ALA B 244 -4.51 -24.88 19.54
C ALA B 244 -5.93 -24.45 19.18
N PHE B 245 -6.22 -24.33 17.90
CA PHE B 245 -7.55 -23.96 17.46
C PHE B 245 -8.55 -24.99 17.97
N LEU B 246 -8.24 -26.27 17.79
CA LEU B 246 -9.13 -27.32 18.23
C LEU B 246 -9.24 -27.30 19.74
N ARG B 247 -8.18 -26.88 20.43
CA ARG B 247 -8.18 -26.95 21.88
C ARG B 247 -9.22 -26.01 22.46
N ARG B 248 -9.34 -24.81 21.87
CA ARG B 248 -10.29 -23.79 22.35
C ARG B 248 -11.65 -23.90 21.70
N LEU B 249 -11.84 -24.96 20.91
CA LEU B 249 -13.10 -25.26 20.21
C LEU B 249 -13.63 -26.61 20.71
N PRO B 250 -13.80 -26.79 22.04
CA PRO B 250 -13.83 -28.17 22.53
C PRO B 250 -15.16 -28.90 22.41
N LYS B 251 -16.28 -28.19 22.34
CA LYS B 251 -17.56 -28.88 22.25
C LYS B 251 -17.65 -29.35 20.80
N ARG B 252 -17.21 -30.58 20.56
CA ARG B 252 -17.17 -31.10 19.20
C ARG B 252 -18.12 -32.28 19.04
N PHE B 253 -18.97 -32.19 18.01
CA PHE B 253 -19.98 -33.22 17.75
C PHE B 253 -19.65 -33.97 16.49
N LEU B 254 -19.58 -35.29 16.58
CA LEU B 254 -19.35 -36.07 15.37
C LEU B 254 -20.69 -36.27 14.67
N VAL B 255 -20.91 -35.54 13.59
CA VAL B 255 -22.12 -35.75 12.81
C VAL B 255 -21.64 -36.80 11.85
N SER B 256 -21.92 -38.08 12.17
CA SER B 256 -21.41 -39.18 11.36
C SER B 256 -22.30 -39.64 10.23
N LEU B 257 -21.89 -40.73 9.58
CA LEU B 257 -22.68 -41.28 8.48
C LEU B 257 -23.92 -41.92 9.07
N PRO B 258 -25.09 -41.62 8.49
CA PRO B 258 -26.33 -42.14 9.05
C PRO B 258 -26.42 -43.66 8.99
N GLY B 259 -26.89 -44.29 10.06
CA GLY B 259 -27.06 -45.73 10.06
C GLY B 259 -28.48 -46.04 9.63
N SER B 260 -28.84 -47.32 9.51
CA SER B 260 -30.17 -47.68 9.01
C SER B 260 -31.31 -46.90 9.65
N ASP B 261 -31.33 -46.85 10.99
CA ASP B 261 -32.39 -46.13 11.70
C ASP B 261 -32.36 -44.64 11.38
N GLN B 262 -31.17 -44.05 11.37
CA GLN B 262 -31.06 -42.64 11.07
C GLN B 262 -31.45 -42.36 9.63
N ARG B 263 -31.07 -43.25 8.71
CA ARG B 263 -31.42 -43.07 7.31
C ARG B 263 -32.93 -43.14 7.17
N TYR B 264 -33.58 -43.98 7.97
CA TYR B 264 -35.04 -44.07 7.94
C TYR B 264 -35.62 -42.72 8.30
N LYS B 265 -35.13 -42.13 9.38
CA LYS B 265 -35.64 -40.84 9.81
C LYS B 265 -35.36 -39.76 8.78
N ILE B 266 -34.19 -39.78 8.16
CA ILE B 266 -33.88 -38.81 7.10
C ILE B 266 -34.81 -39.00 5.90
N LEU B 267 -35.03 -40.24 5.51
CA LEU B 267 -35.88 -40.49 4.35
C LEU B 267 -37.25 -39.94 4.65
N SER B 268 -37.76 -40.24 5.84
CA SER B 268 -39.07 -39.74 6.21
C SER B 268 -39.12 -38.21 6.26
N VAL B 269 -38.09 -37.59 6.84
CA VAL B 269 -38.06 -36.14 6.94
C VAL B 269 -38.04 -35.49 5.56
N LEU B 270 -37.31 -36.08 4.62
CA LEU B 270 -37.21 -35.49 3.29
C LEU B 270 -38.51 -35.60 2.50
N LEU B 271 -39.26 -36.68 2.71
CA LEU B 271 -40.41 -37.00 1.87
C LEU B 271 -41.71 -36.36 2.32
N LYS B 272 -41.62 -35.44 3.27
CA LYS B 272 -42.81 -34.71 3.69
C LYS B 272 -43.25 -33.79 2.55
N ASP B 273 -44.50 -33.34 2.58
CA ASP B 273 -45.05 -32.44 1.58
C ASP B 273 -45.05 -33.06 0.19
N THR B 274 -44.78 -34.35 0.09
CA THR B 274 -44.92 -35.14 -1.13
C THR B 274 -45.86 -36.30 -0.81
N LYS B 275 -46.62 -36.72 -1.82
CA LYS B 275 -47.67 -37.71 -1.58
C LYS B 275 -47.15 -39.11 -1.90
N LEU B 276 -47.20 -39.98 -0.89
CA LEU B 276 -46.61 -41.31 -0.94
C LEU B 276 -47.70 -42.33 -1.28
N ASP B 277 -47.34 -43.61 -1.19
CA ASP B 277 -48.26 -44.69 -1.52
C ASP B 277 -48.59 -45.49 -0.27
N GLU B 278 -49.72 -46.18 -0.27
CA GLU B 278 -50.15 -46.92 0.93
C GLU B 278 -49.52 -48.28 1.03
N ASP B 279 -49.73 -49.13 0.04
CA ASP B 279 -49.24 -50.50 0.12
C ASP B 279 -48.01 -50.79 -0.72
N GLU B 280 -47.98 -50.30 -1.96
CA GLU B 280 -46.88 -50.65 -2.84
C GLU B 280 -45.58 -49.94 -2.47
N PHE B 281 -45.52 -49.26 -1.34
CA PHE B 281 -44.34 -48.51 -0.91
C PHE B 281 -43.90 -48.99 0.45
N ASP B 282 -42.67 -49.50 0.55
CA ASP B 282 -42.07 -49.89 1.82
C ASP B 282 -40.75 -49.15 1.95
N LEU B 283 -40.71 -48.18 2.87
CA LEU B 283 -39.56 -47.28 2.95
C LEU B 283 -38.43 -47.89 3.77
N GLN B 284 -38.76 -48.86 4.62
CA GLN B 284 -37.75 -49.42 5.52
C GLN B 284 -36.59 -50.07 4.79
N LEU B 285 -36.91 -51.00 3.89
CA LEU B 285 -35.89 -51.67 3.13
C LEU B 285 -35.09 -50.63 2.38
N ILE B 286 -35.76 -49.63 1.84
CA ILE B 286 -35.07 -48.63 1.03
C ILE B 286 -34.04 -47.91 1.89
N ALA B 287 -34.44 -47.49 3.08
CA ALA B 287 -33.53 -46.82 3.99
C ALA B 287 -32.26 -47.62 4.24
N ASP B 288 -32.40 -48.88 4.64
CA ASP B 288 -31.22 -49.69 4.93
C ASP B 288 -30.46 -50.08 3.66
N ASN B 289 -31.15 -50.18 2.54
CA ASN B 289 -30.49 -50.53 1.29
C ASN B 289 -29.53 -49.45 0.84
N THR B 290 -29.62 -48.24 1.37
CA THR B 290 -28.63 -47.24 0.95
C THR B 290 -27.38 -47.41 1.80
N LYS B 291 -26.52 -48.31 1.38
CA LYS B 291 -25.35 -48.67 2.17
C LYS B 291 -24.31 -47.55 2.14
N GLY B 292 -24.24 -46.80 3.24
CA GLY B 292 -23.24 -45.76 3.38
C GLY B 292 -23.57 -44.44 2.71
N PHE B 293 -24.75 -44.29 2.13
CA PHE B 293 -25.13 -43.01 1.54
C PHE B 293 -25.35 -41.96 2.60
N SER B 294 -24.84 -40.76 2.33
CA SER B 294 -25.01 -39.62 3.22
C SER B 294 -26.42 -39.04 3.08
N GLY B 295 -26.70 -38.01 3.86
CA GLY B 295 -28.02 -37.39 3.82
C GLY B 295 -28.34 -36.74 2.49
N SER B 296 -27.37 -36.06 1.89
CA SER B 296 -27.62 -35.40 0.61
C SER B 296 -27.65 -36.40 -0.53
N ASP B 297 -27.02 -37.55 -0.35
CA ASP B 297 -27.10 -38.58 -1.37
C ASP B 297 -28.53 -39.08 -1.37
N LEU B 298 -29.12 -39.12 -0.19
CA LEU B 298 -30.52 -39.53 -0.09
C LEU B 298 -31.37 -38.44 -0.72
N LYS B 299 -31.06 -37.18 -0.44
CA LYS B 299 -31.80 -36.06 -1.03
C LYS B 299 -31.82 -36.14 -2.55
N GLU B 300 -30.67 -36.38 -3.18
CA GLU B 300 -30.61 -36.46 -4.63
C GLU B 300 -31.39 -37.66 -5.16
N LEU B 301 -31.25 -38.82 -4.53
CA LEU B 301 -32.01 -39.98 -4.98
C LEU B 301 -33.51 -39.76 -4.82
N CYS B 302 -33.92 -39.09 -3.75
CA CYS B 302 -35.33 -38.78 -3.57
C CYS B 302 -35.83 -37.81 -4.63
N ARG B 303 -35.01 -36.81 -5.00
CA ARG B 303 -35.39 -35.92 -6.10
C ARG B 303 -35.55 -36.67 -7.40
N GLU B 304 -34.56 -37.49 -7.74
CA GLU B 304 -34.58 -38.20 -9.02
C GLU B 304 -35.77 -39.13 -9.11
N ALA B 305 -36.10 -39.81 -8.02
CA ALA B 305 -37.31 -40.62 -7.97
C ALA B 305 -38.59 -39.80 -8.01
N ALA B 306 -38.60 -38.61 -7.41
CA ALA B 306 -39.76 -37.73 -7.51
C ALA B 306 -40.00 -37.31 -8.95
N LEU B 307 -38.93 -36.99 -9.68
CA LEU B 307 -39.05 -36.70 -11.11
C LEU B 307 -39.53 -37.92 -11.87
N ASP B 308 -38.97 -39.10 -11.54
CA ASP B 308 -39.30 -40.31 -12.26
C ASP B 308 -40.74 -40.76 -11.98
N ALA B 309 -41.30 -40.32 -10.85
CA ALA B 309 -42.69 -40.62 -10.56
C ALA B 309 -43.63 -39.57 -11.13
N ALA B 310 -43.17 -38.32 -11.21
CA ALA B 310 -43.95 -37.24 -11.78
C ALA B 310 -43.78 -37.13 -13.29
N LYS B 311 -43.15 -38.12 -13.90
CA LYS B 311 -42.92 -38.10 -15.35
C LYS B 311 -44.17 -37.78 -16.15
N GLU B 312 -45.32 -38.31 -15.72
CA GLU B 312 -46.57 -37.98 -16.40
C GLU B 312 -46.95 -36.53 -16.17
N TYR B 313 -46.60 -35.97 -15.01
CA TYR B 313 -46.84 -34.54 -14.77
C TYR B 313 -46.00 -33.67 -15.70
N ILE B 314 -44.73 -34.05 -15.92
CA ILE B 314 -43.92 -33.36 -16.92
C ILE B 314 -44.57 -33.45 -18.29
N LYS B 315 -45.01 -34.64 -18.68
CA LYS B 315 -45.60 -34.81 -20.01
C LYS B 315 -46.89 -34.02 -20.15
N GLN B 316 -47.72 -33.99 -19.09
CA GLN B 316 -48.98 -33.28 -19.13
C GLN B 316 -48.77 -31.78 -19.25
N LYS B 317 -47.86 -31.21 -18.44
CA LYS B 317 -47.62 -29.78 -18.58
C LYS B 317 -46.77 -29.43 -19.79
N ARG B 318 -46.15 -30.41 -20.44
CA ARG B 318 -45.58 -30.18 -21.76
C ARG B 318 -46.67 -30.13 -22.84
N GLN B 319 -47.76 -30.88 -22.66
CA GLN B 319 -48.86 -30.86 -23.61
C GLN B 319 -50.01 -29.96 -23.20
N ARG B 337 -47.65 -39.02 -9.09
CA ARG B 337 -47.84 -40.44 -8.82
C ARG B 337 -47.47 -40.79 -7.36
N PRO B 338 -48.27 -41.66 -6.65
CA PRO B 338 -47.79 -41.97 -5.30
C PRO B 338 -46.39 -42.54 -5.34
N LEU B 339 -45.50 -41.93 -4.57
CA LEU B 339 -44.08 -42.28 -4.60
C LEU B 339 -43.92 -43.66 -3.98
N LYS B 340 -43.88 -44.69 -4.82
CA LYS B 340 -43.76 -46.06 -4.35
C LYS B 340 -42.38 -46.62 -4.69
N THR B 341 -42.19 -47.89 -4.32
CA THR B 341 -40.88 -48.52 -4.28
C THR B 341 -40.21 -48.64 -5.65
N LYS B 342 -40.98 -48.53 -6.74
CA LYS B 342 -40.42 -48.77 -8.08
C LYS B 342 -39.29 -47.81 -8.41
N ASP B 343 -39.50 -46.51 -8.15
CA ASP B 343 -38.51 -45.50 -8.54
C ASP B 343 -37.21 -45.64 -7.76
N PHE B 344 -37.31 -45.72 -6.43
CA PHE B 344 -36.14 -45.96 -5.59
C PHE B 344 -35.45 -47.26 -5.95
N THR B 345 -36.20 -48.34 -6.11
CA THR B 345 -35.59 -49.64 -6.39
C THR B 345 -34.86 -49.63 -7.73
N LYS B 346 -35.48 -49.09 -8.77
CA LYS B 346 -34.84 -49.16 -10.08
C LYS B 346 -33.59 -48.30 -10.10
N LYS B 347 -33.51 -47.33 -9.20
CA LYS B 347 -32.38 -46.40 -9.19
C LYS B 347 -31.24 -46.95 -8.38
N LEU B 348 -31.39 -46.97 -7.07
CA LEU B 348 -30.35 -47.47 -6.19
C LEU B 348 -30.21 -48.97 -6.41
N ARG B 349 -28.99 -49.42 -6.66
CA ARG B 349 -28.73 -50.81 -7.01
C ARG B 349 -28.33 -51.58 -5.76
N ARG C 44 -16.78 5.92 18.15
CA ARG C 44 -15.91 6.73 19.00
C ARG C 44 -15.69 6.07 20.36
N GLU C 45 -15.91 4.75 20.41
CA GLU C 45 -15.64 4.01 21.64
C GLU C 45 -14.17 3.96 21.98
N SER C 46 -13.29 4.17 20.99
CA SER C 46 -11.86 4.22 21.27
C SER C 46 -11.50 5.41 22.16
N LYS C 47 -12.11 6.58 21.91
CA LYS C 47 -11.84 7.74 22.74
C LYS C 47 -12.37 7.54 24.16
N ALA C 48 -13.56 6.95 24.28
CA ALA C 48 -14.11 6.65 25.60
C ALA C 48 -13.23 5.66 26.35
N LYS C 49 -12.73 4.64 25.65
CA LYS C 49 -11.84 3.68 26.30
C LYS C 49 -10.52 4.32 26.68
N GLN C 50 -9.99 5.21 25.85
CA GLN C 50 -8.76 5.91 26.18
C GLN C 50 -8.98 6.72 27.46
N SER C 51 -10.04 7.52 27.49
CA SER C 51 -10.30 8.38 28.63
C SER C 51 -10.54 7.56 29.90
N LEU C 52 -11.30 6.46 29.78
CA LEU C 52 -11.58 5.61 30.93
C LEU C 52 -10.30 4.97 31.47
N GLN C 53 -9.50 4.39 30.56
CA GLN C 53 -8.28 3.72 30.97
C GLN C 53 -7.30 4.74 31.56
N TRP C 54 -7.23 5.93 30.97
CA TRP C 54 -6.36 6.96 31.53
C TRP C 54 -6.80 7.39 32.93
N GLU C 55 -8.07 7.75 33.10
CA GLU C 55 -8.48 8.22 34.42
C GLU C 55 -8.27 7.15 35.47
N LYS C 56 -8.51 5.87 35.11
CA LYS C 56 -8.27 4.79 36.05
C LYS C 56 -6.79 4.63 36.35
N LEU C 57 -5.94 4.85 35.35
CA LEU C 57 -4.50 4.75 35.57
C LEU C 57 -4.01 5.87 36.48
N VAL C 58 -4.55 7.06 36.35
CA VAL C 58 -4.13 8.14 37.22
C VAL C 58 -4.76 8.10 38.62
N LYS C 59 -5.89 7.41 38.79
CA LYS C 59 -6.44 7.29 40.13
C LYS C 59 -5.81 6.14 40.92
N ARG C 60 -5.29 5.11 40.27
CA ARG C 60 -4.61 4.03 40.99
C ARG C 60 -3.22 4.51 41.36
N SER C 61 -2.51 5.11 40.41
CA SER C 61 -1.17 5.63 40.61
C SER C 61 -1.17 7.14 40.39
N PRO C 62 -1.19 7.95 41.46
CA PRO C 62 -1.34 9.41 41.28
C PRO C 62 -0.12 10.10 40.68
N ALA C 63 1.04 9.44 40.64
CA ALA C 63 2.27 10.11 40.21
C ALA C 63 2.32 10.39 38.71
N LEU C 64 1.37 9.86 37.93
CA LEU C 64 1.40 9.99 36.48
C LEU C 64 0.47 11.09 35.95
N ALA C 65 0.05 12.02 36.81
CA ALA C 65 -0.87 13.06 36.36
C ALA C 65 -0.18 14.08 35.47
N GLU C 66 1.09 14.38 35.76
CA GLU C 66 1.81 15.40 35.01
C GLU C 66 2.24 14.94 33.62
N VAL C 67 2.09 13.66 33.31
CA VAL C 67 2.55 13.13 32.03
C VAL C 67 1.44 13.25 31.01
N THR C 68 1.78 13.75 29.82
CA THR C 68 0.89 13.82 28.68
C THR C 68 1.36 12.85 27.59
N LEU C 69 0.51 12.62 26.60
CA LEU C 69 0.80 11.65 25.56
C LEU C 69 0.55 12.23 24.17
N ASP C 70 1.28 11.66 23.20
CA ASP C 70 1.01 11.86 21.79
C ASP C 70 -0.19 11.01 21.39
N ALA C 71 -0.68 11.21 20.16
CA ALA C 71 -1.88 10.52 19.71
C ALA C 71 -1.69 9.02 19.64
N TYR C 72 -0.55 8.56 19.09
CA TYR C 72 -0.30 7.13 18.99
C TYR C 72 -0.14 6.50 20.37
N GLU C 73 0.47 7.24 21.31
CA GLU C 73 0.53 6.76 22.69
C GLU C 73 -0.86 6.60 23.29
N ARG C 74 -1.80 7.47 22.91
CA ARG C 74 -3.16 7.31 23.39
C ARG C 74 -3.84 6.11 22.76
N THR C 75 -3.60 5.86 21.48
CA THR C 75 -4.14 4.65 20.86
C THR C 75 -3.58 3.39 21.52
N ILE C 76 -2.34 3.44 22.00
CA ILE C 76 -1.80 2.33 22.76
C ILE C 76 -2.45 2.25 24.13
N LEU C 77 -2.69 3.42 24.76
CA LEU C 77 -3.41 3.49 26.02
C LEU C 77 -4.80 2.87 25.93
N SER C 78 -5.38 2.88 24.74
CA SER C 78 -6.69 2.24 24.53
C SER C 78 -6.65 0.72 24.76
N SER C 79 -5.47 0.11 24.81
CA SER C 79 -5.35 -1.33 24.96
C SER C 79 -4.61 -1.71 26.24
N ILE C 80 -4.97 -1.08 27.36
CA ILE C 80 -4.34 -1.35 28.66
C ILE C 80 -5.35 -2.08 29.54
N VAL C 81 -4.91 -3.18 30.14
CA VAL C 81 -5.76 -4.02 30.97
C VAL C 81 -5.40 -3.78 32.43
N THR C 82 -6.47 -3.43 33.15
CA THR C 82 -6.34 -3.18 34.55
C THR C 82 -6.74 -4.47 35.31
N PRO C 83 -6.40 -4.62 36.63
CA PRO C 83 -6.74 -5.88 37.30
C PRO C 83 -8.23 -6.09 37.52
N ASP C 84 -9.04 -5.04 37.59
CA ASP C 84 -10.44 -5.18 37.99
C ASP C 84 -11.32 -5.84 36.93
N GLU C 85 -10.86 -5.92 35.68
CA GLU C 85 -11.63 -6.55 34.61
C GLU C 85 -11.20 -7.98 34.34
N ILE C 86 -10.37 -8.56 35.21
CA ILE C 86 -9.87 -9.92 35.04
C ILE C 86 -10.25 -10.73 36.27
N ASN C 87 -10.84 -11.91 36.07
CA ASN C 87 -11.31 -12.70 37.20
C ASN C 87 -10.46 -13.91 37.54
N ILE C 88 -9.22 -13.96 37.05
CA ILE C 88 -8.32 -15.06 37.36
C ILE C 88 -7.21 -14.59 38.28
N THR C 89 -6.97 -15.33 39.36
CA THR C 89 -5.91 -15.06 40.32
C THR C 89 -4.97 -16.27 40.39
N PHE C 90 -3.98 -16.20 41.27
CA PHE C 90 -3.11 -17.35 41.44
C PHE C 90 -3.84 -18.48 42.14
N GLN C 91 -4.80 -18.16 43.02
CA GLN C 91 -5.59 -19.25 43.58
C GLN C 91 -6.58 -19.81 42.56
N ASP C 92 -6.66 -19.20 41.37
CA ASP C 92 -7.44 -19.74 40.27
C ASP C 92 -6.60 -20.55 39.31
N ILE C 93 -5.28 -20.59 39.51
CA ILE C 93 -4.37 -21.37 38.69
C ILE C 93 -3.90 -22.56 39.51
N GLY C 94 -4.14 -23.76 39.01
CA GLY C 94 -3.76 -24.97 39.71
C GLY C 94 -2.72 -25.76 38.96
N GLY C 95 -1.99 -26.60 39.70
CA GLY C 95 -1.01 -27.48 39.09
C GLY C 95 0.22 -26.79 38.56
N LEU C 96 0.51 -25.56 39.01
CA LEU C 96 1.68 -24.85 38.52
C LEU C 96 2.40 -24.12 39.65
N ASP C 97 2.25 -24.58 40.89
CA ASP C 97 2.79 -23.87 42.04
C ASP C 97 4.31 -23.63 42.01
N PRO C 98 5.18 -24.59 41.64
CA PRO C 98 6.59 -24.22 41.46
C PRO C 98 6.79 -23.19 40.36
N LEU C 99 6.00 -23.26 39.29
CA LEU C 99 6.11 -22.27 38.23
C LEU C 99 5.57 -20.92 38.68
N ILE C 100 4.52 -20.90 39.51
CA ILE C 100 4.04 -19.64 40.07
C ILE C 100 5.10 -19.02 40.97
N SER C 101 5.75 -19.84 41.80
CA SER C 101 6.78 -19.31 42.69
C SER C 101 7.98 -18.79 41.91
N ASP C 102 8.42 -19.52 40.88
CA ASP C 102 9.50 -19.04 40.02
C ASP C 102 9.10 -17.75 39.31
N LEU C 103 7.85 -17.70 38.82
CA LEU C 103 7.34 -16.51 38.17
C LEU C 103 7.41 -15.31 39.08
N HIS C 104 6.96 -15.48 40.33
CA HIS C 104 7.11 -14.45 41.36
C HIS C 104 8.56 -14.01 41.49
N GLU C 105 9.41 -14.94 41.95
CA GLU C 105 10.75 -14.63 42.40
C GLU C 105 11.65 -14.10 41.29
N SER C 106 11.34 -14.38 40.02
CA SER C 106 12.20 -13.90 38.94
C SER C 106 11.50 -12.98 37.95
N VAL C 107 10.22 -12.66 38.16
CA VAL C 107 9.49 -11.82 37.22
C VAL C 107 8.83 -10.66 37.95
N ILE C 108 8.00 -10.94 38.95
CA ILE C 108 7.20 -9.87 39.54
C ILE C 108 8.01 -9.05 40.53
N TYR C 109 8.54 -9.70 41.56
CA TYR C 109 9.28 -8.95 42.55
C TYR C 109 10.51 -8.22 41.91
N PRO C 110 11.37 -8.92 41.08
CA PRO C 110 12.44 -8.12 40.45
C PRO C 110 11.93 -6.92 39.66
N LEU C 111 10.66 -6.91 39.26
CA LEU C 111 10.10 -5.77 38.55
C LEU C 111 9.33 -4.84 39.49
N MET C 112 8.47 -5.41 40.34
CA MET C 112 7.55 -4.60 41.12
C MET C 112 8.23 -3.89 42.29
N MET C 113 9.24 -4.52 42.91
CA MET C 113 9.91 -3.95 44.09
C MET C 113 11.41 -3.85 43.84
N PRO C 114 11.86 -2.77 43.20
CA PRO C 114 13.28 -2.64 42.86
C PRO C 114 14.16 -2.24 44.03
N GLU C 115 13.65 -1.39 44.92
CA GLU C 115 14.44 -0.93 46.06
C GLU C 115 14.73 -2.08 47.02
N VAL C 116 13.92 -3.13 46.98
CA VAL C 116 14.28 -4.38 47.65
C VAL C 116 15.51 -4.98 47.00
N TYR C 117 15.59 -4.90 45.67
CA TYR C 117 16.62 -5.57 44.88
C TYR C 117 17.75 -4.64 44.47
N SER C 118 17.83 -3.47 45.10
CA SER C 118 18.85 -2.49 44.70
C SER C 118 20.24 -2.83 45.23
N ASN C 119 20.33 -3.84 46.09
CA ASN C 119 21.62 -4.18 46.68
C ASN C 119 22.62 -4.61 45.60
N SER C 120 22.18 -5.40 44.64
CA SER C 120 23.06 -5.85 43.56
C SER C 120 22.53 -5.38 42.22
N PRO C 121 23.42 -5.02 41.29
CA PRO C 121 22.95 -4.53 39.98
C PRO C 121 22.44 -5.62 39.07
N LEU C 122 22.59 -6.88 39.43
CA LEU C 122 22.19 -8.01 38.60
C LEU C 122 21.03 -8.76 39.26
N LEU C 123 20.20 -8.03 40.01
CA LEU C 123 19.01 -8.59 40.64
C LEU C 123 17.72 -7.97 40.11
N GLN C 124 17.75 -7.35 38.94
CA GLN C 124 16.63 -6.56 38.45
C GLN C 124 15.77 -7.39 37.50
N ALA C 125 14.79 -6.73 36.91
CA ALA C 125 13.78 -7.43 36.11
C ALA C 125 14.38 -7.90 34.79
N PRO C 126 13.85 -8.99 34.22
CA PRO C 126 14.28 -9.39 32.89
C PRO C 126 13.80 -8.42 31.81
N SER C 127 14.50 -8.43 30.69
CA SER C 127 14.07 -7.65 29.54
C SER C 127 12.81 -8.21 28.90
N GLY C 128 12.55 -9.50 29.06
CA GLY C 128 11.35 -10.09 28.53
C GLY C 128 11.14 -11.48 29.08
N VAL C 129 9.87 -11.90 29.08
CA VAL C 129 9.47 -13.21 29.59
C VAL C 129 8.62 -13.90 28.55
N LEU C 130 8.92 -15.18 28.33
CA LEU C 130 8.16 -15.99 27.39
C LEU C 130 7.44 -17.11 28.08
N LEU C 131 6.18 -17.24 27.80
CA LEU C 131 5.40 -18.38 28.30
C LEU C 131 5.09 -19.29 27.12
N TYR C 132 5.81 -20.41 27.04
CA TYR C 132 5.67 -21.34 25.92
C TYR C 132 5.34 -22.73 26.42
N GLY C 133 4.59 -23.47 25.62
CA GLY C 133 4.20 -24.82 25.96
C GLY C 133 3.09 -25.37 25.08
N PRO C 134 2.68 -26.60 25.36
CA PRO C 134 1.58 -27.19 24.62
C PRO C 134 0.28 -26.46 24.90
N PRO C 135 -0.72 -26.59 24.02
CA PRO C 135 -1.96 -25.81 24.18
C PRO C 135 -2.72 -26.15 25.45
N GLY C 136 -3.37 -25.13 26.01
CA GLY C 136 -4.26 -25.30 27.13
C GLY C 136 -3.61 -25.72 28.43
N CYS C 137 -2.47 -25.14 28.78
CA CYS C 137 -1.78 -25.50 30.00
C CYS C 137 -1.75 -24.39 31.04
N GLY C 138 -2.25 -23.20 30.71
CA GLY C 138 -2.42 -22.14 31.69
C GLY C 138 -1.88 -20.79 31.30
N LYS C 139 -1.17 -20.67 30.18
CA LYS C 139 -0.37 -19.48 29.88
C LYS C 139 -1.23 -18.21 29.82
N THR C 140 -2.44 -18.31 29.26
CA THR C 140 -3.32 -17.15 29.23
C THR C 140 -3.75 -16.74 30.62
N MET C 141 -4.05 -17.72 31.49
CA MET C 141 -4.36 -17.35 32.88
C MET C 141 -3.12 -16.90 33.63
N LEU C 142 -1.94 -17.40 33.25
CA LEU C 142 -0.72 -16.82 33.79
C LEU C 142 -0.65 -15.33 33.49
N ALA C 143 -0.96 -14.95 32.24
CA ALA C 143 -1.00 -13.53 31.90
C ALA C 143 -2.10 -12.78 32.66
N LYS C 144 -3.28 -13.41 32.78
CA LYS C 144 -4.38 -12.78 33.49
C LYS C 144 -4.03 -12.49 34.94
N ALA C 145 -3.42 -13.45 35.61
CA ALA C 145 -3.05 -13.25 37.01
C ALA C 145 -1.80 -12.40 37.15
N LEU C 146 -0.98 -12.29 36.10
CA LEU C 146 0.06 -11.26 36.09
C LEU C 146 -0.55 -9.87 36.03
N ALA C 147 -1.62 -9.70 35.26
CA ALA C 147 -2.35 -8.43 35.30
C ALA C 147 -3.09 -8.23 36.61
N LYS C 148 -3.42 -9.33 37.30
CA LYS C 148 -4.17 -9.24 38.56
C LYS C 148 -3.27 -8.92 39.75
N GLU C 149 -2.35 -9.83 40.12
CA GLU C 149 -1.51 -9.59 41.30
C GLU C 149 -0.46 -8.52 41.06
N SER C 150 0.34 -8.64 40.00
CA SER C 150 1.44 -7.71 39.79
C SER C 150 0.89 -6.33 39.46
N GLY C 151 1.37 -5.32 40.17
CA GLY C 151 0.82 -3.98 40.07
C GLY C 151 1.32 -3.20 38.87
N ALA C 152 2.10 -3.85 38.02
CA ALA C 152 2.60 -3.22 36.81
C ALA C 152 1.45 -2.86 35.88
N ASN C 153 1.58 -1.71 35.23
CA ASN C 153 0.54 -1.21 34.34
C ASN C 153 0.51 -2.08 33.10
N PHE C 154 -0.40 -3.04 33.09
CA PHE C 154 -0.32 -4.16 32.16
C PHE C 154 -0.84 -3.75 30.79
N ILE C 155 -0.02 -3.94 29.76
CA ILE C 155 -0.44 -3.63 28.40
C ILE C 155 -0.58 -4.93 27.61
N SER C 156 -1.82 -5.35 27.35
CA SER C 156 -2.08 -6.47 26.46
C SER C 156 -2.56 -5.91 25.14
N ILE C 157 -1.73 -6.04 24.11
CA ILE C 157 -2.03 -5.52 22.79
C ILE C 157 -2.03 -6.67 21.80
N ARG C 158 -2.74 -6.48 20.70
CA ARG C 158 -2.85 -7.49 19.65
C ARG C 158 -2.41 -6.89 18.31
N MET C 159 -2.49 -7.68 17.26
CA MET C 159 -2.05 -7.21 15.95
C MET C 159 -2.96 -6.14 15.35
N SER C 160 -4.24 -6.15 15.70
CA SER C 160 -5.16 -5.18 15.15
C SER C 160 -4.82 -3.76 15.58
N SER C 161 -4.22 -3.59 16.76
CA SER C 161 -3.86 -2.26 17.24
C SER C 161 -2.44 -1.85 16.85
N ILE C 162 -1.65 -2.76 16.28
CA ILE C 162 -0.29 -2.43 15.89
C ILE C 162 -0.23 -2.17 14.39
N MET C 163 -0.58 -3.20 13.62
CA MET C 163 -0.54 -3.08 12.18
C MET C 163 -1.55 -2.07 11.71
N ASP C 164 -1.12 -1.19 10.82
CA ASP C 164 -2.03 -0.22 10.23
C ASP C 164 -1.86 -0.21 8.72
N LYS C 165 -2.87 0.35 8.05
CA LYS C 165 -2.86 0.41 6.59
C LYS C 165 -1.80 1.37 6.09
N TRP C 166 -1.76 2.56 6.68
CA TRP C 166 -0.86 3.60 6.19
C TRP C 166 0.62 3.34 6.36
N TYR C 167 1.40 4.05 5.57
CA TYR C 167 2.85 3.84 5.60
C TYR C 167 3.50 4.41 6.84
N GLY C 168 4.22 3.57 7.57
CA GLY C 168 4.97 4.05 8.70
C GLY C 168 4.16 4.36 9.95
N GLU C 169 2.86 4.12 9.92
CA GLU C 169 2.07 4.34 11.10
C GLU C 169 2.32 3.25 12.13
N SER C 170 2.57 2.02 11.69
CA SER C 170 2.70 0.92 12.63
C SER C 170 4.02 0.97 13.40
N ASN C 171 5.09 1.45 12.77
CA ASN C 171 6.34 1.70 13.48
C ASN C 171 6.16 2.78 14.54
N LYS C 172 5.41 3.84 14.21
CA LYS C 172 5.13 4.88 15.20
C LYS C 172 4.27 4.33 16.33
N ILE C 173 3.36 3.40 16.03
CA ILE C 173 2.56 2.75 17.06
C ILE C 173 3.45 1.94 18.00
N VAL C 174 4.43 1.22 17.46
CA VAL C 174 5.38 0.49 18.32
C VAL C 174 6.21 1.44 19.18
N ASP C 175 6.72 2.51 18.58
CA ASP C 175 7.52 3.47 19.34
C ASP C 175 6.69 4.13 20.44
N ALA C 176 5.43 4.45 20.13
CA ALA C 176 4.54 5.01 21.14
C ALA C 176 4.22 4.00 22.23
N MET C 177 4.08 2.72 21.87
CA MET C 177 3.87 1.67 22.85
C MET C 177 5.00 1.64 23.87
N PHE C 178 6.23 1.61 23.38
CA PHE C 178 7.34 1.49 24.31
C PHE C 178 7.55 2.79 25.06
N SER C 179 7.36 3.94 24.41
CA SER C 179 7.48 5.20 25.12
C SER C 179 6.45 5.29 26.23
N LEU C 180 5.21 4.83 25.98
CA LEU C 180 4.19 4.77 27.03
C LEU C 180 4.62 3.83 28.15
N ALA C 181 5.20 2.69 27.80
CA ALA C 181 5.69 1.77 28.82
C ALA C 181 6.79 2.42 29.66
N ASN C 182 7.66 3.20 29.02
CA ASN C 182 8.66 3.95 29.78
C ASN C 182 8.02 5.01 30.67
N LYS C 183 6.93 5.63 30.22
CA LYS C 183 6.22 6.61 31.04
C LYS C 183 5.56 5.92 32.23
N LEU C 184 4.84 4.83 31.97
CA LEU C 184 4.24 4.01 33.03
C LEU C 184 5.32 3.06 33.53
N GLN C 185 6.21 3.59 34.38
CA GLN C 185 7.51 2.98 34.64
C GLN C 185 7.47 1.51 35.08
N PRO C 186 6.62 1.07 36.04
CA PRO C 186 6.41 -0.37 36.20
C PRO C 186 5.38 -0.86 35.19
N CYS C 187 5.84 -1.58 34.17
CA CYS C 187 4.96 -1.94 33.07
C CYS C 187 5.24 -3.36 32.62
N ILE C 188 4.21 -3.99 32.06
CA ILE C 188 4.33 -5.27 31.37
C ILE C 188 3.61 -5.14 30.04
N ILE C 189 4.34 -5.31 28.94
CA ILE C 189 3.75 -5.26 27.61
C ILE C 189 3.51 -6.71 27.17
N PHE C 190 2.27 -7.07 26.89
CA PHE C 190 1.91 -8.44 26.55
C PHE C 190 1.37 -8.63 25.14
N ILE C 191 2.14 -9.32 24.32
CA ILE C 191 1.73 -9.67 22.97
C ILE C 191 1.22 -11.10 23.05
N ASP C 192 -0.09 -11.28 23.13
CA ASP C 192 -0.64 -12.63 23.15
C ASP C 192 -0.46 -13.30 21.80
N GLN C 193 -0.14 -14.59 21.84
CA GLN C 193 0.17 -15.40 20.66
C GLN C 193 1.31 -14.76 19.88
N ILE C 194 2.47 -14.69 20.56
CA ILE C 194 3.56 -13.81 20.13
C ILE C 194 4.39 -14.43 19.01
N ASP C 195 4.19 -15.71 18.73
CA ASP C 195 4.95 -16.37 17.67
C ASP C 195 4.73 -15.73 16.31
N SER C 196 3.49 -15.37 16.00
CA SER C 196 3.16 -14.78 14.71
C SER C 196 3.86 -13.44 14.52
N PHE C 197 3.96 -12.68 15.62
CA PHE C 197 4.61 -11.38 15.58
C PHE C 197 6.13 -11.55 15.49
N LEU C 198 6.67 -12.54 16.17
CA LEU C 198 8.11 -12.74 16.15
C LEU C 198 8.53 -13.90 15.26
N ARG C 199 7.92 -14.02 14.08
CA ARG C 199 8.22 -15.15 13.20
C ARG C 199 9.61 -15.13 12.59
N GLU C 200 10.09 -16.28 12.13
CA GLU C 200 11.40 -16.37 11.48
C GLU C 200 11.53 -15.31 10.40
N ARG C 201 12.43 -14.35 10.59
CA ARG C 201 12.59 -13.27 9.63
C ARG C 201 13.13 -13.80 8.31
N SER C 202 12.61 -13.27 7.21
CA SER C 202 13.00 -13.71 5.88
C SER C 202 13.06 -12.51 4.94
N SER C 203 13.80 -12.68 3.85
CA SER C 203 13.87 -11.65 2.82
C SER C 203 12.59 -11.54 2.02
N THR C 204 11.68 -12.50 2.19
CA THR C 204 10.41 -12.48 1.47
C THR C 204 9.29 -11.90 2.33
N ASP C 205 9.65 -11.33 3.48
CA ASP C 205 8.65 -10.73 4.35
C ASP C 205 8.11 -9.44 3.71
N HIS C 206 7.02 -8.93 4.26
CA HIS C 206 6.47 -7.66 3.78
C HIS C 206 7.34 -6.56 4.37
N GLU C 207 7.53 -5.47 3.65
CA GLU C 207 8.43 -4.43 4.12
C GLU C 207 7.97 -3.79 5.44
N VAL C 208 6.69 -3.51 5.59
CA VAL C 208 6.17 -2.93 6.82
C VAL C 208 6.30 -3.93 7.96
N THR C 209 6.08 -5.22 7.69
CA THR C 209 6.29 -6.25 8.69
C THR C 209 7.75 -6.32 9.14
N ALA C 210 8.69 -6.23 8.18
CA ALA C 210 10.10 -6.37 8.52
C ALA C 210 10.61 -5.17 9.34
N THR C 211 10.24 -3.97 8.91
CA THR C 211 10.63 -2.77 9.64
C THR C 211 9.94 -2.71 10.97
N LEU C 212 8.73 -3.24 11.04
CA LEU C 212 8.02 -3.32 12.32
C LEU C 212 8.73 -4.25 13.30
N LYS C 213 9.18 -5.40 12.80
CA LYS C 213 9.97 -6.31 13.63
C LYS C 213 11.25 -5.66 14.09
N ALA C 214 11.92 -4.92 13.20
CA ALA C 214 13.16 -4.25 13.56
C ALA C 214 12.92 -3.14 14.58
N GLU C 215 11.86 -2.36 14.40
CA GLU C 215 11.46 -1.39 15.41
C GLU C 215 11.22 -2.04 16.76
N PHE C 216 10.51 -3.16 16.78
CA PHE C 216 10.19 -3.83 18.03
C PHE C 216 11.45 -4.28 18.73
N MET C 217 12.29 -5.01 18.00
CA MET C 217 13.55 -5.47 18.57
C MET C 217 14.41 -4.31 19.06
N THR C 218 14.48 -3.22 18.29
CA THR C 218 15.29 -2.08 18.72
C THR C 218 14.75 -1.47 19.99
N LEU C 219 13.44 -1.42 20.15
CA LEU C 219 12.92 -0.87 21.39
C LEU C 219 13.08 -1.84 22.55
N TRP C 220 13.25 -3.12 22.25
CA TRP C 220 13.46 -4.12 23.28
C TRP C 220 14.88 -4.09 23.84
N ASP C 221 15.90 -4.05 22.97
CA ASP C 221 17.29 -4.12 23.44
C ASP C 221 18.18 -3.24 22.58
N GLY C 222 17.77 -1.99 22.38
CA GLY C 222 18.56 -1.00 21.69
C GLY C 222 19.39 -0.15 22.62
N LEU C 223 19.77 1.03 22.15
CA LEU C 223 20.61 1.93 22.94
C LEU C 223 19.80 2.55 24.06
N LEU C 224 18.70 3.20 23.69
CA LEU C 224 17.83 3.79 24.68
C LEU C 224 17.12 2.64 25.35
N ASN C 225 17.76 2.07 26.37
CA ASN C 225 17.21 0.91 27.05
C ASN C 225 15.96 1.26 27.83
N ASN C 226 15.01 0.33 27.87
CA ASN C 226 13.75 0.57 28.56
C ASN C 226 13.98 0.66 30.06
N GLY C 227 13.30 1.62 30.68
CA GLY C 227 13.41 1.77 32.12
C GLY C 227 12.39 0.93 32.85
N ARG C 228 12.83 -0.22 33.37
CA ARG C 228 11.99 -1.16 34.10
C ARG C 228 10.77 -1.60 33.29
N VAL C 229 10.98 -1.94 32.03
CA VAL C 229 9.88 -2.34 31.16
C VAL C 229 10.12 -3.78 30.76
N MET C 230 9.12 -4.63 30.99
CA MET C 230 9.21 -6.06 30.77
C MET C 230 8.31 -6.42 29.60
N ILE C 231 8.77 -7.35 28.76
CA ILE C 231 7.98 -7.73 27.62
C ILE C 231 7.55 -9.18 27.80
N ILE C 232 6.38 -9.39 28.35
CA ILE C 232 5.91 -10.74 28.64
C ILE C 232 5.12 -11.22 27.44
N GLY C 233 5.45 -12.41 26.95
CA GLY C 233 4.79 -12.95 25.79
C GLY C 233 4.38 -14.39 26.02
N ALA C 234 3.24 -14.75 25.46
CA ALA C 234 2.74 -16.12 25.49
C ALA C 234 2.78 -16.69 24.08
N THR C 235 3.23 -17.94 23.97
CA THR C 235 3.27 -18.57 22.66
C THR C 235 3.06 -20.07 22.80
N ASN C 236 2.60 -20.68 21.71
CA ASN C 236 2.37 -22.11 21.71
C ASN C 236 3.56 -22.78 21.03
N ARG C 237 4.05 -22.19 19.94
CA ARG C 237 5.18 -22.79 19.23
C ARG C 237 6.38 -21.88 19.41
N ILE C 238 7.32 -22.29 20.28
CA ILE C 238 8.53 -21.52 20.49
C ILE C 238 9.46 -21.56 19.27
N ASN C 239 9.34 -22.59 18.44
CA ASN C 239 10.29 -22.78 17.34
C ASN C 239 10.11 -21.72 16.26
N ASP C 240 8.88 -21.26 16.05
CA ASP C 240 8.61 -20.25 15.04
C ASP C 240 9.16 -18.88 15.40
N ILE C 241 9.58 -18.68 16.64
CA ILE C 241 10.13 -17.39 17.06
C ILE C 241 11.54 -17.24 16.51
N ASP C 242 11.86 -16.06 16.00
CA ASP C 242 13.19 -15.77 15.49
C ASP C 242 14.22 -15.82 16.62
N ASP C 243 15.47 -16.15 16.25
CA ASP C 243 16.50 -16.36 17.25
C ASP C 243 16.86 -15.08 17.98
N ALA C 244 16.88 -13.94 17.28
CA ALA C 244 17.15 -12.67 17.94
C ALA C 244 16.02 -12.30 18.89
N PHE C 245 14.79 -12.50 18.46
CA PHE C 245 13.63 -12.20 19.30
C PHE C 245 13.66 -13.07 20.54
N LEU C 246 13.97 -14.36 20.37
CA LEU C 246 14.06 -15.25 21.51
C LEU C 246 15.24 -14.88 22.38
N ARG C 247 16.28 -14.32 21.78
CA ARG C 247 17.49 -14.06 22.55
C ARG C 247 17.22 -12.98 23.58
N ARG C 248 16.43 -11.99 23.20
CA ARG C 248 16.06 -10.85 24.06
C ARG C 248 14.80 -11.10 24.84
N LEU C 249 14.38 -12.36 24.88
CA LEU C 249 13.18 -12.81 25.60
C LEU C 249 13.63 -13.90 26.61
N PRO C 250 14.58 -13.61 27.53
CA PRO C 250 15.43 -14.66 28.06
C PRO C 250 14.87 -15.46 29.22
N LYS C 251 13.83 -14.94 29.86
CA LYS C 251 13.10 -15.63 30.92
C LYS C 251 11.96 -16.43 30.32
N ARG C 252 12.22 -17.69 30.00
CA ARG C 252 11.23 -18.52 29.34
C ARG C 252 10.80 -19.69 30.23
N PHE C 253 9.49 -19.85 30.35
CA PHE C 253 8.86 -20.86 31.21
C PHE C 253 8.19 -21.92 30.37
N LEU C 254 8.49 -23.18 30.64
CA LEU C 254 7.82 -24.31 29.99
C LEU C 254 6.54 -24.62 30.75
N VAL C 255 5.42 -24.11 30.27
CA VAL C 255 4.10 -24.43 30.85
C VAL C 255 3.65 -25.69 30.12
N SER C 256 4.11 -26.84 30.61
CA SER C 256 3.97 -28.09 29.88
C SER C 256 2.64 -28.76 30.19
N LEU C 257 2.42 -29.92 29.59
CA LEU C 257 1.22 -30.70 29.85
C LEU C 257 1.20 -31.15 31.31
N PRO C 258 0.04 -31.11 31.96
CA PRO C 258 -0.01 -31.40 33.40
C PRO C 258 0.21 -32.88 33.69
N GLY C 259 1.00 -33.14 34.72
CA GLY C 259 1.19 -34.49 35.23
C GLY C 259 0.11 -34.85 36.22
N SER C 260 0.31 -36.00 36.88
CA SER C 260 -0.70 -36.54 37.79
C SER C 260 -0.98 -35.59 38.94
N ASP C 261 0.08 -35.05 39.58
CA ASP C 261 -0.10 -34.03 40.59
C ASP C 261 -0.74 -32.78 40.01
N GLN C 262 -0.30 -32.36 38.82
CA GLN C 262 -0.83 -31.13 38.23
C GLN C 262 -2.27 -31.30 37.80
N ARG C 263 -2.62 -32.45 37.20
CA ARG C 263 -4.00 -32.75 36.87
C ARG C 263 -4.90 -32.83 38.11
N TYR C 264 -4.35 -33.34 39.21
CA TYR C 264 -5.12 -33.36 40.45
C TYR C 264 -5.40 -31.94 40.89
N LYS C 265 -4.36 -31.11 40.95
CA LYS C 265 -4.55 -29.74 41.43
C LYS C 265 -5.46 -28.94 40.50
N ILE C 266 -5.39 -29.19 39.19
CA ILE C 266 -6.27 -28.50 38.25
C ILE C 266 -7.72 -28.94 38.43
N LEU C 267 -7.95 -30.23 38.57
CA LEU C 267 -9.31 -30.71 38.69
C LEU C 267 -9.91 -30.08 39.91
N SER C 268 -9.18 -30.10 41.01
CA SER C 268 -9.66 -29.50 42.25
C SER C 268 -9.92 -28.00 42.07
N VAL C 269 -8.97 -27.28 41.47
CA VAL C 269 -9.15 -25.84 41.29
C VAL C 269 -10.40 -25.54 40.47
N LEU C 270 -10.66 -26.35 39.44
CA LEU C 270 -11.82 -26.09 38.58
C LEU C 270 -13.14 -26.36 39.29
N LEU C 271 -13.17 -27.35 40.19
CA LEU C 271 -14.42 -27.83 40.76
C LEU C 271 -14.87 -27.08 42.01
N LYS C 272 -14.21 -25.95 42.30
CA LYS C 272 -14.65 -25.12 43.41
C LYS C 272 -15.98 -24.48 43.05
N ASP C 273 -16.71 -24.01 44.05
CA ASP C 273 -18.02 -23.36 43.87
C ASP C 273 -19.04 -24.29 43.23
N THR C 274 -18.72 -25.59 43.17
CA THR C 274 -19.68 -26.58 42.71
C THR C 274 -19.74 -27.55 43.88
N LYS C 275 -20.85 -28.29 44.05
CA LYS C 275 -21.03 -29.17 45.19
C LYS C 275 -20.75 -30.61 44.81
N LEU C 276 -19.79 -31.22 45.48
CA LEU C 276 -19.26 -32.54 45.16
C LEU C 276 -19.93 -33.59 46.05
N ASP C 277 -19.43 -34.82 45.98
CA ASP C 277 -19.99 -35.93 46.73
C ASP C 277 -18.99 -36.40 47.78
N GLU C 278 -19.46 -37.04 48.84
CA GLU C 278 -18.58 -37.44 49.91
C GLU C 278 -17.90 -38.77 49.65
N ASP C 279 -18.68 -39.81 49.40
CA ASP C 279 -18.07 -41.13 49.24
C ASP C 279 -18.05 -41.65 47.81
N GLU C 280 -19.16 -41.49 47.09
CA GLU C 280 -19.22 -42.05 45.75
C GLU C 280 -18.21 -41.43 44.79
N PHE C 281 -17.60 -40.33 45.19
CA PHE C 281 -16.61 -39.66 44.36
C PHE C 281 -15.14 -39.93 44.72
N ASP C 282 -14.32 -40.22 43.73
CA ASP C 282 -12.89 -40.38 43.97
C ASP C 282 -12.27 -39.59 42.85
N LEU C 283 -11.68 -38.44 43.16
CA LEU C 283 -11.15 -37.58 42.11
C LEU C 283 -9.75 -38.00 41.67
N GLN C 284 -9.04 -38.73 42.51
CA GLN C 284 -7.66 -39.08 42.21
C GLN C 284 -7.51 -39.93 40.95
N LEU C 285 -8.30 -40.99 40.87
CA LEU C 285 -8.27 -41.85 39.69
C LEU C 285 -8.62 -41.04 38.46
N ILE C 286 -9.58 -40.14 38.55
CA ILE C 286 -9.99 -39.36 37.40
C ILE C 286 -8.84 -38.46 36.95
N ALA C 287 -8.13 -37.87 37.89
CA ALA C 287 -6.98 -37.05 37.55
C ALA C 287 -5.97 -37.85 36.75
N ASP C 288 -5.63 -39.04 37.23
CA ASP C 288 -4.64 -39.84 36.53
C ASP C 288 -5.21 -40.61 35.33
N ASN C 289 -6.53 -40.64 35.21
CA ASN C 289 -7.13 -41.31 34.09
C ASN C 289 -7.06 -40.42 32.88
N THR C 290 -6.94 -39.11 33.07
CA THR C 290 -6.95 -38.28 31.86
C THR C 290 -5.58 -38.16 31.25
N LYS C 291 -5.03 -39.24 30.72
CA LYS C 291 -3.66 -39.22 30.20
C LYS C 291 -3.40 -38.19 29.13
N GLY C 292 -2.51 -37.25 29.41
CA GLY C 292 -2.13 -36.25 28.42
C GLY C 292 -3.18 -35.20 28.12
N PHE C 293 -4.17 -35.07 28.98
CA PHE C 293 -5.22 -34.09 28.75
C PHE C 293 -4.69 -32.76 29.21
N SER C 294 -4.95 -31.71 28.44
CA SER C 294 -4.53 -30.39 28.88
C SER C 294 -5.52 -29.84 29.90
N GLY C 295 -5.21 -28.63 30.39
CA GLY C 295 -6.07 -28.03 31.40
C GLY C 295 -7.46 -27.69 30.89
N SER C 296 -7.55 -27.20 29.65
CA SER C 296 -8.86 -26.85 29.11
C SER C 296 -9.64 -28.09 28.69
N ASP C 297 -8.93 -29.18 28.39
CA ASP C 297 -9.62 -30.42 28.08
C ASP C 297 -10.28 -30.89 29.36
N LEU C 298 -9.63 -30.60 30.48
CA LEU C 298 -10.23 -30.95 31.76
C LEU C 298 -11.42 -30.04 31.98
N LYS C 299 -11.25 -28.75 31.71
CA LYS C 299 -12.34 -27.79 31.86
C LYS C 299 -13.59 -28.22 31.12
N GLU C 300 -13.39 -28.94 30.03
CA GLU C 300 -14.52 -29.49 29.31
C GLU C 300 -15.12 -30.73 29.90
N LEU C 301 -14.32 -31.74 30.20
CA LEU C 301 -14.90 -32.90 30.83
C LEU C 301 -15.51 -32.50 32.15
N CYS C 302 -15.15 -31.33 32.68
CA CYS C 302 -15.82 -30.95 33.92
C CYS C 302 -17.14 -30.25 33.65
N ARG C 303 -17.19 -29.38 32.62
CA ARG C 303 -18.47 -28.76 32.25
C ARG C 303 -19.48 -29.80 31.81
N GLU C 304 -19.07 -30.71 30.91
CA GLU C 304 -20.00 -31.69 30.37
C GLU C 304 -20.55 -32.59 31.47
N ALA C 305 -19.70 -32.98 32.41
CA ALA C 305 -20.16 -33.73 33.57
C ALA C 305 -21.02 -32.91 34.52
N ALA C 306 -20.76 -31.61 34.66
CA ALA C 306 -21.64 -30.76 35.46
C ALA C 306 -23.03 -30.69 34.85
N LEU C 307 -23.11 -30.57 33.52
CA LEU C 307 -24.40 -30.63 32.85
C LEU C 307 -25.06 -31.99 33.02
N ASP C 308 -24.27 -33.05 32.92
CA ASP C 308 -24.80 -34.40 33.10
C ASP C 308 -25.47 -34.55 34.46
N ALA C 309 -24.80 -34.10 35.51
CA ALA C 309 -25.35 -34.24 36.85
C ALA C 309 -26.53 -33.34 37.08
N ALA C 310 -26.39 -32.07 36.72
CA ALA C 310 -27.47 -31.11 36.98
C ALA C 310 -28.52 -31.07 35.88
N LYS C 311 -28.70 -32.18 35.17
CA LYS C 311 -29.76 -32.27 34.16
C LYS C 311 -31.09 -32.14 34.86
N GLU C 312 -31.18 -32.74 36.03
CA GLU C 312 -32.42 -32.72 36.80
C GLU C 312 -32.75 -31.31 37.24
N TYR C 313 -31.72 -30.54 37.57
CA TYR C 313 -31.93 -29.16 37.97
C TYR C 313 -32.56 -28.38 36.81
N ILE C 314 -32.03 -28.55 35.61
CA ILE C 314 -32.61 -27.89 34.44
C ILE C 314 -34.03 -28.37 34.22
N LYS C 315 -34.26 -29.65 34.41
CA LYS C 315 -35.61 -30.21 34.25
C LYS C 315 -36.59 -29.57 35.21
N GLN C 316 -36.16 -29.32 36.44
CA GLN C 316 -37.04 -28.66 37.40
C GLN C 316 -37.37 -27.27 36.92
N LYS C 317 -36.39 -26.56 36.40
CA LYS C 317 -36.62 -25.21 35.90
C LYS C 317 -37.42 -25.21 34.62
N ARG C 318 -37.42 -26.33 33.88
CA ARG C 318 -38.23 -26.42 32.69
C ARG C 318 -39.69 -26.49 33.12
N GLN C 319 -39.96 -27.19 34.22
CA GLN C 319 -41.32 -27.22 34.75
C GLN C 319 -41.70 -25.83 35.24
N LEU C 320 -40.78 -25.16 35.93
CA LEU C 320 -41.04 -23.81 36.39
C LEU C 320 -41.18 -22.86 35.21
N ILE C 336 -28.29 -28.71 43.04
CA ILE C 336 -27.75 -29.55 41.98
C ILE C 336 -27.41 -30.95 42.51
N ARG C 337 -26.96 -31.83 41.62
CA ARG C 337 -26.59 -33.17 42.05
C ARG C 337 -25.14 -33.22 42.50
N PRO C 338 -24.84 -34.05 43.51
CA PRO C 338 -23.44 -34.21 43.93
C PRO C 338 -22.60 -34.72 42.77
N LEU C 339 -21.53 -34.03 42.41
CA LEU C 339 -20.73 -34.40 41.26
C LEU C 339 -19.87 -35.61 41.65
N LYS C 340 -20.34 -36.80 41.33
CA LYS C 340 -19.64 -38.03 41.67
C LYS C 340 -19.07 -38.68 40.41
N THR C 341 -18.43 -39.83 40.63
CA THR C 341 -17.56 -40.46 39.63
C THR C 341 -18.31 -40.91 38.38
N LYS C 342 -19.64 -41.05 38.45
CA LYS C 342 -20.39 -41.62 37.32
C LYS C 342 -20.24 -40.77 36.06
N ASP C 343 -20.38 -39.45 36.17
CA ASP C 343 -20.36 -38.59 35.00
C ASP C 343 -18.99 -38.57 34.33
N PHE C 344 -17.93 -38.32 35.11
CA PHE C 344 -16.58 -38.38 34.59
C PHE C 344 -16.25 -39.75 34.02
N THR C 345 -16.59 -40.82 34.72
CA THR C 345 -16.23 -42.15 34.24
C THR C 345 -16.94 -42.47 32.93
N LYS C 346 -18.24 -42.19 32.85
CA LYS C 346 -18.96 -42.58 31.63
C LYS C 346 -18.46 -41.78 30.44
N LYS C 347 -17.87 -40.62 30.70
CA LYS C 347 -17.42 -39.74 29.62
C LYS C 347 -16.04 -40.12 29.16
N LEU C 348 -15.04 -39.82 29.98
CA LEU C 348 -13.66 -40.13 29.63
C LEU C 348 -13.49 -41.64 29.61
N ARG C 349 -12.95 -42.16 28.51
CA ARG C 349 -12.84 -43.59 28.32
C ARG C 349 -11.45 -44.05 28.74
N MET C 350 -11.19 -43.82 30.03
CA MET C 350 -9.98 -44.25 30.75
C MET C 350 -8.66 -44.16 29.98
N SER D 43 3.22 16.94 19.16
CA SER D 43 4.00 16.24 20.17
C SER D 43 4.87 17.20 20.96
N ARG D 44 4.30 17.78 22.03
CA ARG D 44 5.04 18.75 22.84
C ARG D 44 6.28 18.14 23.47
N GLU D 45 6.24 16.84 23.78
CA GLU D 45 7.43 16.15 24.25
C GLU D 45 8.51 16.13 23.17
N SER D 46 8.12 16.06 21.90
CA SER D 46 9.11 16.12 20.82
C SER D 46 9.77 17.49 20.74
N LYS D 47 9.00 18.57 20.93
CA LYS D 47 9.61 19.90 20.95
C LYS D 47 10.53 20.08 22.15
N ALA D 48 10.11 19.57 23.32
CA ALA D 48 10.97 19.62 24.50
C ALA D 48 12.26 18.84 24.27
N LYS D 49 12.14 17.66 23.65
CA LYS D 49 13.33 16.87 23.32
C LYS D 49 14.22 17.58 22.32
N GLN D 50 13.62 18.23 21.31
CA GLN D 50 14.43 18.95 20.34
C GLN D 50 15.19 20.09 20.99
N SER D 51 14.51 20.87 21.83
CA SER D 51 15.16 22.00 22.51
C SER D 51 16.24 21.52 23.48
N LEU D 52 15.96 20.45 24.22
CA LEU D 52 16.93 19.91 25.18
C LEU D 52 18.17 19.38 24.46
N GLN D 53 17.95 18.59 23.40
CA GLN D 53 19.06 18.01 22.67
C GLN D 53 19.86 19.11 21.98
N TRP D 54 19.17 20.12 21.45
CA TRP D 54 19.88 21.24 20.84
C TRP D 54 20.73 22.00 21.84
N GLU D 55 20.14 22.42 22.96
CA GLU D 55 20.93 23.22 23.90
C GLU D 55 22.13 22.43 24.41
N LYS D 56 21.95 21.11 24.62
CA LYS D 56 23.06 20.27 25.06
C LYS D 56 24.12 20.16 23.98
N LEU D 57 23.69 20.10 22.70
CA LEU D 57 24.66 20.04 21.61
C LEU D 57 25.45 21.33 21.48
N VAL D 58 24.81 22.46 21.71
CA VAL D 58 25.54 23.72 21.62
C VAL D 58 26.38 24.04 22.86
N LYS D 59 26.07 23.44 24.01
CA LYS D 59 26.92 23.65 25.17
C LYS D 59 28.12 22.73 25.21
N ARG D 60 28.04 21.53 24.63
CA ARG D 60 29.27 20.73 24.59
C ARG D 60 30.19 21.18 23.47
N SER D 61 29.63 21.52 22.31
CA SER D 61 30.41 22.05 21.18
C SER D 61 29.92 23.45 20.85
N PRO D 62 30.64 24.49 21.28
CA PRO D 62 30.14 25.86 21.09
C PRO D 62 30.14 26.34 19.65
N ALA D 63 30.77 25.60 18.75
CA ALA D 63 30.84 26.00 17.35
C ALA D 63 29.52 25.89 16.59
N LEU D 64 28.55 25.18 17.14
CA LEU D 64 27.29 24.95 16.41
C LEU D 64 26.21 25.99 16.63
N ALA D 65 26.54 27.09 17.30
CA ALA D 65 25.52 28.08 17.62
C ALA D 65 24.99 28.85 16.41
N GLU D 66 25.86 29.26 15.50
CA GLU D 66 25.42 30.05 14.36
C GLU D 66 24.59 29.26 13.37
N VAL D 67 24.50 27.94 13.53
CA VAL D 67 23.78 27.10 12.57
C VAL D 67 22.32 26.98 12.98
N THR D 68 21.43 27.17 12.02
CA THR D 68 19.99 26.98 12.19
C THR D 68 19.55 25.77 11.39
N LEU D 69 18.31 25.33 11.65
CA LEU D 69 17.79 24.12 11.03
C LEU D 69 16.41 24.34 10.45
N ASP D 70 16.09 23.54 9.43
CA ASP D 70 14.74 23.39 8.92
C ASP D 70 13.94 22.50 9.87
N ALA D 71 12.63 22.40 9.63
CA ALA D 71 11.76 21.67 10.53
C ALA D 71 12.10 20.17 10.56
N TYR D 72 12.32 19.58 9.38
CA TYR D 72 12.66 18.16 9.33
C TYR D 72 14.00 17.89 9.99
N GLU D 73 14.96 18.80 9.84
CA GLU D 73 16.23 18.68 10.54
C GLU D 73 16.02 18.71 12.06
N ARG D 74 15.06 19.48 12.53
CA ARG D 74 14.75 19.50 13.95
C ARG D 74 14.12 18.19 14.40
N THR D 75 13.23 17.62 13.57
CA THR D 75 12.68 16.30 13.92
C THR D 75 13.76 15.23 13.96
N ILE D 76 14.79 15.38 13.13
CA ILE D 76 15.93 14.46 13.23
C ILE D 76 16.75 14.75 14.49
N LEU D 77 16.91 16.03 14.83
CA LEU D 77 17.57 16.44 16.07
C LEU D 77 16.88 15.85 17.30
N SER D 78 15.58 15.58 17.19
CA SER D 78 14.85 14.94 18.29
C SER D 78 15.36 13.54 18.61
N SER D 79 16.14 12.92 17.71
CA SER D 79 16.61 11.56 17.91
C SER D 79 18.13 11.48 17.98
N ILE D 80 18.75 12.37 18.76
CA ILE D 80 20.19 12.41 18.92
C ILE D 80 20.55 11.96 20.33
N VAL D 81 21.50 11.02 20.41
CA VAL D 81 21.90 10.43 21.68
C VAL D 81 23.25 11.02 22.08
N THR D 82 23.21 11.58 23.29
CA THR D 82 24.39 12.16 23.84
C THR D 82 25.07 11.10 24.78
N PRO D 83 26.37 11.26 25.17
CA PRO D 83 26.99 10.21 26.00
C PRO D 83 26.43 10.09 27.41
N ASP D 84 25.86 11.15 27.97
CA ASP D 84 25.49 11.15 29.38
C ASP D 84 24.28 10.27 29.69
N GLU D 85 23.49 9.88 28.68
CA GLU D 85 22.34 9.04 28.90
C GLU D 85 22.62 7.56 28.61
N ILE D 86 23.88 7.19 28.43
CA ILE D 86 24.27 5.82 28.12
C ILE D 86 25.25 5.34 29.19
N ASN D 87 25.00 4.14 29.71
CA ASN D 87 25.73 3.61 30.85
C ASN D 87 26.83 2.63 30.47
N ILE D 88 27.07 2.38 29.18
CA ILE D 88 28.01 1.37 28.74
C ILE D 88 29.27 2.03 28.18
N THR D 89 30.43 1.56 28.64
CA THR D 89 31.73 2.04 28.17
C THR D 89 32.52 0.86 27.60
N PHE D 90 33.75 1.11 27.20
CA PHE D 90 34.56 0.02 26.70
C PHE D 90 34.98 -0.88 27.85
N GLN D 91 35.16 -0.33 29.07
CA GLN D 91 35.40 -1.22 30.18
C GLN D 91 34.16 -2.00 30.59
N ASP D 92 33.02 -1.70 29.98
CA ASP D 92 31.81 -2.47 30.17
C ASP D 92 31.61 -3.51 29.08
N ILE D 93 32.48 -3.54 28.07
CA ILE D 93 32.42 -4.52 27.00
C ILE D 93 33.58 -5.48 27.19
N GLY D 94 33.28 -6.77 27.32
CA GLY D 94 34.29 -7.78 27.55
C GLY D 94 34.38 -8.75 26.40
N GLY D 95 35.53 -9.39 26.27
CA GLY D 95 35.72 -10.42 25.26
C GLY D 95 35.79 -9.92 23.84
N LEU D 96 36.06 -8.63 23.65
CA LEU D 96 36.14 -8.09 22.29
C LEU D 96 37.31 -7.13 22.14
N ASP D 97 38.35 -7.26 22.96
CA ASP D 97 39.45 -6.31 22.97
C ASP D 97 40.16 -6.12 21.63
N PRO D 98 40.51 -7.16 20.85
CA PRO D 98 41.03 -6.88 19.49
C PRO D 98 40.02 -6.15 18.62
N LEU D 99 38.73 -6.48 18.76
CA LEU D 99 37.72 -5.77 17.98
C LEU D 99 37.55 -4.34 18.46
N ILE D 100 37.67 -4.10 19.78
CA ILE D 100 37.63 -2.72 20.28
C ILE D 100 38.81 -1.92 19.74
N SER D 101 40.01 -2.52 19.72
CA SER D 101 41.18 -1.83 19.22
C SER D 101 41.06 -1.54 17.72
N ASP D 102 40.59 -2.52 16.94
CA ASP D 102 40.35 -2.29 15.52
C ASP D 102 39.30 -1.21 15.31
N LEU D 103 38.23 -1.25 16.11
CA LEU D 103 37.18 -0.24 16.05
C LEU D 103 37.74 1.14 16.27
N HIS D 104 38.58 1.29 17.30
CA HIS D 104 39.30 2.55 17.53
C HIS D 104 40.09 2.96 16.30
N GLU D 105 41.09 2.16 15.95
CA GLU D 105 42.11 2.53 14.98
C GLU D 105 41.56 2.75 13.58
N SER D 106 40.40 2.18 13.24
CA SER D 106 39.86 2.35 11.91
C SER D 106 38.50 3.01 11.86
N VAL D 107 37.93 3.41 13.01
CA VAL D 107 36.60 4.02 13.03
C VAL D 107 36.64 5.34 13.78
N ILE D 108 37.10 5.33 15.04
CA ILE D 108 36.95 6.53 15.86
C ILE D 108 38.03 7.54 15.54
N TYR D 109 39.28 7.14 15.70
CA TYR D 109 40.40 8.05 15.43
C TYR D 109 40.45 8.55 13.98
N PRO D 110 40.22 7.72 12.94
CA PRO D 110 40.10 8.31 11.60
C PRO D 110 38.95 9.30 11.45
N LEU D 111 37.95 9.24 12.32
CA LEU D 111 36.85 10.20 12.27
C LEU D 111 37.04 11.34 13.26
N MET D 112 37.41 11.01 14.50
CA MET D 112 37.41 12.02 15.55
C MET D 112 38.60 12.97 15.47
N MET D 113 39.75 12.50 15.01
CA MET D 113 40.98 13.31 14.95
C MET D 113 41.53 13.30 13.54
N PRO D 114 41.04 14.19 12.66
CA PRO D 114 41.47 14.19 11.26
C PRO D 114 42.82 14.86 11.04
N GLU D 115 43.13 15.91 11.80
CA GLU D 115 44.40 16.61 11.64
C GLU D 115 45.57 15.73 12.04
N VAL D 116 45.32 14.72 12.87
CA VAL D 116 46.30 13.66 13.09
C VAL D 116 46.53 12.88 11.80
N TYR D 117 45.47 12.56 11.07
CA TYR D 117 45.60 11.73 9.86
C TYR D 117 45.69 12.52 8.56
N SER D 118 45.85 13.83 8.64
CA SER D 118 45.88 14.69 7.46
C SER D 118 47.13 14.48 6.62
N ASN D 119 48.08 13.64 7.07
CA ASN D 119 49.31 13.43 6.32
C ASN D 119 49.03 12.73 4.99
N SER D 120 48.15 11.72 5.01
CA SER D 120 47.81 11.01 3.78
C SER D 120 46.33 11.14 3.48
N PRO D 121 45.95 11.25 2.20
CA PRO D 121 44.53 11.42 1.86
C PRO D 121 43.71 10.14 2.02
N LEU D 122 44.35 9.00 2.26
CA LEU D 122 43.67 7.72 2.35
C LEU D 122 43.75 7.18 3.78
N LEU D 123 43.79 8.09 4.76
CA LEU D 123 43.80 7.75 6.17
C LEU D 123 42.57 8.24 6.90
N GLN D 124 41.49 8.55 6.20
CA GLN D 124 40.35 9.22 6.78
C GLN D 124 39.27 8.22 7.16
N ALA D 125 38.13 8.73 7.60
CA ALA D 125 37.08 7.89 8.16
C ALA D 125 36.39 7.08 7.07
N PRO D 126 35.85 5.91 7.39
CA PRO D 126 35.06 5.17 6.41
C PRO D 126 33.73 5.87 6.13
N SER D 127 33.17 5.57 4.97
CA SER D 127 31.84 6.06 4.63
C SER D 127 30.75 5.39 5.47
N GLY D 128 31.00 4.18 5.97
CA GLY D 128 30.04 3.50 6.82
C GLY D 128 30.66 2.30 7.48
N VAL D 129 30.08 1.92 8.62
CA VAL D 129 30.55 0.81 9.42
C VAL D 129 29.37 -0.11 9.72
N LEU D 130 29.54 -1.41 9.52
CA LEU D 130 28.51 -2.40 9.79
C LEU D 130 28.96 -3.33 10.90
N LEU D 131 28.13 -3.47 11.93
CA LEU D 131 28.36 -4.42 13.01
C LEU D 131 27.40 -5.58 12.81
N TYR D 132 27.92 -6.72 12.33
CA TYR D 132 27.11 -7.88 12.02
C TYR D 132 27.63 -9.10 12.77
N GLY D 133 26.71 -9.99 13.12
CA GLY D 133 27.05 -11.21 13.81
C GLY D 133 25.85 -11.92 14.40
N PRO D 134 26.10 -13.04 15.09
CA PRO D 134 25.03 -13.77 15.73
C PRO D 134 24.43 -12.96 16.87
N PRO D 135 23.20 -13.27 17.29
CA PRO D 135 22.54 -12.44 18.31
C PRO D 135 23.25 -12.44 19.66
N GLY D 136 23.17 -11.30 20.33
CA GLY D 136 23.68 -11.17 21.68
C GLY D 136 25.17 -11.27 21.85
N CYS D 137 25.95 -10.65 20.96
CA CYS D 137 27.39 -10.73 21.04
C CYS D 137 28.05 -9.40 21.37
N GLY D 138 27.28 -8.31 21.45
CA GLY D 138 27.80 -7.04 21.94
C GLY D 138 27.49 -5.83 21.07
N LYS D 139 26.91 -6.01 19.88
CA LYS D 139 26.85 -4.96 18.88
C LYS D 139 26.10 -3.71 19.38
N THR D 140 25.03 -3.92 20.14
CA THR D 140 24.30 -2.79 20.71
C THR D 140 25.16 -2.03 21.72
N MET D 141 25.91 -2.75 22.56
CA MET D 141 26.82 -2.06 23.46
C MET D 141 28.01 -1.47 22.72
N LEU D 142 28.41 -2.07 21.59
CA LEU D 142 29.38 -1.41 20.73
C LEU D 142 28.89 -0.04 20.31
N ALA D 143 27.62 0.04 19.88
CA ALA D 143 27.03 1.33 19.54
C ALA D 143 26.93 2.26 20.74
N LYS D 144 26.55 1.72 21.89
CA LYS D 144 26.42 2.53 23.11
C LYS D 144 27.75 3.16 23.48
N ALA D 145 28.82 2.37 23.45
CA ALA D 145 30.12 2.90 23.81
C ALA D 145 30.74 3.74 22.69
N LEU D 146 30.27 3.56 21.46
CA LEU D 146 30.61 4.52 20.40
C LEU D 146 29.98 5.88 20.68
N ALA D 147 28.74 5.88 21.17
CA ALA D 147 28.14 7.13 21.62
C ALA D 147 28.80 7.66 22.89
N LYS D 148 29.41 6.78 23.68
CA LYS D 148 30.05 7.19 24.94
C LYS D 148 31.45 7.78 24.72
N GLU D 149 32.40 6.96 24.27
CA GLU D 149 33.77 7.46 24.10
C GLU D 149 33.92 8.42 22.94
N SER D 150 33.49 8.01 21.74
CA SER D 150 33.70 8.83 20.56
C SER D 150 32.87 10.11 20.66
N GLY D 151 33.52 11.26 20.44
CA GLY D 151 32.88 12.54 20.66
C GLY D 151 32.00 12.98 19.52
N ALA D 152 31.83 12.12 18.51
CA ALA D 152 30.97 12.43 17.39
C ALA D 152 29.52 12.57 17.84
N ASN D 153 28.85 13.58 17.29
CA ASN D 153 27.45 13.80 17.60
C ASN D 153 26.82 12.53 17.13
N PHE D 154 26.29 11.74 18.05
CA PHE D 154 25.74 10.43 17.69
C PHE D 154 24.27 10.51 17.37
N ILE D 155 23.89 10.06 16.19
CA ILE D 155 22.49 10.03 15.81
C ILE D 155 22.01 8.59 15.72
N SER D 156 21.23 8.16 16.70
CA SER D 156 20.58 6.85 16.65
C SER D 156 19.11 7.09 16.32
N ILE D 157 18.72 6.70 15.10
CA ILE D 157 17.36 6.87 14.62
C ILE D 157 16.78 5.52 14.29
N ARG D 158 15.46 5.45 14.31
CA ARG D 158 14.73 4.22 14.03
C ARG D 158 13.73 4.46 12.90
N MET D 159 12.96 3.45 12.53
CA MET D 159 12.04 3.60 11.42
C MET D 159 10.88 4.53 11.76
N SER D 160 10.47 4.58 13.03
CA SER D 160 9.33 5.41 13.38
C SER D 160 9.59 6.88 13.09
N SER D 161 10.85 7.32 13.16
CA SER D 161 11.17 8.71 12.89
C SER D 161 11.52 8.98 11.43
N ILE D 162 11.64 7.94 10.61
CA ILE D 162 11.97 8.12 9.20
C ILE D 162 10.71 8.01 8.37
N MET D 163 10.07 6.85 8.39
CA MET D 163 8.93 6.60 7.53
C MET D 163 7.69 7.32 8.03
N ASP D 164 7.08 8.11 7.17
CA ASP D 164 5.93 8.93 7.50
C ASP D 164 4.77 8.55 6.60
N LYS D 165 3.58 8.97 7.04
CA LYS D 165 2.36 8.66 6.28
C LYS D 165 2.30 9.45 4.98
N TRP D 166 2.64 10.73 5.02
CA TRP D 166 2.39 11.61 3.89
C TRP D 166 3.40 11.37 2.78
N TYR D 167 3.04 11.80 1.57
CA TYR D 167 3.86 11.52 0.40
C TYR D 167 5.09 12.41 0.38
N GLY D 168 6.26 11.79 0.28
CA GLY D 168 7.50 12.51 0.13
C GLY D 168 8.05 13.13 1.39
N GLU D 169 7.39 12.92 2.53
CA GLU D 169 7.91 13.44 3.76
C GLU D 169 9.10 12.65 4.23
N SER D 170 9.12 11.34 3.98
CA SER D 170 10.18 10.49 4.51
C SER D 170 11.50 10.71 3.77
N ASN D 171 11.44 10.98 2.46
CA ASN D 171 12.64 11.37 1.72
C ASN D 171 13.22 12.67 2.25
N LYS D 172 12.35 13.64 2.56
CA LYS D 172 12.80 14.89 3.16
C LYS D 172 13.40 14.67 4.53
N ILE D 173 12.86 13.72 5.29
CA ILE D 173 13.41 13.36 6.59
C ILE D 173 14.82 12.79 6.43
N VAL D 174 15.04 11.93 5.43
CA VAL D 174 16.38 11.40 5.16
C VAL D 174 17.34 12.52 4.76
N ASP D 175 16.91 13.39 3.84
CA ASP D 175 17.76 14.49 3.40
C ASP D 175 18.11 15.42 4.57
N ALA D 176 17.13 15.68 5.44
CA ALA D 176 17.39 16.50 6.61
C ALA D 176 18.33 15.80 7.59
N MET D 177 18.20 14.49 7.72
CA MET D 177 19.11 13.71 8.55
C MET D 177 20.55 13.89 8.11
N PHE D 178 20.80 13.70 6.81
CA PHE D 178 22.17 13.79 6.31
C PHE D 178 22.66 15.24 6.33
N SER D 179 21.78 16.19 6.02
CA SER D 179 22.19 17.59 6.09
C SER D 179 22.56 17.98 7.52
N LEU D 180 21.79 17.51 8.51
CA LEU D 180 22.14 17.72 9.91
C LEU D 180 23.47 17.08 10.26
N ALA D 181 23.71 15.87 9.76
CA ALA D 181 25.00 15.22 9.99
C ALA D 181 26.14 16.02 9.38
N ASN D 182 25.91 16.61 8.21
CA ASN D 182 26.92 17.49 7.62
C ASN D 182 27.12 18.74 8.46
N LYS D 183 26.05 19.27 9.05
CA LYS D 183 26.17 20.43 9.92
C LYS D 183 26.93 20.08 11.19
N LEU D 184 26.56 18.98 11.84
CA LEU D 184 27.28 18.46 13.00
C LEU D 184 28.45 17.64 12.48
N GLN D 185 29.52 18.33 12.08
CA GLN D 185 30.53 17.77 11.19
C GLN D 185 31.16 16.46 11.67
N PRO D 186 31.60 16.30 12.95
CA PRO D 186 31.90 14.93 13.41
C PRO D 186 30.62 14.25 13.85
N CYS D 187 30.16 13.29 13.07
CA CYS D 187 28.86 12.68 13.32
C CYS D 187 28.91 11.19 13.06
N ILE D 188 28.03 10.47 13.75
CA ILE D 188 27.77 9.06 13.48
C ILE D 188 26.26 8.88 13.42
N ILE D 189 25.77 8.43 12.26
CA ILE D 189 24.36 8.15 12.09
C ILE D 189 24.14 6.66 12.29
N PHE D 190 23.32 6.30 13.27
CA PHE D 190 23.10 4.91 13.63
C PHE D 190 21.69 4.49 13.26
N ILE D 191 21.57 3.46 12.42
CA ILE D 191 20.30 2.80 12.14
C ILE D 191 20.39 1.45 12.83
N ASP D 192 19.80 1.32 14.00
CA ASP D 192 19.80 0.04 14.69
C ASP D 192 18.90 -0.95 13.95
N GLN D 193 19.36 -2.20 13.89
CA GLN D 193 18.71 -3.27 13.16
C GLN D 193 18.53 -2.87 11.70
N ILE D 194 19.68 -2.66 11.05
CA ILE D 194 19.73 -1.95 9.78
C ILE D 194 19.35 -2.85 8.60
N ASP D 195 19.24 -4.16 8.81
CA ASP D 195 18.91 -5.08 7.74
C ASP D 195 17.56 -4.77 7.14
N SER D 196 16.58 -4.48 7.98
CA SER D 196 15.22 -4.22 7.52
C SER D 196 15.17 -2.98 6.64
N PHE D 197 15.98 -1.99 6.99
CA PHE D 197 16.05 -0.75 6.22
C PHE D 197 16.79 -0.96 4.92
N LEU D 198 17.84 -1.78 4.95
CA LEU D 198 18.61 -2.02 3.74
C LEU D 198 18.31 -3.37 3.11
N ARG D 199 17.05 -3.76 3.05
CA ARG D 199 16.73 -5.09 2.52
C ARG D 199 16.94 -5.24 1.03
N GLU D 200 17.01 -6.48 0.56
CA GLU D 200 17.18 -6.77 -0.87
C GLU D 200 16.14 -6.01 -1.68
N ARG D 201 16.59 -5.04 -2.46
CA ARG D 201 15.66 -4.28 -3.25
C ARG D 201 14.90 -5.19 -4.20
N SER D 202 13.66 -4.84 -4.51
CA SER D 202 12.86 -5.61 -5.45
C SER D 202 11.87 -4.68 -6.15
N SER D 203 11.39 -5.13 -7.31
CA SER D 203 10.38 -4.39 -8.05
C SER D 203 9.02 -4.44 -7.36
N THR D 204 8.88 -5.30 -6.36
CA THR D 204 7.61 -5.43 -5.64
C THR D 204 7.63 -4.64 -4.34
N ASP D 205 8.64 -3.81 -4.16
CA ASP D 205 8.72 -2.98 -2.97
C ASP D 205 7.66 -1.87 -3.03
N HIS D 206 7.43 -1.24 -1.89
CA HIS D 206 6.50 -0.11 -1.86
C HIS D 206 7.20 1.07 -2.48
N GLU D 207 6.44 1.93 -3.15
CA GLU D 207 7.01 3.11 -3.79
C GLU D 207 7.84 3.93 -2.84
N VAL D 208 7.24 4.33 -1.72
CA VAL D 208 7.96 5.21 -0.81
C VAL D 208 9.19 4.51 -0.29
N THR D 209 9.06 3.24 0.07
CA THR D 209 10.21 2.48 0.55
C THR D 209 11.35 2.50 -0.45
N ALA D 210 11.05 2.32 -1.74
CA ALA D 210 12.09 2.24 -2.76
C ALA D 210 12.79 3.58 -2.96
N THR D 211 12.01 4.66 -3.04
CA THR D 211 12.58 5.99 -3.18
C THR D 211 13.29 6.40 -1.92
N LEU D 212 12.84 5.92 -0.79
CA LEU D 212 13.54 6.17 0.47
C LEU D 212 14.90 5.49 0.50
N LYS D 213 14.96 4.24 0.03
CA LYS D 213 16.24 3.55 -0.08
C LYS D 213 17.17 4.26 -1.05
N ALA D 214 16.64 4.74 -2.17
CA ALA D 214 17.46 5.45 -3.14
C ALA D 214 17.97 6.78 -2.59
N GLU D 215 17.10 7.52 -1.89
CA GLU D 215 17.54 8.72 -1.19
C GLU D 215 18.66 8.42 -0.22
N PHE D 216 18.50 7.37 0.57
CA PHE D 216 19.50 7.03 1.57
C PHE D 216 20.83 6.73 0.91
N MET D 217 20.82 5.83 -0.06
CA MET D 217 22.05 5.49 -0.77
C MET D 217 22.68 6.70 -1.42
N THR D 218 21.86 7.57 -2.04
CA THR D 218 22.41 8.76 -2.69
C THR D 218 23.07 9.68 -1.68
N LEU D 219 22.48 9.83 -0.51
CA LEU D 219 23.08 10.74 0.40
C LEU D 219 24.32 10.08 0.96
N TRP D 220 24.41 8.77 0.89
CA TRP D 220 25.57 8.04 1.37
C TRP D 220 26.78 8.17 0.42
N ASP D 221 26.63 7.77 -0.84
CA ASP D 221 27.75 7.81 -1.79
C ASP D 221 27.30 8.49 -3.07
N GLY D 222 26.74 9.68 -2.95
CA GLY D 222 26.38 10.45 -4.13
C GLY D 222 27.42 11.48 -4.49
N LEU D 223 26.99 12.51 -5.22
CA LEU D 223 27.92 13.52 -5.69
C LEU D 223 28.30 14.49 -4.58
N LEU D 224 27.30 15.03 -3.89
CA LEU D 224 27.56 15.87 -2.72
C LEU D 224 27.96 14.93 -1.58
N ASN D 225 29.24 14.59 -1.55
CA ASN D 225 29.75 13.65 -0.57
C ASN D 225 29.66 14.22 0.84
N ASN D 226 29.38 13.35 1.80
CA ASN D 226 29.24 13.78 3.18
C ASN D 226 30.58 14.23 3.73
N GLY D 227 30.56 15.33 4.47
CA GLY D 227 31.78 15.83 5.09
C GLY D 227 32.01 15.22 6.45
N ARG D 228 32.90 14.22 6.51
CA ARG D 228 33.24 13.51 7.74
C ARG D 228 32.03 12.92 8.43
N VAL D 229 31.16 12.28 7.66
CA VAL D 229 29.94 11.70 8.22
C VAL D 229 30.02 10.19 8.04
N MET D 230 29.84 9.46 9.13
CA MET D 230 29.98 8.02 9.15
C MET D 230 28.62 7.41 9.38
N ILE D 231 28.35 6.28 8.72
CA ILE D 231 27.05 5.65 8.87
C ILE D 231 27.28 4.31 9.55
N ILE D 232 27.15 4.26 10.86
CA ILE D 232 27.42 3.05 11.61
C ILE D 232 26.09 2.30 11.73
N GLY D 233 26.10 1.03 11.39
CA GLY D 233 24.89 0.23 11.45
C GLY D 233 25.15 -1.10 12.13
N ALA D 234 24.15 -1.56 12.87
CA ALA D 234 24.19 -2.86 13.52
C ALA D 234 23.16 -3.76 12.86
N THR D 235 23.55 -5.01 12.61
CA THR D 235 22.61 -5.94 12.02
C THR D 235 22.90 -7.35 12.49
N ASN D 236 21.89 -8.21 12.42
CA ASN D 236 22.04 -9.59 12.83
C ASN D 236 22.20 -10.46 11.60
N ARG D 237 21.47 -10.14 10.52
CA ARG D 237 21.59 -10.92 9.29
C ARG D 237 22.19 -10.02 8.21
N ILE D 238 23.48 -10.24 7.92
CA ILE D 238 24.16 -9.47 6.88
C ILE D 238 23.64 -9.82 5.49
N ASN D 239 23.08 -11.03 5.32
CA ASN D 239 22.71 -11.50 4.00
C ASN D 239 21.52 -10.75 3.44
N ASP D 240 20.60 -10.32 4.31
CA ASP D 240 19.42 -9.58 3.88
C ASP D 240 19.74 -8.18 3.38
N ILE D 241 20.95 -7.68 3.63
CA ILE D 241 21.33 -6.35 3.18
C ILE D 241 21.59 -6.39 1.67
N ASP D 242 21.11 -5.36 0.97
CA ASP D 242 21.32 -5.25 -0.47
C ASP D 242 22.80 -5.05 -0.77
N ASP D 243 23.22 -5.49 -1.96
CA ASP D 243 24.64 -5.47 -2.31
C ASP D 243 25.18 -4.06 -2.44
N ALA D 244 24.38 -3.13 -2.98
CA ALA D 244 24.83 -1.75 -3.06
C ALA D 244 24.95 -1.13 -1.68
N PHE D 245 23.97 -1.38 -0.83
CA PHE D 245 24.02 -0.85 0.52
C PHE D 245 25.25 -1.39 1.23
N LEU D 246 25.50 -2.69 1.10
CA LEU D 246 26.66 -3.30 1.75
C LEU D 246 27.93 -2.76 1.13
N ARG D 247 27.89 -2.40 -0.15
CA ARG D 247 29.09 -1.92 -0.83
C ARG D 247 29.58 -0.69 -0.14
N ARG D 248 28.66 0.25 0.10
CA ARG D 248 28.96 1.54 0.73
C ARG D 248 28.91 1.50 2.24
N LEU D 249 29.00 0.30 2.79
CA LEU D 249 29.07 0.10 4.23
C LEU D 249 30.31 -0.70 4.52
N PRO D 250 31.48 -0.17 4.15
CA PRO D 250 32.63 -1.02 3.81
C PRO D 250 33.48 -1.51 4.98
N LYS D 251 33.35 -0.90 6.14
CA LYS D 251 34.08 -1.35 7.33
C LYS D 251 33.18 -2.22 8.20
N ARG D 252 33.21 -3.52 7.96
CA ARG D 252 32.30 -4.46 8.59
C ARG D 252 33.05 -5.35 9.57
N PHE D 253 32.49 -5.46 10.78
CA PHE D 253 33.07 -6.20 11.90
C PHE D 253 32.22 -7.42 12.21
N LEU D 254 32.87 -8.58 12.28
CA LEU D 254 32.19 -9.82 12.69
C LEU D 254 32.21 -9.91 14.21
N VAL D 255 31.12 -9.49 14.84
CA VAL D 255 30.97 -9.64 16.30
C VAL D 255 30.38 -11.02 16.51
N SER D 256 31.25 -12.01 16.54
CA SER D 256 30.82 -13.41 16.47
C SER D 256 30.51 -13.94 17.88
N LEU D 257 30.13 -15.22 17.93
CA LEU D 257 29.87 -15.87 19.20
C LEU D 257 31.15 -15.95 20.01
N PRO D 258 31.07 -15.73 21.32
CA PRO D 258 32.29 -15.65 22.13
C PRO D 258 32.93 -17.02 22.31
N GLY D 259 34.27 -17.04 22.20
CA GLY D 259 35.03 -18.23 22.50
C GLY D 259 35.38 -18.31 23.98
N SER D 260 36.24 -19.27 24.31
CA SER D 260 36.58 -19.53 25.70
C SER D 260 37.19 -18.31 26.38
N ASP D 261 38.17 -17.68 25.72
CA ASP D 261 38.72 -16.42 26.23
C ASP D 261 37.65 -15.35 26.30
N GLN D 262 36.83 -15.24 25.25
CA GLN D 262 35.82 -14.18 25.22
C GLN D 262 34.73 -14.41 26.26
N ARG D 263 34.28 -15.67 26.43
CA ARG D 263 33.33 -15.99 27.49
C ARG D 263 33.91 -15.76 28.88
N TYR D 264 35.21 -15.98 29.04
CA TYR D 264 35.84 -15.69 30.33
C TYR D 264 35.77 -14.20 30.58
N LYS D 265 36.20 -13.40 29.60
CA LYS D 265 36.23 -11.95 29.80
C LYS D 265 34.83 -11.39 29.99
N ILE D 266 33.83 -11.94 29.29
CA ILE D 266 32.45 -11.49 29.46
C ILE D 266 31.94 -11.83 30.85
N LEU D 267 32.17 -13.05 31.31
CA LEU D 267 31.64 -13.43 32.60
C LEU D 267 32.23 -12.50 33.63
N SER D 268 33.53 -12.27 33.54
CA SER D 268 34.19 -11.39 34.49
C SER D 268 33.66 -9.96 34.42
N VAL D 269 33.47 -9.45 33.21
CA VAL D 269 32.95 -8.09 33.05
C VAL D 269 31.55 -7.97 33.64
N LEU D 270 30.72 -9.00 33.50
CA LEU D 270 29.35 -8.92 33.99
C LEU D 270 29.30 -8.99 35.51
N LEU D 271 30.21 -9.72 36.14
CA LEU D 271 30.13 -10.00 37.57
C LEU D 271 30.78 -8.95 38.47
N LYS D 272 31.15 -7.83 37.88
CA LYS D 272 31.68 -6.74 38.69
C LYS D 272 30.55 -6.18 39.55
N ASP D 273 30.90 -5.45 40.60
CA ASP D 273 29.95 -4.82 41.51
C ASP D 273 29.05 -5.85 42.21
N THR D 274 29.39 -7.14 42.10
CA THR D 274 28.78 -8.22 42.84
C THR D 274 29.89 -8.94 43.58
N LYS D 275 29.57 -9.47 44.75
CA LYS D 275 30.59 -10.04 45.63
C LYS D 275 30.70 -11.55 45.40
N LEU D 276 31.89 -12.00 45.02
CA LEU D 276 32.16 -13.37 44.61
C LEU D 276 32.74 -14.15 45.79
N ASP D 277 33.19 -15.37 45.51
CA ASP D 277 33.74 -16.26 46.53
C ASP D 277 35.22 -16.47 46.28
N GLU D 278 35.96 -16.81 47.32
CA GLU D 278 37.41 -16.97 47.18
C GLU D 278 37.77 -18.34 46.64
N ASP D 279 37.41 -19.39 47.36
CA ASP D 279 37.84 -20.72 46.94
C ASP D 279 36.77 -21.57 46.28
N GLU D 280 35.56 -21.57 46.84
CA GLU D 280 34.52 -22.44 46.30
C GLU D 280 34.01 -22.00 44.94
N PHE D 281 34.63 -20.97 44.36
CA PHE D 281 34.23 -20.47 43.05
C PHE D 281 35.33 -20.53 42.00
N ASP D 282 35.09 -21.30 40.94
CA ASP D 282 36.04 -21.36 39.83
C ASP D 282 35.25 -20.90 38.61
N LEU D 283 35.64 -19.77 38.03
CA LEU D 283 34.87 -19.21 36.93
C LEU D 283 35.31 -19.76 35.58
N GLN D 284 36.53 -20.28 35.52
CA GLN D 284 37.08 -20.74 34.24
C GLN D 284 36.27 -21.86 33.61
N LEU D 285 35.99 -22.89 34.41
CA LEU D 285 35.17 -24.00 33.92
C LEU D 285 33.82 -23.49 33.51
N ILE D 286 33.24 -22.58 34.27
CA ILE D 286 31.90 -22.08 33.96
C ILE D 286 31.91 -21.40 32.61
N ALA D 287 32.91 -20.55 32.36
CA ALA D 287 33.02 -19.89 31.07
C ALA D 287 33.03 -20.90 29.94
N ASP D 288 33.90 -21.91 30.03
CA ASP D 288 33.99 -22.86 28.93
C ASP D 288 32.80 -23.80 28.88
N ASN D 289 32.17 -24.04 30.03
CA ASN D 289 31.02 -24.91 30.06
C ASN D 289 29.88 -24.33 29.25
N THR D 290 29.89 -23.02 28.99
CA THR D 290 28.73 -22.50 28.27
C THR D 290 28.98 -22.65 26.77
N LYS D 291 28.65 -23.84 26.27
CA LYS D 291 28.96 -24.18 24.88
C LYS D 291 28.06 -23.42 23.93
N GLY D 292 28.60 -22.39 23.30
CA GLY D 292 27.89 -21.63 22.29
C GLY D 292 26.94 -20.57 22.81
N PHE D 293 27.00 -20.30 24.10
CA PHE D 293 26.15 -19.28 24.69
C PHE D 293 26.60 -17.90 24.28
N SER D 294 25.65 -17.04 23.89
CA SER D 294 25.98 -15.67 23.55
C SER D 294 26.20 -14.85 24.82
N GLY D 295 26.53 -13.58 24.63
CA GLY D 295 26.80 -12.71 25.78
C GLY D 295 25.58 -12.49 26.66
N SER D 296 24.41 -12.31 26.04
CA SER D 296 23.20 -12.07 26.82
C SER D 296 22.69 -13.35 27.46
N ASP D 297 23.03 -14.50 26.88
CA ASP D 297 22.65 -15.76 27.48
C ASP D 297 23.46 -15.90 28.75
N LEU D 298 24.65 -15.35 28.74
CA LEU D 298 25.46 -15.36 29.95
C LEU D 298 24.85 -14.38 30.93
N LYS D 299 24.47 -13.21 30.46
CA LYS D 299 23.84 -12.21 31.31
C LYS D 299 22.65 -12.78 32.07
N GLU D 300 21.77 -13.49 31.35
CA GLU D 300 20.59 -14.05 32.01
C GLU D 300 20.96 -15.14 33.00
N LEU D 301 21.90 -16.03 32.65
CA LEU D 301 22.32 -17.06 33.62
C LEU D 301 23.00 -16.45 34.83
N CYS D 302 23.74 -15.37 34.65
CA CYS D 302 24.34 -14.68 35.79
C CYS D 302 23.28 -14.03 36.67
N ARG D 303 22.24 -13.44 36.06
CA ARG D 303 21.14 -12.90 36.86
C ARG D 303 20.45 -13.99 37.66
N GLU D 304 20.10 -15.09 37.00
CA GLU D 304 19.35 -16.15 37.67
C GLU D 304 20.15 -16.74 38.82
N ALA D 305 21.45 -16.92 38.63
CA ALA D 305 22.32 -17.35 39.71
C ALA D 305 22.48 -16.30 40.81
N ALA D 306 22.49 -15.01 40.46
CA ALA D 306 22.53 -13.97 41.47
C ALA D 306 21.27 -14.01 42.34
N LEU D 307 20.11 -14.22 41.73
CA LEU D 307 18.88 -14.40 42.50
C LEU D 307 18.95 -15.66 43.35
N ASP D 308 19.47 -16.75 42.78
CA ASP D 308 19.51 -18.03 43.48
C ASP D 308 20.52 -17.98 44.63
N ALA D 309 21.49 -17.07 44.56
CA ALA D 309 22.43 -16.91 45.67
C ALA D 309 21.91 -15.92 46.70
N ALA D 310 21.15 -14.91 46.26
CA ALA D 310 20.56 -13.93 47.16
C ALA D 310 19.22 -14.37 47.71
N LYS D 311 18.86 -15.64 47.51
CA LYS D 311 17.58 -16.17 47.99
C LYS D 311 17.31 -15.84 49.45
N GLU D 312 18.34 -15.90 50.29
CA GLU D 312 18.17 -15.53 51.69
C GLU D 312 17.93 -14.02 51.83
N TYR D 313 18.49 -13.20 50.96
CA TYR D 313 18.21 -11.76 51.00
C TYR D 313 16.73 -11.54 50.64
N ILE D 314 16.21 -12.21 49.61
CA ILE D 314 14.78 -12.13 49.32
C ILE D 314 13.96 -12.51 50.55
N LYS D 315 14.31 -13.63 51.20
CA LYS D 315 13.53 -14.08 52.35
C LYS D 315 13.63 -13.09 53.51
N GLN D 316 14.82 -12.51 53.73
CA GLN D 316 15.02 -11.56 54.82
C GLN D 316 14.22 -10.29 54.60
N LYS D 317 14.28 -9.74 53.39
CA LYS D 317 13.49 -8.52 53.16
C LYS D 317 12.00 -8.82 52.96
N ARG D 318 11.62 -10.08 52.78
CA ARG D 318 10.21 -10.45 52.89
C ARG D 318 9.76 -10.50 54.35
N GLN D 319 10.66 -10.86 55.26
CA GLN D 319 10.33 -10.90 56.69
C GLN D 319 10.77 -9.65 57.45
N LEU D 320 11.43 -8.70 56.80
CA LEU D 320 11.76 -7.42 57.41
C LEU D 320 11.27 -6.27 56.55
N LYS D 335 24.30 -8.88 52.89
CA LYS D 335 24.56 -10.26 53.29
C LYS D 335 24.31 -11.24 52.14
N ILE D 336 24.57 -10.78 50.91
CA ILE D 336 24.47 -11.63 49.74
C ILE D 336 25.48 -12.76 49.87
N ARG D 337 25.03 -13.96 49.47
CA ARG D 337 25.90 -15.11 49.49
C ARG D 337 27.02 -14.97 48.43
N PRO D 338 28.33 -15.20 48.79
CA PRO D 338 29.36 -15.15 47.75
C PRO D 338 28.99 -16.02 46.56
N LEU D 339 28.99 -15.42 45.38
CA LEU D 339 28.52 -16.09 44.17
C LEU D 339 29.53 -17.18 43.82
N LYS D 340 29.25 -18.41 44.24
CA LYS D 340 30.14 -19.53 44.00
C LYS D 340 29.52 -20.49 42.99
N THR D 341 30.27 -21.57 42.71
CA THR D 341 30.02 -22.45 41.58
C THR D 341 28.68 -23.17 41.65
N LYS D 342 28.06 -23.26 42.83
CA LYS D 342 26.84 -24.05 42.99
C LYS D 342 25.71 -23.56 42.09
N ASP D 343 25.48 -22.24 42.07
CA ASP D 343 24.34 -21.70 41.34
C ASP D 343 24.50 -21.87 39.83
N PHE D 344 25.65 -21.46 39.30
CA PHE D 344 25.90 -21.62 37.87
C PHE D 344 25.84 -23.08 37.49
N THR D 345 26.52 -23.93 38.25
CA THR D 345 26.56 -25.36 37.93
C THR D 345 25.17 -25.99 37.94
N LYS D 346 24.39 -25.77 38.99
CA LYS D 346 23.08 -26.43 39.05
C LYS D 346 22.19 -25.96 37.90
N LYS D 347 22.49 -24.78 37.35
CA LYS D 347 21.64 -24.22 36.30
C LYS D 347 22.06 -24.70 34.93
N LEU D 348 23.23 -24.26 34.47
CA LEU D 348 23.72 -24.68 33.16
C LEU D 348 24.09 -26.16 33.24
N ARG D 349 23.56 -26.93 32.30
CA ARG D 349 23.75 -28.38 32.34
C ARG D 349 24.91 -28.76 31.42
N MET D 350 26.11 -28.45 31.92
CA MET D 350 27.38 -28.98 31.42
C MET D 350 27.37 -30.39 30.83
N SER E 43 13.01 26.97 3.39
CA SER E 43 13.60 27.62 4.57
C SER E 43 14.50 28.77 4.16
N ARG E 44 15.11 29.42 5.15
CA ARG E 44 15.99 30.56 4.88
C ARG E 44 17.30 30.10 4.27
N GLU E 45 17.81 28.94 4.72
CA GLU E 45 19.00 28.37 4.11
C GLU E 45 18.74 27.97 2.67
N SER E 46 17.53 27.52 2.37
CA SER E 46 17.17 27.21 0.98
C SER E 46 17.20 28.47 0.13
N LYS E 47 16.72 29.60 0.68
CA LYS E 47 16.79 30.86 -0.04
C LYS E 47 18.24 31.30 -0.26
N ALA E 48 19.08 31.11 0.76
CA ALA E 48 20.51 31.43 0.60
C ALA E 48 21.15 30.56 -0.47
N LYS E 49 20.82 29.27 -0.50
CA LYS E 49 21.38 28.39 -1.51
C LYS E 49 20.86 28.74 -2.90
N GLN E 50 19.58 29.10 -3.02
CA GLN E 50 19.06 29.54 -4.31
C GLN E 50 19.79 30.79 -4.79
N SER E 51 19.97 31.77 -3.91
CA SER E 51 20.65 33.01 -4.29
C SER E 51 22.11 32.76 -4.65
N LEU E 52 22.78 31.91 -3.88
CA LEU E 52 24.19 31.59 -4.15
C LEU E 52 24.34 30.87 -5.48
N GLN E 53 23.52 29.85 -5.70
CA GLN E 53 23.61 29.07 -6.94
C GLN E 53 23.24 29.95 -8.12
N TRP E 54 22.25 30.82 -7.96
CA TRP E 54 21.88 31.73 -9.04
C TRP E 54 23.00 32.71 -9.37
N GLU E 55 23.55 33.40 -8.38
CA GLU E 55 24.59 34.38 -8.69
C GLU E 55 25.79 33.70 -9.33
N LYS E 56 26.13 32.49 -8.88
CA LYS E 56 27.24 31.76 -9.48
C LYS E 56 26.93 31.35 -10.91
N LEU E 57 25.66 30.99 -11.17
CA LEU E 57 25.27 30.64 -12.53
C LEU E 57 25.32 31.83 -13.47
N VAL E 58 24.95 33.01 -12.99
CA VAL E 58 25.03 34.19 -13.84
C VAL E 58 26.43 34.78 -13.97
N LYS E 59 27.33 34.48 -13.04
CA LYS E 59 28.70 34.96 -13.20
C LYS E 59 29.54 34.03 -14.07
N ARG E 60 29.22 32.75 -14.15
CA ARG E 60 29.96 31.84 -15.04
C ARG E 60 29.47 32.05 -16.46
N SER E 61 28.17 32.11 -16.65
CA SER E 61 27.53 32.32 -17.95
C SER E 61 26.73 33.61 -17.91
N PRO E 62 27.26 34.71 -18.46
CA PRO E 62 26.57 36.01 -18.34
C PRO E 62 25.29 36.13 -19.13
N ALA E 63 25.04 35.22 -20.09
CA ALA E 63 23.89 35.39 -20.99
C ALA E 63 22.55 35.12 -20.31
N LEU E 64 22.54 34.61 -19.07
CA LEU E 64 21.31 34.23 -18.40
C LEU E 64 20.82 35.28 -17.40
N ALA E 65 21.31 36.51 -17.49
CA ALA E 65 20.90 37.54 -16.53
C ALA E 65 19.46 37.99 -16.76
N GLU E 66 19.03 38.03 -18.02
CA GLU E 66 17.70 38.54 -18.34
C GLU E 66 16.60 37.55 -18.01
N VAL E 67 16.94 36.30 -17.66
CA VAL E 67 15.94 35.28 -17.40
C VAL E 67 15.53 35.31 -15.94
N THR E 68 14.23 35.28 -15.69
CA THR E 68 13.66 35.17 -14.35
C THR E 68 13.00 33.81 -14.19
N LEU E 69 12.65 33.48 -12.94
CA LEU E 69 12.10 32.17 -12.64
C LEU E 69 10.86 32.28 -11.77
N ASP E 70 10.00 31.26 -11.90
CA ASP E 70 8.90 31.03 -10.99
C ASP E 70 9.44 30.42 -9.69
N ALA E 71 8.57 30.31 -8.69
CA ALA E 71 9.01 29.83 -7.38
C ALA E 71 9.50 28.39 -7.43
N TYR E 72 8.76 27.52 -8.12
CA TYR E 72 9.16 26.12 -8.22
C TYR E 72 10.47 25.98 -8.99
N GLU E 73 10.67 26.81 -10.02
CA GLU E 73 11.94 26.84 -10.72
C GLU E 73 13.08 27.23 -9.80
N ARG E 74 12.81 28.12 -8.84
N ARG E 74 12.82 28.13 -8.85
CA ARG E 74 13.84 28.49 -7.88
CA ARG E 74 13.84 28.50 -7.88
C ARG E 74 14.13 27.35 -6.91
C ARG E 74 14.13 27.36 -6.92
N THR E 75 13.09 26.62 -6.49
CA THR E 75 13.34 25.45 -5.65
C THR E 75 14.15 24.39 -6.39
N ILE E 76 13.99 24.30 -7.70
CA ILE E 76 14.84 23.41 -8.49
C ILE E 76 16.25 23.97 -8.58
N LEU E 77 16.36 25.30 -8.73
CA LEU E 77 17.66 25.98 -8.74
C LEU E 77 18.44 25.73 -7.45
N SER E 78 17.73 25.47 -6.37
CA SER E 78 18.37 25.14 -5.09
C SER E 78 19.17 23.85 -5.15
N SER E 79 18.97 23.01 -6.17
CA SER E 79 19.65 21.72 -6.27
C SER E 79 20.51 21.63 -7.51
N ILE E 80 21.30 22.66 -7.78
CA ILE E 80 22.19 22.71 -8.94
C ILE E 80 23.63 22.60 -8.47
N VAL E 81 24.38 21.69 -9.09
CA VAL E 81 25.77 21.42 -8.70
C VAL E 81 26.69 22.05 -9.74
N THR E 82 27.57 22.88 -9.18
CA THR E 82 28.53 23.55 -9.99
C THR E 82 29.86 22.73 -9.94
N PRO E 83 30.83 22.96 -10.87
CA PRO E 83 32.05 22.12 -10.83
C PRO E 83 32.95 22.38 -9.62
N ASP E 84 32.91 23.57 -9.02
CA ASP E 84 33.88 23.91 -7.99
C ASP E 84 33.67 23.17 -6.68
N GLU E 85 32.51 22.57 -6.45
CA GLU E 85 32.24 21.82 -5.22
C GLU E 85 32.44 20.32 -5.39
N ILE E 86 33.02 19.89 -6.51
CA ILE E 86 33.24 18.47 -6.78
C ILE E 86 34.73 18.25 -7.01
N ASN E 87 35.27 17.22 -6.34
CA ASN E 87 36.70 16.97 -6.32
C ASN E 87 37.15 15.89 -7.30
N ILE E 88 36.26 15.33 -8.11
CA ILE E 88 36.59 14.21 -8.98
C ILE E 88 36.66 14.68 -10.43
N THR E 89 37.74 14.31 -11.12
CA THR E 89 37.94 14.62 -12.53
C THR E 89 38.11 13.33 -13.32
N PHE E 90 38.37 13.43 -14.61
CA PHE E 90 38.60 12.23 -15.39
C PHE E 90 39.95 11.63 -15.02
N GLN E 91 40.94 12.45 -14.64
CA GLN E 91 42.17 11.86 -14.16
C GLN E 91 42.01 11.25 -12.77
N ASP E 92 40.85 11.41 -12.16
CA ASP E 92 40.52 10.74 -10.91
C ASP E 92 39.71 9.47 -11.13
N ILE E 93 39.34 9.17 -12.37
CA ILE E 93 38.61 7.96 -12.72
C ILE E 93 39.57 7.05 -13.47
N GLY E 94 39.77 5.85 -12.95
CA GLY E 94 40.68 4.89 -13.55
C GLY E 94 39.96 3.65 -14.04
N GLY E 95 40.59 2.97 -15.00
CA GLY E 95 40.06 1.73 -15.50
C GLY E 95 38.82 1.86 -16.35
N LEU E 96 38.55 3.05 -16.88
CA LEU E 96 37.37 3.25 -17.71
C LEU E 96 37.65 4.11 -18.94
N ASP E 97 38.91 4.15 -19.38
CA ASP E 97 39.32 5.06 -20.46
C ASP E 97 38.54 4.89 -21.76
N PRO E 98 38.28 3.67 -22.30
CA PRO E 98 37.38 3.60 -23.46
C PRO E 98 35.98 4.12 -23.15
N LEU E 99 35.48 3.87 -21.94
CA LEU E 99 34.17 4.39 -21.57
C LEU E 99 34.20 5.90 -21.40
N ILE E 100 35.30 6.46 -20.88
CA ILE E 100 35.43 7.91 -20.81
C ILE E 100 35.44 8.52 -22.20
N SER E 101 36.17 7.90 -23.13
CA SER E 101 36.24 8.42 -24.50
C SER E 101 34.88 8.33 -25.20
N ASP E 102 34.18 7.21 -25.03
CA ASP E 102 32.83 7.09 -25.58
C ASP E 102 31.89 8.10 -24.95
N LEU E 103 32.00 8.30 -23.63
CA LEU E 103 31.20 9.28 -22.92
C LEU E 103 31.41 10.66 -23.51
N HIS E 104 32.67 11.05 -23.71
CA HIS E 104 32.99 12.30 -24.41
C HIS E 104 32.31 12.38 -25.76
N GLU E 105 32.70 11.49 -26.67
CA GLU E 105 32.35 11.59 -28.08
C GLU E 105 30.87 11.46 -28.35
N SER E 106 30.09 10.85 -27.45
CA SER E 106 28.67 10.70 -27.68
C SER E 106 27.79 11.38 -26.64
N VAL E 107 28.37 12.05 -25.65
CA VAL E 107 27.57 12.68 -24.60
C VAL E 107 27.95 14.15 -24.44
N ILE E 108 29.23 14.44 -24.21
CA ILE E 108 29.59 15.81 -23.83
C ILE E 108 29.70 16.68 -25.08
N TYR E 109 30.58 16.30 -26.01
CA TYR E 109 30.75 17.10 -27.22
C TYR E 109 29.48 17.20 -28.07
N PRO E 110 28.66 16.16 -28.28
CA PRO E 110 27.37 16.41 -28.94
C PRO E 110 26.45 17.35 -28.19
N LEU E 111 26.66 17.54 -26.88
CA LEU E 111 25.85 18.48 -26.12
C LEU E 111 26.55 19.83 -25.97
N MET E 112 27.83 19.81 -25.59
CA MET E 112 28.52 21.04 -25.22
C MET E 112 28.88 21.91 -26.42
N MET E 113 29.20 21.30 -27.56
CA MET E 113 29.63 22.05 -28.75
C MET E 113 28.74 21.68 -29.94
N PRO E 114 27.59 22.35 -30.09
CA PRO E 114 26.66 21.98 -31.17
C PRO E 114 27.06 22.54 -32.52
N GLU E 115 27.65 23.74 -32.56
CA GLU E 115 28.03 24.34 -33.83
C GLU E 115 29.16 23.55 -34.49
N VAL E 116 29.91 22.78 -33.71
CA VAL E 116 30.81 21.79 -34.27
C VAL E 116 30.01 20.71 -34.99
N TYR E 117 28.91 20.26 -34.42
CA TYR E 117 28.16 19.14 -35.02
C TYR E 117 26.97 19.58 -35.86
N SER E 118 26.86 20.87 -36.16
CA SER E 118 25.73 21.41 -36.91
C SER E 118 25.73 20.96 -38.36
N ASN E 119 26.76 20.25 -38.80
CA ASN E 119 26.85 19.78 -40.17
C ASN E 119 25.70 18.84 -40.50
N SER E 120 25.47 17.88 -39.63
CA SER E 120 24.42 16.89 -39.85
C SER E 120 23.36 16.99 -38.75
N PRO E 121 22.08 16.79 -39.09
CA PRO E 121 21.02 16.90 -38.07
C PRO E 121 20.97 15.73 -37.11
N LEU E 122 21.73 14.66 -37.36
CA LEU E 122 21.70 13.46 -36.54
C LEU E 122 23.04 13.29 -35.82
N LEU E 123 23.68 14.41 -35.49
CA LEU E 123 24.93 14.41 -34.74
C LEU E 123 24.79 15.12 -33.39
N GLN E 124 23.58 15.28 -32.88
CA GLN E 124 23.33 16.10 -31.71
C GLN E 124 23.28 15.24 -30.45
N ALA E 125 22.94 15.88 -29.33
CA ALA E 125 23.03 15.23 -28.03
C ALA E 125 21.91 14.20 -27.88
N PRO E 126 22.13 13.16 -27.09
CA PRO E 126 21.03 12.22 -26.79
C PRO E 126 19.98 12.87 -25.90
N SER E 127 18.78 12.29 -25.96
CA SER E 127 17.70 12.72 -25.07
C SER E 127 17.96 12.32 -23.63
N GLY E 128 18.74 11.26 -23.41
CA GLY E 128 19.07 10.84 -22.06
C GLY E 128 20.18 9.82 -22.07
N VAL E 129 20.89 9.75 -20.94
CA VAL E 129 22.02 8.85 -20.78
C VAL E 129 21.83 8.07 -19.48
N LEU E 130 22.05 6.76 -19.57
CA LEU E 130 21.97 5.91 -18.40
C LEU E 130 23.29 5.31 -18.06
N LEU E 131 23.67 5.39 -16.80
CA LEU E 131 24.88 4.72 -16.32
C LEU E 131 24.43 3.57 -15.43
N TYR E 132 24.53 2.35 -15.93
CA TYR E 132 24.08 1.16 -15.23
C TYR E 132 25.20 0.15 -15.11
N GLY E 133 25.18 -0.60 -14.01
CA GLY E 133 26.18 -1.62 -13.78
C GLY E 133 26.18 -2.14 -12.36
N PRO E 134 27.09 -3.06 -12.06
CA PRO E 134 27.20 -3.58 -10.69
C PRO E 134 27.68 -2.49 -9.75
N PRO E 135 27.45 -2.65 -8.44
CA PRO E 135 27.78 -1.59 -7.49
C PRO E 135 29.27 -1.28 -7.42
N GLY E 136 29.56 0.00 -7.18
CA GLY E 136 30.92 0.45 -6.95
C GLY E 136 31.86 0.34 -8.13
N CYS E 137 31.41 0.70 -9.32
CA CYS E 137 32.25 0.62 -10.50
C CYS E 137 32.60 1.97 -11.09
N GLY E 138 32.06 3.06 -10.56
CA GLY E 138 32.48 4.40 -10.95
C GLY E 138 31.37 5.36 -11.31
N LYS E 139 30.12 4.92 -11.39
CA LYS E 139 29.04 5.69 -12.00
C LYS E 139 28.83 7.03 -11.30
N THR E 140 28.93 7.10 -9.98
CA THR E 140 28.75 8.42 -9.38
C THR E 140 29.95 9.30 -9.64
N MET E 141 31.17 8.76 -9.68
CA MET E 141 32.26 9.62 -10.11
C MET E 141 32.16 9.98 -11.58
N LEU E 142 31.55 9.12 -12.40
CA LEU E 142 31.22 9.52 -13.76
C LEU E 142 30.33 10.75 -13.76
N ALA E 143 29.31 10.75 -12.90
CA ALA E 143 28.45 11.93 -12.77
C ALA E 143 29.22 13.14 -12.23
N LYS E 144 30.08 12.91 -11.23
CA LYS E 144 30.85 14.00 -10.64
C LYS E 144 31.75 14.66 -11.68
N ALA E 145 32.44 13.86 -12.49
CA ALA E 145 33.32 14.43 -13.49
C ALA E 145 32.55 14.94 -14.70
N LEU E 146 31.31 14.48 -14.90
CA LEU E 146 30.42 15.15 -15.86
C LEU E 146 30.07 16.54 -15.39
N ALA E 147 29.82 16.70 -14.09
CA ALA E 147 29.63 18.04 -13.54
C ALA E 147 30.93 18.85 -13.55
N LYS E 148 32.07 18.18 -13.54
CA LYS E 148 33.37 18.87 -13.51
C LYS E 148 33.81 19.35 -14.89
N GLU E 149 34.07 18.41 -15.80
CA GLU E 149 34.57 18.77 -17.11
C GLU E 149 33.54 19.38 -18.07
N SER E 150 32.36 18.79 -18.17
CA SER E 150 31.33 19.28 -19.07
C SER E 150 30.73 20.56 -18.51
N GLY E 151 30.67 21.60 -19.34
CA GLY E 151 30.27 22.91 -18.88
C GLY E 151 28.77 23.09 -18.77
N ALA E 152 28.02 22.01 -19.00
CA ALA E 152 26.57 22.06 -18.88
C ALA E 152 26.16 22.34 -17.44
N ASN E 153 25.11 23.15 -17.30
CA ASN E 153 24.63 23.56 -15.98
C ASN E 153 24.00 22.35 -15.31
N PHE E 154 24.84 21.62 -14.58
CA PHE E 154 24.43 20.36 -13.97
C PHE E 154 23.38 20.43 -12.91
N ILE E 155 22.33 19.66 -13.11
CA ILE E 155 21.28 19.58 -12.10
C ILE E 155 21.25 18.17 -11.51
N SER E 156 21.73 18.01 -10.29
CA SER E 156 21.60 16.75 -9.57
C SER E 156 20.50 16.94 -8.53
N ILE E 157 19.39 16.27 -8.74
CA ILE E 157 18.23 16.36 -7.86
C ILE E 157 17.92 14.98 -7.32
N ARG E 158 17.24 14.95 -6.18
CA ARG E 158 16.87 13.71 -5.51
C ARG E 158 15.37 13.69 -5.27
N MET E 159 14.87 12.64 -4.64
CA MET E 159 13.44 12.53 -4.44
C MET E 159 12.92 13.53 -3.41
N SER E 160 13.74 13.92 -2.44
CA SER E 160 13.28 14.86 -1.42
C SER E 160 12.88 16.20 -2.01
N SER E 161 13.51 16.60 -3.12
CA SER E 161 13.19 17.87 -3.74
C SER E 161 12.10 17.77 -4.80
N ILE E 162 11.69 16.55 -5.17
CA ILE E 162 10.66 16.38 -6.19
C ILE E 162 9.33 16.10 -5.52
N MET E 163 9.25 15.00 -4.77
CA MET E 163 7.98 14.57 -4.21
C MET E 163 7.62 15.44 -3.01
N ASP E 164 6.41 16.00 -3.05
CA ASP E 164 5.93 16.90 -2.02
C ASP E 164 4.64 16.35 -1.43
N LYS E 165 4.30 16.89 -0.26
CA LYS E 165 3.10 16.45 0.44
C LYS E 165 1.84 16.88 -0.28
N TRP E 166 1.79 18.13 -0.74
CA TRP E 166 0.56 18.72 -1.23
C TRP E 166 0.22 18.18 -2.62
N TYR E 167 -1.06 18.30 -2.98
CA TYR E 167 -1.55 17.72 -4.22
C TYR E 167 -1.09 18.55 -5.42
N GLY E 168 -0.45 17.89 -6.37
CA GLY E 168 -0.05 18.52 -7.61
C GLY E 168 1.16 19.42 -7.52
N GLU E 169 1.78 19.57 -6.35
CA GLU E 169 3.02 20.34 -6.27
C GLU E 169 4.16 19.62 -6.96
N SER E 170 4.22 18.29 -6.87
CA SER E 170 5.38 17.57 -7.38
C SER E 170 5.41 17.56 -8.91
N ASN E 171 4.25 17.51 -9.56
CA ASN E 171 4.18 17.67 -11.01
C ASN E 171 4.67 19.06 -11.43
N LYS E 172 4.28 20.09 -10.68
CA LYS E 172 4.76 21.43 -10.96
C LYS E 172 6.26 21.54 -10.74
N ILE E 173 6.79 20.81 -9.75
CA ILE E 173 8.23 20.77 -9.52
C ILE E 173 8.96 20.14 -10.71
N VAL E 174 8.40 19.06 -11.26
CA VAL E 174 8.99 18.45 -12.46
C VAL E 174 8.94 19.41 -13.66
N ASP E 175 7.78 20.04 -13.88
CA ASP E 175 7.66 20.97 -14.99
C ASP E 175 8.61 22.15 -14.84
N ALA E 176 8.77 22.64 -13.62
CA ALA E 176 9.72 23.72 -13.36
C ALA E 176 11.16 23.25 -13.57
N MET E 177 11.46 22.01 -13.19
CA MET E 177 12.79 21.44 -13.43
C MET E 177 13.13 21.47 -14.91
N PHE E 178 12.24 20.96 -15.75
CA PHE E 178 12.57 20.91 -17.16
C PHE E 178 12.51 22.29 -17.78
N SER E 179 11.60 23.16 -17.35
CA SER E 179 11.60 24.52 -17.87
C SER E 179 12.90 25.24 -17.53
N LEU E 180 13.41 25.05 -16.31
CA LEU E 180 14.70 25.59 -15.93
C LEU E 180 15.82 25.01 -16.79
N ALA E 181 15.77 23.71 -17.06
CA ALA E 181 16.76 23.11 -17.94
C ALA E 181 16.70 23.70 -19.34
N ASN E 182 15.50 23.98 -19.84
CA ASN E 182 15.36 24.67 -21.11
C ASN E 182 15.92 26.09 -21.05
N LYS E 183 15.74 26.77 -19.91
CA LYS E 183 16.30 28.11 -19.75
C LYS E 183 17.82 28.06 -19.71
N LEU E 184 18.38 27.16 -18.90
CA LEU E 184 19.82 26.93 -18.86
C LEU E 184 20.16 25.96 -19.99
N GLN E 185 20.26 26.51 -21.21
CA GLN E 185 20.16 25.73 -22.43
C GLN E 185 21.14 24.56 -22.53
N PRO E 186 22.46 24.70 -22.23
CA PRO E 186 23.27 23.48 -22.06
C PRO E 186 23.11 22.97 -20.64
N CYS E 187 22.40 21.85 -20.50
CA CYS E 187 22.04 21.36 -19.18
C CYS E 187 22.14 19.85 -19.12
N ILE E 188 22.40 19.35 -17.91
CA ILE E 188 22.32 17.93 -17.61
C ILE E 188 21.50 17.77 -16.34
N ILE E 189 20.38 17.06 -16.42
CA ILE E 189 19.55 16.79 -15.27
C ILE E 189 19.89 15.40 -14.77
N PHE E 190 20.36 15.28 -13.53
CA PHE E 190 20.82 14.01 -12.98
C PHE E 190 20.01 13.48 -11.81
N ILE E 191 19.28 12.40 -12.03
CA ILE E 191 18.51 11.72 -10.99
C ILE E 191 19.40 10.58 -10.52
N ASP E 192 20.08 10.76 -9.40
CA ASP E 192 20.89 9.69 -8.86
C ASP E 192 20.01 8.58 -8.32
N GLN E 193 20.45 7.34 -8.55
CA GLN E 193 19.70 6.13 -8.20
C GLN E 193 18.33 6.16 -8.85
N ILE E 194 18.35 6.18 -10.18
CA ILE E 194 17.18 6.55 -10.97
C ILE E 194 16.19 5.40 -11.11
N ASP E 195 16.56 4.18 -10.73
CA ASP E 195 15.66 3.04 -10.86
C ASP E 195 14.40 3.21 -10.02
N SER E 196 14.54 3.74 -8.81
CA SER E 196 13.39 3.92 -7.93
C SER E 196 12.39 4.90 -8.51
N PHE E 197 12.91 5.94 -9.18
CA PHE E 197 12.07 6.95 -9.81
C PHE E 197 11.43 6.42 -11.08
N LEU E 198 12.16 5.59 -11.82
CA LEU E 198 11.62 5.04 -13.05
C LEU E 198 11.19 3.57 -12.91
N ARG E 199 10.55 3.23 -11.80
CA ARG E 199 10.17 1.83 -11.57
C ARG E 199 9.07 1.29 -12.47
N GLU E 200 9.04 -0.01 -12.67
CA GLU E 200 8.03 -0.61 -13.51
C GLU E 200 6.67 -0.07 -13.10
N ARG E 201 5.99 0.63 -13.99
CA ARG E 201 4.70 1.20 -13.71
C ARG E 201 3.70 0.10 -13.39
N SER E 202 2.72 0.40 -12.57
CA SER E 202 1.68 -0.55 -12.24
C SER E 202 0.40 0.20 -11.89
N SER E 203 -0.73 -0.51 -12.00
CA SER E 203 -2.01 0.07 -11.61
C SER E 203 -2.16 0.22 -10.11
N THR E 204 -1.24 -0.38 -9.35
CA THR E 204 -1.27 -0.29 -7.89
C THR E 204 -0.32 0.78 -7.38
N ASP E 205 0.18 1.63 -8.27
CA ASP E 205 1.05 2.72 -7.86
C ASP E 205 0.23 3.80 -7.16
N HIS E 206 0.93 4.66 -6.43
CA HIS E 206 0.29 5.83 -5.88
C HIS E 206 -0.02 6.81 -7.01
N GLU E 207 -1.16 7.51 -6.89
CA GLU E 207 -1.60 8.39 -7.97
C GLU E 207 -0.60 9.51 -8.22
N VAL E 208 -0.14 10.18 -7.17
CA VAL E 208 0.84 11.24 -7.35
C VAL E 208 2.12 10.69 -7.97
N THR E 209 2.53 9.49 -7.57
CA THR E 209 3.68 8.84 -8.18
C THR E 209 3.44 8.57 -9.66
N ALA E 210 2.25 8.10 -10.02
CA ALA E 210 1.97 7.73 -11.42
C ALA E 210 1.91 8.97 -12.30
N THR E 211 1.22 10.01 -11.85
CA THR E 211 1.14 11.25 -12.61
C THR E 211 2.49 11.92 -12.66
N LEU E 212 3.28 11.77 -11.62
CA LEU E 212 4.64 12.30 -11.62
C LEU E 212 5.51 11.62 -12.66
N LYS E 213 5.39 10.29 -12.76
CA LYS E 213 6.11 9.55 -13.79
C LYS E 213 5.66 9.98 -15.18
N ALA E 214 4.35 10.18 -15.36
CA ALA E 214 3.84 10.60 -16.66
C ALA E 214 4.30 12.02 -17.02
N GLU E 215 4.28 12.93 -16.04
CA GLU E 215 4.85 14.26 -16.24
C GLU E 215 6.31 14.18 -16.65
N PHE E 216 7.10 13.35 -15.98
CA PHE E 216 8.52 13.25 -16.27
C PHE E 216 8.72 12.76 -17.69
N MET E 217 8.09 11.64 -18.02
CA MET E 217 8.20 11.11 -19.37
C MET E 217 7.75 12.10 -20.43
N THR E 218 6.65 12.82 -20.18
CA THR E 218 6.17 13.79 -21.15
C THR E 218 7.17 14.92 -21.34
N LEU E 219 7.83 15.34 -20.27
CA LEU E 219 8.81 16.40 -20.45
C LEU E 219 10.09 15.86 -21.11
N TRP E 220 10.32 14.56 -21.02
CA TRP E 220 11.48 13.94 -21.65
C TRP E 220 11.31 13.79 -23.17
N ASP E 221 10.16 13.30 -23.66
CA ASP E 221 9.96 13.06 -25.08
C ASP E 221 8.52 13.33 -25.48
N GLY E 222 8.03 14.51 -25.10
CA GLY E 222 6.73 14.97 -25.50
C GLY E 222 6.77 15.85 -26.73
N LEU E 223 5.74 16.68 -26.88
CA LEU E 223 5.64 17.53 -28.06
C LEU E 223 6.57 18.73 -27.98
N LEU E 224 6.51 19.46 -26.86
CA LEU E 224 7.45 20.54 -26.62
C LEU E 224 8.78 19.90 -26.23
N ASN E 225 9.55 19.54 -27.27
CA ASN E 225 10.81 18.86 -27.06
C ASN E 225 11.82 19.77 -26.36
N ASN E 226 12.64 19.16 -25.52
CA ASN E 226 13.62 19.92 -24.76
C ASN E 226 14.70 20.46 -25.69
N GLY E 227 15.10 21.71 -25.47
CA GLY E 227 16.14 22.31 -26.27
C GLY E 227 17.51 22.05 -25.69
N ARG E 228 18.21 21.06 -26.27
CA ARG E 228 19.56 20.68 -25.83
C ARG E 228 19.61 20.31 -24.36
N VAL E 229 18.64 19.52 -23.90
CA VAL E 229 18.57 19.12 -22.51
C VAL E 229 18.75 17.62 -22.44
N MET E 230 19.72 17.19 -21.63
CA MET E 230 20.09 15.79 -21.52
C MET E 230 19.69 15.28 -20.15
N ILE E 231 19.22 14.04 -20.09
CA ILE E 231 18.79 13.51 -18.81
C ILE E 231 19.73 12.36 -18.46
N ILE E 232 20.75 12.65 -17.68
CA ILE E 232 21.74 11.64 -17.34
C ILE E 232 21.31 10.99 -16.04
N GLY E 233 21.28 9.67 -16.03
CA GLY E 233 20.85 8.94 -14.86
C GLY E 233 21.80 7.81 -14.54
N ALA E 234 21.99 7.58 -13.25
CA ALA E 234 22.79 6.48 -12.76
C ALA E 234 21.89 5.47 -12.07
N THR E 235 22.13 4.19 -12.34
CA THR E 235 21.33 3.16 -11.70
C THR E 235 22.15 1.90 -11.50
N ASN E 236 21.72 1.09 -10.53
CA ASN E 236 22.41 -0.16 -10.25
C ASN E 236 21.65 -1.28 -10.93
N ARG E 237 20.31 -1.24 -10.84
CA ARG E 237 19.52 -2.29 -11.44
C ARG E 237 18.76 -1.72 -12.64
N ILE E 238 19.24 -2.03 -13.85
CA ILE E 238 18.57 -1.56 -15.06
C ILE E 238 17.22 -2.23 -15.27
N ASN E 239 17.03 -3.43 -14.70
CA ASN E 239 15.82 -4.20 -14.98
C ASN E 239 14.59 -3.57 -14.35
N ASP E 240 14.75 -2.92 -13.20
CA ASP E 240 13.63 -2.28 -12.53
C ASP E 240 13.11 -1.05 -13.26
N ILE E 241 13.85 -0.55 -14.24
CA ILE E 241 13.41 0.63 -14.99
C ILE E 241 12.31 0.21 -15.97
N ASP E 242 11.28 1.05 -16.06
CA ASP E 242 10.18 0.80 -16.99
C ASP E 242 10.67 0.88 -18.43
N ASP E 243 9.97 0.15 -19.31
CA ASP E 243 10.44 0.04 -20.70
C ASP E 243 10.33 1.37 -21.44
N ALA E 244 9.29 2.15 -21.17
CA ALA E 244 9.18 3.46 -21.80
C ALA E 244 10.27 4.40 -21.31
N PHE E 245 10.51 4.39 -20.01
CA PHE E 245 11.55 5.22 -19.42
C PHE E 245 12.91 4.84 -19.99
N LEU E 246 13.17 3.55 -20.13
CA LEU E 246 14.43 3.10 -20.72
C LEU E 246 14.48 3.43 -22.18
N ARG E 247 13.32 3.49 -22.84
CA ARG E 247 13.31 3.68 -24.27
C ARG E 247 13.81 5.08 -24.61
N ARG E 248 13.41 6.04 -23.76
CA ARG E 248 13.78 7.45 -23.88
C ARG E 248 15.03 7.80 -23.10
N LEU E 249 15.76 6.78 -22.68
CA LEU E 249 17.05 6.90 -22.00
C LEU E 249 18.06 6.07 -22.82
N PRO E 250 18.36 6.45 -24.09
CA PRO E 250 18.86 5.45 -25.03
C PRO E 250 20.38 5.29 -25.09
N LYS E 251 21.11 6.27 -24.60
CA LYS E 251 22.56 6.19 -24.45
C LYS E 251 22.90 5.55 -23.13
N ARG E 252 23.05 4.22 -23.12
CA ARG E 252 23.28 3.50 -21.89
C ARG E 252 24.66 2.85 -21.89
N PHE E 253 25.40 3.06 -20.79
CA PHE E 253 26.76 2.60 -20.61
C PHE E 253 26.83 1.51 -19.56
N LEU E 254 27.44 0.39 -19.89
CA LEU E 254 27.67 -0.68 -18.92
C LEU E 254 28.97 -0.39 -18.16
N VAL E 255 28.83 0.19 -16.97
CA VAL E 255 30.00 0.42 -16.10
C VAL E 255 30.12 -0.86 -15.27
N SER E 256 30.80 -1.85 -15.86
CA SER E 256 30.80 -3.20 -15.32
C SER E 256 31.90 -3.37 -14.27
N LEU E 257 31.98 -4.58 -13.72
CA LEU E 257 33.03 -4.89 -12.75
C LEU E 257 34.40 -4.80 -13.43
N PRO E 258 35.40 -4.26 -12.73
CA PRO E 258 36.69 -4.02 -13.39
C PRO E 258 37.45 -5.31 -13.63
N GLY E 259 38.06 -5.40 -14.81
CA GLY E 259 38.94 -6.50 -15.14
C GLY E 259 40.36 -6.22 -14.68
N SER E 260 41.27 -7.09 -15.11
CA SER E 260 42.65 -7.02 -14.64
C SER E 260 43.30 -5.69 -15.01
N ASP E 261 43.14 -5.26 -16.27
CA ASP E 261 43.61 -3.94 -16.67
C ASP E 261 42.89 -2.84 -15.89
N GLN E 262 41.58 -2.98 -15.72
CA GLN E 262 40.81 -1.93 -15.05
C GLN E 262 41.16 -1.87 -13.56
N ARG E 263 41.30 -3.03 -12.91
CA ARG E 263 41.73 -3.07 -11.52
C ARG E 263 43.14 -2.51 -11.34
N TYR E 264 44.02 -2.72 -12.32
CA TYR E 264 45.35 -2.13 -12.27
C TYR E 264 45.22 -0.63 -12.30
N LYS E 265 44.49 -0.10 -13.30
CA LYS E 265 44.39 1.34 -13.43
C LYS E 265 43.70 1.98 -12.23
N ILE E 266 42.71 1.30 -11.65
CA ILE E 266 42.03 1.81 -10.46
C ILE E 266 42.99 1.83 -9.26
N LEU E 267 43.74 0.77 -9.06
CA LEU E 267 44.60 0.73 -7.90
C LEU E 267 45.60 1.86 -8.03
N SER E 268 46.13 2.05 -9.23
CA SER E 268 47.10 3.10 -9.45
C SER E 268 46.48 4.48 -9.24
N VAL E 269 45.27 4.68 -9.74
CA VAL E 269 44.60 5.97 -9.58
C VAL E 269 44.34 6.27 -8.11
N LEU E 270 43.98 5.26 -7.33
CA LEU E 270 43.66 5.49 -5.92
C LEU E 270 44.90 5.81 -5.10
N LEU E 271 46.04 5.23 -5.45
CA LEU E 271 47.24 5.30 -4.63
C LEU E 271 48.11 6.52 -4.89
N LYS E 272 47.60 7.46 -5.66
CA LYS E 272 48.33 8.70 -5.86
C LYS E 272 48.34 9.50 -4.57
N ASP E 273 49.27 10.44 -4.44
CA ASP E 273 49.41 11.29 -3.26
C ASP E 273 49.71 10.49 -2.00
N THR E 274 50.04 9.21 -2.15
CA THR E 274 50.55 8.36 -1.09
C THR E 274 51.89 7.82 -1.56
N LYS E 275 52.79 7.60 -0.61
CA LYS E 275 54.17 7.24 -0.96
C LYS E 275 54.33 5.72 -0.94
N LEU E 276 54.72 5.15 -2.08
CA LEU E 276 54.79 3.72 -2.29
C LEU E 276 56.23 3.23 -2.09
N ASP E 277 56.48 1.97 -2.42
CA ASP E 277 57.78 1.35 -2.24
C ASP E 277 58.40 1.04 -3.60
N GLU E 278 59.71 0.94 -3.66
CA GLU E 278 60.39 0.73 -4.93
C GLU E 278 60.43 -0.73 -5.33
N ASP E 279 60.99 -1.57 -4.46
CA ASP E 279 61.15 -2.96 -4.84
C ASP E 279 60.21 -3.93 -4.14
N GLU E 280 60.02 -3.77 -2.84
CA GLU E 280 59.21 -4.72 -2.09
C GLU E 280 57.72 -4.61 -2.41
N PHE E 281 57.38 -3.78 -3.39
CA PHE E 281 56.00 -3.61 -3.78
C PHE E 281 55.73 -3.97 -5.24
N ASP E 282 54.83 -4.93 -5.45
CA ASP E 282 54.43 -5.30 -6.80
C ASP E 282 52.92 -5.21 -6.88
N LEU E 283 52.42 -4.20 -7.60
CA LEU E 283 51.00 -3.90 -7.58
C LEU E 283 50.22 -4.78 -8.56
N GLN E 284 50.91 -5.34 -9.56
CA GLN E 284 50.23 -6.11 -10.59
C GLN E 284 49.51 -7.32 -10.06
N LEU E 285 50.22 -8.11 -9.25
CA LEU E 285 49.62 -9.28 -8.63
C LEU E 285 48.44 -8.86 -7.80
N ILE E 286 48.56 -7.72 -7.12
CA ILE E 286 47.47 -7.27 -6.24
C ILE E 286 46.25 -6.93 -7.07
N ALA E 287 46.44 -6.26 -8.18
CA ALA E 287 45.32 -5.96 -9.06
C ALA E 287 44.61 -7.24 -9.46
N ASP E 288 45.36 -8.22 -9.95
CA ASP E 288 44.72 -9.47 -10.38
C ASP E 288 44.43 -10.46 -9.26
N ASN E 289 44.76 -10.09 -8.03
CA ASN E 289 44.41 -10.95 -6.92
C ASN E 289 43.03 -10.61 -6.45
N THR E 290 42.56 -9.40 -6.77
CA THR E 290 41.25 -9.05 -6.22
C THR E 290 40.17 -9.58 -7.16
N LYS E 291 39.80 -10.84 -6.96
CA LYS E 291 38.89 -11.52 -7.87
C LYS E 291 37.47 -10.99 -7.70
N GLY E 292 37.03 -10.16 -8.64
CA GLY E 292 35.68 -9.65 -8.65
C GLY E 292 35.41 -8.48 -7.74
N PHE E 293 36.46 -7.89 -7.18
CA PHE E 293 36.30 -6.74 -6.31
C PHE E 293 35.91 -5.51 -7.11
N SER E 294 34.93 -4.76 -6.64
CA SER E 294 34.56 -3.51 -7.28
C SER E 294 35.56 -2.42 -6.96
N GLY E 295 35.34 -1.23 -7.53
CA GLY E 295 36.25 -0.13 -7.31
C GLY E 295 36.29 0.34 -5.87
N SER E 296 35.14 0.39 -5.21
CA SER E 296 35.10 0.85 -3.83
C SER E 296 35.62 -0.22 -2.87
N ASP E 297 35.55 -1.48 -3.31
CA ASP E 297 36.11 -2.54 -2.48
C ASP E 297 37.61 -2.38 -2.51
N LEU E 298 38.13 -1.88 -3.62
CA LEU E 298 39.56 -1.62 -3.70
C LEU E 298 39.85 -0.41 -2.85
N LYS E 299 39.00 0.61 -2.91
CA LYS E 299 39.19 1.80 -2.08
C LYS E 299 39.30 1.46 -0.61
N GLU E 300 38.38 0.62 -0.10
CA GLU E 300 38.42 0.27 1.31
C GLU E 300 39.65 -0.55 1.65
N LEU E 301 40.03 -1.51 0.81
CA LEU E 301 41.25 -2.29 1.08
C LEU E 301 42.49 -1.42 1.04
N CYS E 302 42.52 -0.44 0.16
CA CYS E 302 43.64 0.49 0.11
C CYS E 302 43.69 1.36 1.36
N ARG E 303 42.53 1.81 1.85
CA ARG E 303 42.50 2.57 3.11
C ARG E 303 43.02 1.73 4.26
N GLU E 304 42.51 0.50 4.39
CA GLU E 304 42.87 -0.35 5.52
C GLU E 304 44.36 -0.65 5.51
N ALA E 305 44.92 -0.90 4.34
CA ALA E 305 46.36 -1.07 4.22
C ALA E 305 47.14 0.20 4.46
N ALA E 306 46.60 1.37 4.08
CA ALA E 306 47.26 2.62 4.41
C ALA E 306 47.34 2.83 5.92
N LEU E 307 46.26 2.50 6.63
CA LEU E 307 46.28 2.56 8.09
C LEU E 307 47.27 1.54 8.65
N ASP E 308 47.28 0.33 8.09
CA ASP E 308 48.14 -0.73 8.59
C ASP E 308 49.62 -0.44 8.31
N ALA E 309 49.89 0.41 7.31
CA ALA E 309 51.27 0.81 7.05
C ALA E 309 51.65 2.04 7.86
N ALA E 310 50.70 2.92 8.14
CA ALA E 310 50.93 4.11 8.94
C ALA E 310 50.77 3.85 10.42
N LYS E 311 50.66 2.58 10.82
CA LYS E 311 50.49 2.23 12.23
C LYS E 311 51.50 2.91 13.14
N GLU E 312 52.75 3.03 12.69
CA GLU E 312 53.74 3.74 13.49
C GLU E 312 53.44 5.24 13.54
N TYR E 313 52.87 5.80 12.50
CA TYR E 313 52.46 7.21 12.56
C TYR E 313 51.35 7.37 13.59
N ILE E 314 50.35 6.49 13.61
CA ILE E 314 49.34 6.54 14.68
C ILE E 314 50.00 6.50 16.06
N LYS E 315 50.94 5.57 16.24
CA LYS E 315 51.58 5.43 17.55
C LYS E 315 52.40 6.67 17.90
N GLN E 316 53.09 7.25 16.92
CA GLN E 316 53.91 8.43 17.15
C GLN E 316 53.06 9.63 17.52
N LYS E 317 51.97 9.87 16.78
CA LYS E 317 51.13 11.00 17.16
C LYS E 317 50.25 10.72 18.37
N ARG E 318 50.14 9.46 18.79
CA ARG E 318 49.57 9.17 20.10
C ARG E 318 50.55 9.48 21.22
N GLN E 319 51.85 9.34 20.97
CA GLN E 319 52.86 9.67 21.98
C GLN E 319 53.49 11.04 21.80
N LEU E 320 53.04 11.83 20.82
CA LEU E 320 53.66 13.11 20.52
C LEU E 320 52.62 14.22 20.41
N LYS E 335 58.19 8.69 9.24
CA LYS E 335 57.42 8.85 8.01
C LYS E 335 56.35 7.78 7.89
N ILE E 336 55.47 7.95 6.90
CA ILE E 336 54.61 6.87 6.47
C ILE E 336 55.51 5.76 5.90
N ARG E 337 55.20 4.53 6.29
CA ARG E 337 55.91 3.39 5.77
C ARG E 337 55.59 3.23 4.25
N PRO E 338 56.61 3.07 3.34
CA PRO E 338 56.27 2.84 1.93
C PRO E 338 55.27 1.71 1.79
N LEU E 339 54.17 2.01 1.10
CA LEU E 339 53.05 1.07 0.98
C LEU E 339 53.51 -0.10 0.12
N LYS E 340 53.95 -1.18 0.75
CA LYS E 340 54.44 -2.35 0.04
C LYS E 340 53.46 -3.51 0.20
N THR E 341 53.84 -4.63 -0.40
CA THR E 341 52.94 -5.76 -0.64
C THR E 341 52.44 -6.42 0.65
N LYS E 342 53.11 -6.19 1.79
CA LYS E 342 52.76 -6.89 3.02
C LYS E 342 51.32 -6.60 3.46
N ASP E 343 50.93 -5.32 3.45
CA ASP E 343 49.61 -4.94 3.96
C ASP E 343 48.48 -5.49 3.09
N PHE E 344 48.55 -5.24 1.79
CA PHE E 344 47.53 -5.73 0.89
C PHE E 344 47.46 -7.25 0.96
N THR E 345 48.61 -7.90 0.89
CA THR E 345 48.63 -9.37 0.91
C THR E 345 48.04 -9.94 2.20
N LYS E 346 48.49 -9.47 3.37
CA LYS E 346 47.98 -10.06 4.60
C LYS E 346 46.48 -9.86 4.71
N LYS E 347 45.95 -8.86 4.01
CA LYS E 347 44.51 -8.54 4.10
C LYS E 347 43.72 -9.39 3.13
N LEU E 348 43.84 -9.09 1.84
CA LEU E 348 43.10 -9.83 0.83
C LEU E 348 43.64 -11.25 0.78
N ARG E 349 42.74 -12.23 0.87
CA ARG E 349 43.15 -13.62 0.95
C ARG E 349 43.08 -14.24 -0.44
N MET E 350 44.00 -13.76 -1.29
CA MET E 350 44.32 -14.23 -2.63
C MET E 350 43.79 -15.59 -3.09
N ARG F 44 -19.26 37.60 -15.69
CA ARG F 44 -19.57 38.09 -17.04
C ARG F 44 -20.33 37.05 -17.86
N GLU F 45 -19.59 36.04 -18.33
CA GLU F 45 -20.24 34.92 -19.02
C GLU F 45 -21.18 34.18 -18.07
N SER F 46 -20.77 34.05 -16.81
CA SER F 46 -21.65 33.46 -15.80
C SER F 46 -22.89 34.31 -15.60
N LYS F 47 -22.74 35.64 -15.57
CA LYS F 47 -23.90 36.52 -15.41
C LYS F 47 -24.83 36.43 -16.61
N ALA F 48 -24.28 36.40 -17.82
CA ALA F 48 -25.11 36.25 -19.01
C ALA F 48 -25.85 34.91 -19.01
N LYS F 49 -25.16 33.84 -18.62
CA LYS F 49 -25.81 32.53 -18.54
C LYS F 49 -26.90 32.52 -17.49
N GLN F 50 -26.65 33.14 -16.32
CA GLN F 50 -27.66 33.22 -15.27
C GLN F 50 -28.89 33.97 -15.76
N SER F 51 -28.67 35.13 -16.40
CA SER F 51 -29.79 35.93 -16.88
C SER F 51 -30.57 35.21 -17.98
N LEU F 52 -29.86 34.55 -18.90
CA LEU F 52 -30.51 33.82 -19.98
C LEU F 52 -31.33 32.65 -19.44
N GLN F 53 -30.74 31.87 -18.55
CA GLN F 53 -31.43 30.71 -18.00
C GLN F 53 -32.60 31.16 -17.16
N TRP F 54 -32.44 32.25 -16.41
CA TRP F 54 -33.56 32.79 -15.63
C TRP F 54 -34.71 33.25 -16.52
N GLU F 55 -34.43 34.11 -17.51
CA GLU F 55 -35.53 34.60 -18.33
C GLU F 55 -36.24 33.46 -19.04
N LYS F 56 -35.49 32.45 -19.47
CA LYS F 56 -36.10 31.31 -20.14
C LYS F 56 -36.96 30.50 -19.14
N LEU F 57 -36.49 30.40 -17.90
CA LEU F 57 -37.27 29.70 -16.89
C LEU F 57 -38.57 30.42 -16.56
N VAL F 58 -38.54 31.75 -16.53
CA VAL F 58 -39.76 32.49 -16.25
C VAL F 58 -40.70 32.63 -17.45
N LYS F 59 -40.19 32.45 -18.68
CA LYS F 59 -41.08 32.48 -19.82
C LYS F 59 -41.72 31.13 -20.10
N ARG F 60 -41.10 30.02 -19.71
CA ARG F 60 -41.73 28.70 -19.88
C ARG F 60 -42.76 28.50 -18.79
N SER F 61 -42.40 28.83 -17.56
CA SER F 61 -43.28 28.71 -16.39
C SER F 61 -43.49 30.09 -15.78
N PRO F 62 -44.62 30.75 -16.05
CA PRO F 62 -44.80 32.13 -15.57
C PRO F 62 -44.97 32.27 -14.07
N ALA F 63 -45.18 31.17 -13.36
CA ALA F 63 -45.34 31.21 -11.92
C ALA F 63 -44.02 31.41 -11.19
N LEU F 64 -42.93 31.59 -11.92
CA LEU F 64 -41.63 31.71 -11.27
C LEU F 64 -41.14 33.14 -11.16
N ALA F 65 -42.00 34.10 -11.50
CA ALA F 65 -41.58 35.50 -11.50
C ALA F 65 -41.39 36.14 -10.13
N GLU F 66 -42.35 35.97 -9.22
CA GLU F 66 -42.29 36.63 -7.93
C GLU F 66 -41.14 36.15 -7.06
N VAL F 67 -40.45 35.08 -7.45
CA VAL F 67 -39.40 34.49 -6.65
C VAL F 67 -38.07 35.14 -6.99
N THR F 68 -37.33 35.53 -5.95
CA THR F 68 -35.97 36.06 -6.09
C THR F 68 -34.98 35.06 -5.51
N LEU F 69 -33.70 35.30 -5.78
CA LEU F 69 -32.65 34.36 -5.37
C LEU F 69 -31.50 35.09 -4.68
N ASP F 70 -30.81 34.33 -3.82
CA ASP F 70 -29.53 34.73 -3.27
C ASP F 70 -28.45 34.50 -4.32
N ALA F 71 -27.23 34.99 -4.03
CA ALA F 71 -26.15 34.92 -5.01
C ALA F 71 -25.77 33.47 -5.33
N TYR F 72 -25.65 32.63 -4.31
CA TYR F 72 -25.29 31.23 -4.54
C TYR F 72 -26.38 30.50 -5.32
N GLU F 73 -27.65 30.84 -5.04
CA GLU F 73 -28.75 30.28 -5.82
C GLU F 73 -28.63 30.68 -7.29
N ARG F 74 -28.14 31.89 -7.56
CA ARG F 74 -27.95 32.32 -8.93
C ARG F 74 -26.79 31.57 -9.59
N THR F 75 -25.71 31.32 -8.84
CA THR F 75 -24.63 30.50 -9.39
C THR F 75 -25.10 29.07 -9.69
N ILE F 76 -26.05 28.57 -8.91
CA ILE F 76 -26.64 27.27 -9.24
C ILE F 76 -27.54 27.39 -10.46
N LEU F 77 -28.28 28.49 -10.57
CA LEU F 77 -29.11 28.77 -11.74
C LEU F 77 -28.29 28.81 -13.02
N SER F 78 -27.00 29.16 -12.90
CA SER F 78 -26.11 29.15 -14.06
C SER F 78 -25.91 27.76 -14.66
N SER F 79 -26.29 26.70 -13.94
CA SER F 79 -26.08 25.34 -14.42
C SER F 79 -27.40 24.58 -14.58
N ILE F 80 -28.39 25.22 -15.21
CA ILE F 80 -29.70 24.62 -15.44
C ILE F 80 -29.86 24.33 -16.92
N VAL F 81 -30.27 23.10 -17.23
CA VAL F 81 -30.41 22.65 -18.61
C VAL F 81 -31.88 22.62 -18.96
N THR F 82 -32.16 23.34 -20.04
CA THR F 82 -33.50 23.41 -20.55
C THR F 82 -33.64 22.35 -21.68
N PRO F 83 -34.88 21.98 -22.11
CA PRO F 83 -34.98 20.94 -23.16
C PRO F 83 -34.49 21.37 -24.53
N ASP F 84 -34.49 22.66 -24.85
CA ASP F 84 -34.23 23.10 -26.22
C ASP F 84 -32.76 22.96 -26.61
N GLU F 85 -31.84 22.78 -25.66
CA GLU F 85 -30.43 22.62 -25.97
C GLU F 85 -29.99 21.16 -25.98
N ILE F 86 -30.93 20.22 -25.94
CA ILE F 86 -30.63 18.80 -25.92
C ILE F 86 -31.33 18.14 -27.11
N ASN F 87 -30.57 17.32 -27.83
CA ASN F 87 -31.02 16.73 -29.09
C ASN F 87 -31.52 15.30 -28.96
N ILE F 88 -31.57 14.74 -27.75
CA ILE F 88 -31.92 13.33 -27.57
C ILE F 88 -33.32 13.23 -26.97
N THR F 89 -34.15 12.38 -27.57
CA THR F 89 -35.50 12.10 -27.09
C THR F 89 -35.64 10.61 -26.79
N PHE F 90 -36.84 10.20 -26.38
CA PHE F 90 -37.15 8.79 -26.16
C PHE F 90 -37.27 7.99 -27.45
N GLN F 91 -37.48 8.63 -28.59
CA GLN F 91 -37.33 7.97 -29.87
C GLN F 91 -35.89 7.95 -30.35
N ASP F 92 -34.99 8.62 -29.63
CA ASP F 92 -33.57 8.54 -29.89
C ASP F 92 -32.87 7.51 -29.02
N ILE F 93 -33.59 6.90 -28.08
CA ILE F 93 -33.05 5.87 -27.20
C ILE F 93 -33.65 4.54 -27.64
N GLY F 94 -32.79 3.58 -27.99
CA GLY F 94 -33.23 2.29 -28.46
C GLY F 94 -32.80 1.18 -27.51
N GLY F 95 -33.52 0.07 -27.58
CA GLY F 95 -33.18 -1.10 -26.79
C GLY F 95 -33.41 -0.97 -25.31
N LEU F 96 -34.25 -0.02 -24.89
CA LEU F 96 -34.51 0.16 -23.47
C LEU F 96 -35.99 0.43 -23.19
N ASP F 97 -36.87 0.00 -24.08
CA ASP F 97 -38.30 0.32 -23.97
C ASP F 97 -38.96 -0.11 -22.66
N PRO F 98 -38.76 -1.32 -22.11
CA PRO F 98 -39.28 -1.57 -20.76
C PRO F 98 -38.69 -0.65 -19.71
N LEU F 99 -37.41 -0.31 -19.84
CA LEU F 99 -36.81 0.61 -18.89
C LEU F 99 -37.33 2.03 -19.08
N ILE F 100 -37.61 2.44 -20.33
CA ILE F 100 -38.23 3.74 -20.56
C ILE F 100 -39.63 3.79 -19.94
N SER F 101 -40.40 2.71 -20.11
CA SER F 101 -41.75 2.68 -19.54
C SER F 101 -41.71 2.70 -18.02
N ASP F 102 -40.81 1.92 -17.41
CA ASP F 102 -40.66 1.95 -15.96
C ASP F 102 -40.21 3.33 -15.49
N LEU F 103 -39.28 3.94 -16.23
CA LEU F 103 -38.80 5.28 -15.92
C LEU F 103 -39.96 6.28 -15.91
N HIS F 104 -40.81 6.22 -16.94
CA HIS F 104 -42.03 7.01 -16.96
C HIS F 104 -42.87 6.79 -15.72
N GLU F 105 -43.37 5.56 -15.58
CA GLU F 105 -44.41 5.23 -14.62
C GLU F 105 -43.96 5.39 -13.17
N SER F 106 -42.66 5.36 -12.89
CA SER F 106 -42.21 5.50 -11.51
C SER F 106 -41.31 6.70 -11.28
N VAL F 107 -41.03 7.53 -12.29
CA VAL F 107 -40.14 8.67 -12.13
C VAL F 107 -40.80 9.95 -12.62
N ILE F 108 -41.25 9.97 -13.87
CA ILE F 108 -41.71 11.24 -14.45
C ILE F 108 -43.12 11.55 -14.00
N TYR F 109 -44.07 10.65 -14.31
CA TYR F 109 -45.45 10.89 -13.92
C TYR F 109 -45.67 11.02 -12.42
N PRO F 110 -45.05 10.21 -11.54
CA PRO F 110 -45.16 10.51 -10.10
C PRO F 110 -44.59 11.87 -9.71
N LEU F 111 -43.71 12.45 -10.52
CA LEU F 111 -43.17 13.77 -10.23
C LEU F 111 -43.92 14.86 -11.00
N MET F 112 -44.13 14.65 -12.30
CA MET F 112 -44.64 15.72 -13.14
C MET F 112 -46.13 15.99 -12.94
N MET F 113 -46.92 14.95 -12.65
CA MET F 113 -48.37 15.09 -12.50
C MET F 113 -48.81 14.56 -11.14
N PRO F 114 -48.75 15.39 -10.09
CA PRO F 114 -49.07 14.91 -8.74
C PRO F 114 -50.57 14.82 -8.48
N GLU F 115 -51.36 15.75 -9.04
CA GLU F 115 -52.80 15.74 -8.82
C GLU F 115 -53.45 14.51 -9.44
N VAL F 116 -52.79 13.91 -10.43
CA VAL F 116 -53.18 12.59 -10.90
C VAL F 116 -52.98 11.56 -9.79
N TYR F 117 -51.86 11.63 -9.08
CA TYR F 117 -51.53 10.63 -8.07
C TYR F 117 -51.91 11.02 -6.64
N SER F 118 -52.69 12.09 -6.48
CA SER F 118 -53.07 12.59 -5.17
C SER F 118 -54.04 11.67 -4.44
N ASN F 119 -54.51 10.61 -5.09
CA ASN F 119 -55.47 9.70 -4.47
C ASN F 119 -54.85 8.97 -3.28
N SER F 120 -53.61 8.50 -3.43
CA SER F 120 -52.93 7.81 -2.35
C SER F 120 -51.67 8.55 -1.95
N PRO F 121 -51.33 8.57 -0.66
CA PRO F 121 -50.13 9.30 -0.22
C PRO F 121 -48.83 8.60 -0.56
N LEU F 122 -48.87 7.36 -1.05
CA LEU F 122 -47.69 6.58 -1.34
C LEU F 122 -47.57 6.36 -2.85
N LEU F 123 -48.06 7.31 -3.64
CA LEU F 123 -47.97 7.27 -5.09
C LEU F 123 -47.13 8.42 -5.65
N GLN F 124 -46.30 9.06 -4.84
CA GLN F 124 -45.62 10.27 -5.23
C GLN F 124 -44.20 9.96 -5.73
N ALA F 125 -43.45 11.02 -6.00
CA ALA F 125 -42.16 10.88 -6.65
C ALA F 125 -41.13 10.28 -5.69
N PRO F 126 -40.12 9.57 -6.19
CA PRO F 126 -39.03 9.12 -5.33
C PRO F 126 -38.18 10.28 -4.86
N SER F 127 -37.48 10.04 -3.75
CA SER F 127 -36.52 11.02 -3.25
C SER F 127 -35.28 11.10 -4.15
N GLY F 128 -34.97 10.03 -4.87
CA GLY F 128 -33.83 10.05 -5.77
C GLY F 128 -33.86 8.85 -6.69
N VAL F 129 -33.22 9.01 -7.85
CA VAL F 129 -33.14 7.97 -8.86
C VAL F 129 -31.69 7.78 -9.26
N LEU F 130 -31.24 6.54 -9.32
CA LEU F 130 -29.88 6.21 -9.72
C LEU F 130 -29.89 5.41 -11.00
N LEU F 131 -29.13 5.86 -12.00
CA LEU F 131 -28.93 5.13 -13.24
C LEU F 131 -27.54 4.53 -13.22
N TYR F 132 -27.46 3.22 -12.99
CA TYR F 132 -26.20 2.53 -12.86
C TYR F 132 -26.12 1.37 -13.85
N GLY F 133 -24.90 1.08 -14.31
CA GLY F 133 -24.68 0.01 -15.24
C GLY F 133 -23.31 0.05 -15.88
N PRO F 134 -23.05 -0.90 -16.78
CA PRO F 134 -21.77 -0.92 -17.49
C PRO F 134 -21.67 0.28 -18.43
N PRO F 135 -20.45 0.66 -18.83
CA PRO F 135 -20.29 1.87 -19.64
C PRO F 135 -20.98 1.81 -21.00
N GLY F 136 -21.46 2.97 -21.43
CA GLY F 136 -22.02 3.11 -22.77
C GLY F 136 -23.30 2.35 -23.03
N CYS F 137 -24.24 2.37 -22.09
CA CYS F 137 -25.49 1.65 -22.26
C CYS F 137 -26.70 2.57 -22.36
N GLY F 138 -26.52 3.88 -22.19
CA GLY F 138 -27.58 4.84 -22.47
C GLY F 138 -27.84 5.86 -21.38
N LYS F 139 -27.19 5.75 -20.21
CA LYS F 139 -27.59 6.50 -19.02
C LYS F 139 -27.51 8.01 -19.24
N THR F 140 -26.50 8.47 -19.97
CA THR F 140 -26.40 9.89 -20.27
C THR F 140 -27.55 10.35 -21.16
N MET F 141 -27.91 9.55 -22.16
CA MET F 141 -29.07 9.90 -22.97
C MET F 141 -30.38 9.72 -22.20
N LEU F 142 -30.41 8.80 -21.23
CA LEU F 142 -31.54 8.76 -20.32
C LEU F 142 -31.71 10.09 -19.61
N ALA F 143 -30.61 10.67 -19.11
CA ALA F 143 -30.67 11.99 -18.49
C ALA F 143 -31.06 13.07 -19.50
N LYS F 144 -30.52 13.00 -20.71
CA LYS F 144 -30.82 13.99 -21.73
C LYS F 144 -32.31 13.99 -22.07
N ALA F 145 -32.89 12.82 -22.23
CA ALA F 145 -34.31 12.75 -22.55
C ALA F 145 -35.18 12.97 -21.34
N LEU F 146 -34.65 12.80 -20.13
CA LEU F 146 -35.34 13.28 -18.93
C LEU F 146 -35.43 14.80 -18.93
N ALA F 147 -34.35 15.46 -19.34
CA ALA F 147 -34.41 16.91 -19.51
C ALA F 147 -35.29 17.30 -20.69
N LYS F 148 -35.46 16.42 -21.66
CA LYS F 148 -36.26 16.72 -22.84
C LYS F 148 -37.76 16.55 -22.61
N GLU F 149 -38.22 15.31 -22.37
CA GLU F 149 -39.66 15.08 -22.19
C GLU F 149 -40.17 15.63 -20.87
N SER F 150 -39.57 15.24 -19.75
CA SER F 150 -40.08 15.63 -18.45
C SER F 150 -39.94 17.13 -18.25
N GLY F 151 -41.04 17.78 -17.87
CA GLY F 151 -41.07 19.23 -17.81
C GLY F 151 -40.44 19.80 -16.55
N ALA F 152 -39.86 18.94 -15.73
CA ALA F 152 -39.20 19.39 -14.51
C ALA F 152 -37.99 20.27 -14.85
N ASN F 153 -37.80 21.30 -14.05
CA ASN F 153 -36.72 22.27 -14.28
C ASN F 153 -35.39 21.57 -13.97
N PHE F 154 -34.84 20.97 -15.02
CA PHE F 154 -33.65 20.16 -14.87
C PHE F 154 -32.39 20.86 -14.45
N ILE F 155 -31.78 20.37 -13.39
CA ILE F 155 -30.51 20.92 -12.96
C ILE F 155 -29.42 19.86 -13.11
N SER F 156 -28.57 20.04 -14.12
CA SER F 156 -27.39 19.18 -14.28
C SER F 156 -26.18 20.00 -13.82
N ILE F 157 -25.61 19.61 -12.70
CA ILE F 157 -24.47 20.30 -12.10
C ILE F 157 -23.31 19.33 -12.01
N ARG F 158 -22.11 19.87 -11.97
CA ARG F 158 -20.88 19.10 -11.88
C ARG F 158 -20.06 19.54 -10.68
N MET F 159 -18.90 18.95 -10.45
CA MET F 159 -18.14 19.31 -9.27
C MET F 159 -17.49 20.70 -9.38
N SER F 160 -17.22 21.16 -10.61
CA SER F 160 -16.62 22.48 -10.73
C SER F 160 -17.52 23.59 -10.18
N SER F 161 -18.83 23.40 -10.24
CA SER F 161 -19.76 24.41 -9.73
C SER F 161 -20.12 24.20 -8.27
N ILE F 162 -19.73 23.08 -7.66
CA ILE F 162 -20.04 22.82 -6.26
C ILE F 162 -18.84 23.15 -5.39
N MET F 163 -17.73 22.44 -5.61
CA MET F 163 -16.58 22.58 -4.74
C MET F 163 -15.84 23.87 -5.04
N ASP F 164 -15.62 24.67 -4.01
CA ASP F 164 -14.99 25.97 -4.12
C ASP F 164 -13.76 26.01 -3.25
N LYS F 165 -12.90 26.99 -3.53
CA LYS F 165 -11.67 27.14 -2.78
C LYS F 165 -11.93 27.61 -1.36
N TRP F 166 -12.81 28.58 -1.17
CA TRP F 166 -12.96 29.23 0.11
C TRP F 166 -13.70 28.34 1.11
N TYR F 167 -13.52 28.65 2.39
CA TYR F 167 -14.07 27.81 3.44
C TYR F 167 -15.58 28.01 3.56
N GLY F 168 -16.32 26.90 3.49
CA GLY F 168 -17.75 26.94 3.69
C GLY F 168 -18.57 27.47 2.53
N GLU F 169 -17.94 27.87 1.43
CA GLU F 169 -18.71 28.27 0.26
C GLU F 169 -19.43 27.10 -0.38
N SER F 170 -18.79 25.92 -0.39
CA SER F 170 -19.37 24.80 -1.12
C SER F 170 -20.60 24.23 -0.43
N ASN F 171 -20.63 24.26 0.91
CA ASN F 171 -21.84 23.90 1.64
C ASN F 171 -22.97 24.87 1.34
N LYS F 172 -22.66 26.16 1.26
CA LYS F 172 -23.67 27.15 0.89
C LYS F 172 -24.14 26.94 -0.53
N ILE F 173 -23.26 26.51 -1.42
CA ILE F 173 -23.63 26.19 -2.80
C ILE F 173 -24.61 25.02 -2.82
N VAL F 174 -24.37 23.99 -2.02
CA VAL F 174 -25.31 22.87 -1.93
C VAL F 174 -26.66 23.31 -1.37
N ASP F 175 -26.64 24.10 -0.29
CA ASP F 175 -27.89 24.57 0.30
C ASP F 175 -28.67 25.43 -0.68
N ALA F 176 -27.96 26.28 -1.43
CA ALA F 176 -28.61 27.09 -2.45
C ALA F 176 -29.16 26.25 -3.59
N MET F 177 -28.44 25.19 -3.96
CA MET F 177 -28.92 24.25 -4.97
C MET F 177 -30.27 23.66 -4.58
N PHE F 178 -30.35 23.16 -3.36
CA PHE F 178 -31.58 22.51 -2.95
C PHE F 178 -32.68 23.54 -2.72
N SER F 179 -32.34 24.70 -2.16
CA SER F 179 -33.34 25.74 -1.99
C SER F 179 -33.91 26.18 -3.34
N LEU F 180 -33.05 26.31 -4.35
CA LEU F 180 -33.51 26.60 -5.70
C LEU F 180 -34.41 25.50 -6.24
N ALA F 181 -34.04 24.25 -5.99
CA ALA F 181 -34.89 23.14 -6.42
C ALA F 181 -36.25 23.20 -5.73
N ASN F 182 -36.28 23.58 -4.45
CA ASN F 182 -37.55 23.77 -3.76
C ASN F 182 -38.34 24.93 -4.36
N LYS F 183 -37.65 25.99 -4.79
CA LYS F 183 -38.34 27.11 -5.43
C LYS F 183 -38.90 26.70 -6.78
N LEU F 184 -38.08 26.04 -7.60
CA LEU F 184 -38.54 25.48 -8.88
C LEU F 184 -39.17 24.12 -8.59
N GLN F 185 -40.42 24.16 -8.12
CA GLN F 185 -41.03 23.03 -7.41
C GLN F 185 -41.00 21.71 -8.16
N PRO F 186 -41.36 21.60 -9.46
CA PRO F 186 -41.02 20.38 -10.20
C PRO F 186 -39.59 20.45 -10.69
N CYS F 187 -38.70 19.68 -10.07
CA CYS F 187 -37.28 19.80 -10.36
C CYS F 187 -36.62 18.44 -10.39
N ILE F 188 -35.54 18.35 -11.16
CA ILE F 188 -34.65 17.20 -11.15
C ILE F 188 -33.23 17.72 -11.04
N ILE F 189 -32.54 17.33 -9.96
CA ILE F 189 -31.15 17.71 -9.76
C ILE F 189 -30.29 16.55 -10.23
N PHE F 190 -29.42 16.80 -11.21
CA PHE F 190 -28.61 15.77 -11.81
C PHE F 190 -27.14 15.98 -11.45
N ILE F 191 -26.54 14.98 -10.82
CA ILE F 191 -25.09 14.94 -10.60
C ILE F 191 -24.57 13.86 -11.54
N ASP F 192 -23.96 14.21 -12.66
CA ASP F 192 -23.38 13.15 -13.49
C ASP F 192 -22.18 12.57 -12.79
N GLN F 193 -21.91 11.28 -13.00
CA GLN F 193 -20.80 10.59 -12.32
C GLN F 193 -20.95 10.75 -10.83
N ILE F 194 -22.06 10.25 -10.32
CA ILE F 194 -22.36 10.44 -8.91
C ILE F 194 -21.43 9.69 -7.96
N ASP F 195 -20.85 8.57 -8.38
CA ASP F 195 -20.02 7.81 -7.46
C ASP F 195 -18.85 8.62 -6.92
N SER F 196 -18.27 9.54 -7.70
CA SER F 196 -17.17 10.30 -7.12
C SER F 196 -17.66 11.23 -6.02
N PHE F 197 -18.85 11.79 -6.21
CA PHE F 197 -19.44 12.68 -5.22
C PHE F 197 -19.92 11.89 -4.03
N LEU F 198 -20.51 10.72 -4.28
CA LEU F 198 -21.04 9.93 -3.18
C LEU F 198 -20.12 8.77 -2.80
N ARG F 199 -18.82 9.01 -2.74
CA ARG F 199 -17.88 7.94 -2.45
C ARG F 199 -17.94 7.40 -1.02
N GLU F 200 -17.43 6.18 -0.81
CA GLU F 200 -17.40 5.59 0.52
C GLU F 200 -16.79 6.56 1.53
N ARG F 201 -17.60 7.03 2.48
CA ARG F 201 -17.12 8.01 3.45
C ARG F 201 -16.05 7.39 4.35
N SER F 202 -15.02 8.17 4.65
CA SER F 202 -13.92 7.70 5.47
C SER F 202 -13.44 8.82 6.38
N SER F 203 -12.76 8.42 7.47
CA SER F 203 -12.18 9.40 8.38
C SER F 203 -10.98 10.12 7.78
N THR F 204 -10.48 9.61 6.65
CA THR F 204 -9.32 10.23 5.99
C THR F 204 -9.77 11.16 4.86
N ASP F 205 -11.06 11.43 4.76
CA ASP F 205 -11.57 12.33 3.73
C ASP F 205 -11.31 13.79 4.08
N HIS F 206 -11.19 14.64 3.06
CA HIS F 206 -11.01 16.06 3.30
C HIS F 206 -12.22 16.61 4.05
N GLU F 207 -11.96 17.57 4.95
CA GLU F 207 -13.02 18.09 5.80
C GLU F 207 -14.11 18.76 4.99
N VAL F 208 -13.74 19.61 4.03
CA VAL F 208 -14.76 20.26 3.21
C VAL F 208 -15.53 19.22 2.40
N THR F 209 -14.86 18.18 1.93
CA THR F 209 -15.54 17.08 1.25
C THR F 209 -16.52 16.38 2.18
N ALA F 210 -16.11 16.12 3.42
CA ALA F 210 -16.97 15.38 4.34
C ALA F 210 -18.19 16.17 4.76
N THR F 211 -17.99 17.44 5.11
CA THR F 211 -19.11 18.30 5.46
C THR F 211 -20.00 18.53 4.25
N LEU F 212 -19.41 18.59 3.06
CA LEU F 212 -20.19 18.74 1.84
C LEU F 212 -21.08 17.52 1.61
N LYS F 213 -20.55 16.33 1.83
CA LYS F 213 -21.35 15.11 1.74
C LYS F 213 -22.47 15.11 2.77
N ALA F 214 -22.16 15.56 3.99
CA ALA F 214 -23.18 15.61 5.04
C ALA F 214 -24.27 16.63 4.72
N GLU F 215 -23.87 17.81 4.22
CA GLU F 215 -24.84 18.79 3.74
C GLU F 215 -25.74 18.20 2.66
N PHE F 216 -25.14 17.50 1.70
CA PHE F 216 -25.92 16.95 0.60
C PHE F 216 -26.93 15.95 1.12
N MET F 217 -26.47 14.98 1.90
CA MET F 217 -27.37 13.99 2.46
C MET F 217 -28.46 14.63 3.30
N THR F 218 -28.12 15.63 4.11
CA THR F 218 -29.12 16.28 4.94
C THR F 218 -30.18 16.98 4.09
N LEU F 219 -29.77 17.58 2.98
CA LEU F 219 -30.77 18.21 2.14
C LEU F 219 -31.58 17.18 1.37
N TRP F 220 -31.03 15.98 1.18
CA TRP F 220 -31.75 14.90 0.52
C TRP F 220 -32.87 14.39 1.44
N ASP F 221 -32.54 13.94 2.66
CA ASP F 221 -33.51 13.45 3.62
C ASP F 221 -34.45 14.55 4.05
N GLY F 222 -34.06 15.81 3.86
CA GLY F 222 -34.93 16.91 4.19
C GLY F 222 -36.07 16.92 3.20
N LEU F 223 -35.80 16.63 1.94
CA LEU F 223 -36.84 16.69 0.93
C LEU F 223 -37.42 15.32 0.65
N LEU F 224 -38.33 14.86 1.51
CA LEU F 224 -39.00 13.58 1.27
C LEU F 224 -40.17 13.87 0.37
N ASN F 225 -39.88 14.55 -0.75
CA ASN F 225 -40.92 14.95 -1.70
C ASN F 225 -41.75 16.03 -1.06
N ASN F 226 -41.13 16.76 -0.14
CA ASN F 226 -41.80 17.89 0.49
C ASN F 226 -41.78 19.04 -0.48
N GLY F 227 -40.72 19.11 -1.29
CA GLY F 227 -40.64 20.14 -2.30
C GLY F 227 -40.71 19.49 -3.67
N ARG F 228 -41.25 18.26 -3.73
CA ARG F 228 -41.32 17.51 -4.99
C ARG F 228 -39.99 17.61 -5.72
N VAL F 229 -38.90 17.31 -5.02
CA VAL F 229 -37.59 17.48 -5.60
C VAL F 229 -36.95 16.10 -5.71
N MET F 230 -36.51 15.76 -6.91
CA MET F 230 -35.96 14.45 -7.22
C MET F 230 -34.47 14.58 -7.48
N ILE F 231 -33.70 13.61 -7.03
CA ILE F 231 -32.26 13.69 -7.23
C ILE F 231 -31.86 12.54 -8.15
N ILE F 232 -31.79 12.82 -9.44
CA ILE F 232 -31.49 11.78 -10.42
C ILE F 232 -29.98 11.77 -10.61
N GLY F 233 -29.38 10.60 -10.51
CA GLY F 233 -27.94 10.47 -10.65
C GLY F 233 -27.60 9.33 -11.58
N ALA F 234 -26.52 9.54 -12.34
CA ALA F 234 -25.99 8.51 -13.22
C ALA F 234 -24.62 8.07 -12.69
N THR F 235 -24.38 6.77 -12.70
CA THR F 235 -23.09 6.27 -12.24
C THR F 235 -22.73 5.01 -12.99
N ASN F 236 -21.42 4.74 -13.03
CA ASN F 236 -20.95 3.53 -13.70
C ASN F 236 -20.71 2.48 -12.62
N ARG F 237 -20.09 2.88 -11.52
CA ARG F 237 -19.79 1.95 -10.44
C ARG F 237 -20.69 2.18 -9.24
N ILE F 238 -21.73 1.37 -9.09
CA ILE F 238 -22.64 1.52 -7.96
C ILE F 238 -21.96 1.19 -6.63
N ASN F 239 -20.90 0.36 -6.66
CA ASN F 239 -20.31 -0.13 -5.44
C ASN F 239 -19.57 0.97 -4.68
N ASP F 240 -19.00 1.93 -5.41
CA ASP F 240 -18.28 3.03 -4.78
C ASP F 240 -19.18 3.99 -4.04
N ILE F 241 -20.49 3.92 -4.25
CA ILE F 241 -21.42 4.81 -3.59
C ILE F 241 -21.58 4.38 -2.14
N ASP F 242 -21.60 5.35 -1.23
CA ASP F 242 -21.79 5.08 0.20
C ASP F 242 -23.18 4.51 0.44
N ASP F 243 -23.29 3.71 1.51
CA ASP F 243 -24.55 3.00 1.78
C ASP F 243 -25.67 3.96 2.15
N ALA F 244 -25.38 5.02 2.89
CA ALA F 244 -26.40 6.01 3.21
C ALA F 244 -26.85 6.75 1.97
N PHE F 245 -25.90 7.15 1.14
CA PHE F 245 -26.22 7.84 -0.11
C PHE F 245 -27.10 6.93 -0.95
N LEU F 246 -26.71 5.67 -1.07
CA LEU F 246 -27.47 4.71 -1.87
C LEU F 246 -28.83 4.46 -1.26
N ARG F 247 -28.93 4.61 0.06
CA ARG F 247 -30.18 4.28 0.74
C ARG F 247 -31.25 5.29 0.38
N ARG F 248 -30.88 6.58 0.42
CA ARG F 248 -31.84 7.65 0.08
C ARG F 248 -31.89 7.80 -1.41
N LEU F 249 -31.34 6.81 -2.12
CA LEU F 249 -31.37 6.78 -3.58
C LEU F 249 -32.12 5.46 -3.84
N PRO F 250 -33.48 5.38 -3.61
CA PRO F 250 -34.10 4.06 -3.76
C PRO F 250 -34.47 3.61 -5.17
N LYS F 251 -34.73 4.52 -6.10
CA LYS F 251 -35.18 4.13 -7.43
C LYS F 251 -33.96 3.95 -8.32
N ARG F 252 -33.45 2.72 -8.39
CA ARG F 252 -32.24 2.44 -9.13
C ARG F 252 -32.53 1.52 -10.32
N PHE F 253 -32.03 1.91 -11.48
CA PHE F 253 -32.25 1.22 -12.75
C PHE F 253 -30.94 0.60 -13.24
N LEU F 254 -30.98 -0.68 -13.56
CA LEU F 254 -29.83 -1.36 -14.16
C LEU F 254 -29.87 -1.15 -15.66
N VAL F 255 -29.12 -0.18 -16.15
CA VAL F 255 -28.98 0.05 -17.60
C VAL F 255 -27.82 -0.83 -18.03
N SER F 256 -28.14 -2.10 -18.29
CA SER F 256 -27.12 -3.12 -18.47
C SER F 256 -26.64 -3.18 -19.92
N LEU F 257 -25.72 -4.10 -20.20
CA LEU F 257 -25.24 -4.30 -21.55
C LEU F 257 -26.37 -4.80 -22.43
N PRO F 258 -26.45 -4.31 -23.68
CA PRO F 258 -27.61 -4.66 -24.52
C PRO F 258 -27.55 -6.10 -24.99
N GLY F 259 -28.71 -6.75 -24.96
CA GLY F 259 -28.86 -8.08 -25.51
C GLY F 259 -29.18 -8.02 -26.99
N SER F 260 -29.53 -9.19 -27.54
CA SER F 260 -29.75 -9.31 -28.98
C SER F 260 -30.89 -8.41 -29.45
N ASP F 261 -32.02 -8.43 -28.73
CA ASP F 261 -33.11 -7.50 -29.02
C ASP F 261 -32.65 -6.06 -28.84
N GLN F 262 -31.94 -5.78 -27.75
CA GLN F 262 -31.52 -4.42 -27.46
C GLN F 262 -30.49 -3.91 -28.47
N ARG F 263 -29.54 -4.77 -28.85
CA ARG F 263 -28.58 -4.41 -29.90
C ARG F 263 -29.26 -4.19 -31.24
N TYR F 264 -30.32 -4.96 -31.50
CA TYR F 264 -31.07 -4.76 -32.74
C TYR F 264 -31.70 -3.38 -32.71
N LYS F 265 -32.41 -3.07 -31.62
CA LYS F 265 -33.11 -1.79 -31.55
C LYS F 265 -32.13 -0.62 -31.56
N ILE F 266 -30.96 -0.78 -30.93
CA ILE F 266 -29.96 0.29 -30.93
C ILE F 266 -29.40 0.49 -32.33
N LEU F 267 -29.10 -0.59 -33.04
CA LEU F 267 -28.51 -0.43 -34.36
C LEU F 267 -29.50 0.30 -35.22
N SER F 268 -30.77 -0.10 -35.13
CA SER F 268 -31.80 0.53 -35.93
C SER F 268 -31.95 1.99 -35.57
N VAL F 269 -31.95 2.30 -34.28
CA VAL F 269 -32.10 3.69 -33.84
C VAL F 269 -30.94 4.55 -34.33
N LEU F 270 -29.73 4.00 -34.32
CA LEU F 270 -28.57 4.80 -34.72
C LEU F 270 -28.55 5.07 -36.22
N LEU F 271 -29.05 4.13 -37.03
CA LEU F 271 -28.90 4.19 -38.48
C LEU F 271 -30.00 4.97 -39.20
N LYS F 272 -30.81 5.69 -38.43
CA LYS F 272 -31.81 6.54 -39.04
C LYS F 272 -31.12 7.71 -39.71
N ASP F 273 -31.81 8.37 -40.64
CA ASP F 273 -31.28 9.52 -41.36
C ASP F 273 -30.04 9.18 -42.19
N THR F 274 -29.75 7.89 -42.34
CA THR F 274 -28.74 7.37 -43.24
C THR F 274 -29.41 6.37 -44.16
N LYS F 275 -28.93 6.28 -45.39
CA LYS F 275 -29.61 5.50 -46.41
C LYS F 275 -29.01 4.09 -46.49
N LEU F 276 -29.84 3.09 -46.25
CA LEU F 276 -29.43 1.70 -46.12
C LEU F 276 -29.63 0.97 -47.45
N ASP F 277 -29.45 -0.35 -47.44
CA ASP F 277 -29.57 -1.16 -48.64
C ASP F 277 -30.77 -2.09 -48.51
N GLU F 278 -31.33 -2.54 -49.63
CA GLU F 278 -32.53 -3.36 -49.59
C GLU F 278 -32.20 -4.81 -49.34
N ASP F 279 -31.43 -5.42 -50.23
CA ASP F 279 -31.16 -6.84 -50.10
C ASP F 279 -29.80 -7.21 -49.56
N GLU F 280 -28.75 -6.56 -50.03
CA GLU F 280 -27.40 -6.94 -49.62
C GLU F 280 -27.10 -6.58 -48.17
N PHE F 281 -28.08 -6.12 -47.40
CA PHE F 281 -27.87 -5.70 -46.02
C PHE F 281 -28.81 -6.48 -45.10
N ASP F 282 -28.23 -7.23 -44.17
CA ASP F 282 -28.99 -7.94 -43.14
C ASP F 282 -28.48 -7.50 -41.78
N LEU F 283 -29.29 -6.72 -41.07
CA LEU F 283 -28.83 -6.09 -39.84
C LEU F 283 -28.93 -7.04 -38.64
N GLN F 284 -29.84 -7.99 -38.70
CA GLN F 284 -30.07 -8.86 -37.55
C GLN F 284 -28.80 -9.61 -37.29
N LEU F 285 -28.16 -10.07 -38.37
CA LEU F 285 -26.90 -10.75 -38.22
C LEU F 285 -25.98 -9.88 -37.42
N ILE F 286 -25.72 -8.68 -37.89
CA ILE F 286 -24.83 -7.75 -37.22
C ILE F 286 -25.21 -7.50 -35.76
N ALA F 287 -26.50 -7.42 -35.48
CA ALA F 287 -26.92 -7.10 -34.11
C ALA F 287 -26.57 -8.20 -33.14
N ASP F 288 -26.89 -9.46 -33.49
CA ASP F 288 -26.52 -10.55 -32.60
C ASP F 288 -25.07 -10.99 -32.77
N ASN F 289 -24.31 -10.25 -33.58
CA ASN F 289 -22.92 -10.58 -33.84
C ASN F 289 -21.97 -9.84 -32.91
N THR F 290 -22.34 -8.62 -32.50
CA THR F 290 -21.53 -7.78 -31.63
C THR F 290 -21.62 -8.32 -30.21
N LYS F 291 -20.76 -9.29 -29.92
CA LYS F 291 -20.82 -10.00 -28.64
C LYS F 291 -20.33 -9.10 -27.51
N GLY F 292 -21.27 -8.58 -26.73
CA GLY F 292 -20.95 -7.78 -25.55
C GLY F 292 -20.62 -6.34 -25.82
N PHE F 293 -20.86 -5.88 -27.04
CA PHE F 293 -20.59 -4.49 -27.38
C PHE F 293 -21.61 -3.57 -26.73
N SER F 294 -21.15 -2.47 -26.14
CA SER F 294 -22.06 -1.50 -25.58
C SER F 294 -22.68 -0.65 -26.68
N GLY F 295 -23.56 0.27 -26.27
CA GLY F 295 -24.23 1.11 -27.24
C GLY F 295 -23.29 2.04 -27.99
N SER F 296 -22.31 2.61 -27.29
CA SER F 296 -21.38 3.53 -27.95
C SER F 296 -20.36 2.77 -28.79
N ASP F 297 -20.11 1.52 -28.43
CA ASP F 297 -19.21 0.71 -29.23
C ASP F 297 -19.91 0.49 -30.55
N LEU F 298 -21.22 0.37 -30.50
CA LEU F 298 -21.98 0.23 -31.73
C LEU F 298 -21.92 1.54 -32.49
N LYS F 299 -22.13 2.65 -31.79
CA LYS F 299 -22.07 3.98 -32.42
C LYS F 299 -20.77 4.17 -33.20
N GLU F 300 -19.64 3.83 -32.58
CA GLU F 300 -18.35 4.00 -33.26
C GLU F 300 -18.23 3.07 -34.47
N LEU F 301 -18.66 1.82 -34.34
CA LEU F 301 -18.58 0.90 -35.47
C LEU F 301 -19.50 1.35 -36.61
N CYS F 302 -20.64 1.92 -36.28
CA CYS F 302 -21.54 2.46 -37.29
C CYS F 302 -20.93 3.67 -37.98
N ARG F 303 -20.26 4.55 -37.22
CA ARG F 303 -19.57 5.68 -37.84
C ARG F 303 -18.49 5.21 -38.80
N GLU F 304 -17.64 4.28 -38.34
CA GLU F 304 -16.52 3.83 -39.14
C GLU F 304 -17.00 3.18 -40.43
N ALA F 305 -18.07 2.39 -40.35
CA ALA F 305 -18.67 1.83 -41.54
C ALA F 305 -19.35 2.87 -42.43
N ALA F 306 -19.93 3.92 -41.83
CA ALA F 306 -20.48 5.00 -42.64
C ALA F 306 -19.39 5.70 -43.43
N LEU F 307 -18.24 5.94 -42.81
CA LEU F 307 -17.10 6.50 -43.53
C LEU F 307 -16.62 5.53 -44.61
N ASP F 308 -16.55 4.25 -44.27
CA ASP F 308 -16.02 3.25 -45.21
C ASP F 308 -16.98 3.04 -46.39
N ALA F 309 -18.27 3.37 -46.20
CA ALA F 309 -19.21 3.30 -47.31
C ALA F 309 -19.24 4.60 -48.11
N ALA F 310 -19.05 5.72 -47.43
CA ALA F 310 -19.10 7.02 -48.10
C ALA F 310 -17.76 7.43 -48.64
N LYS F 311 -16.79 6.52 -48.66
CA LYS F 311 -15.45 6.87 -49.10
C LYS F 311 -15.44 7.60 -50.45
N GLU F 312 -16.26 7.15 -51.38
CA GLU F 312 -16.32 7.78 -52.69
C GLU F 312 -16.96 9.15 -52.60
N TYR F 313 -18.04 9.29 -51.85
CA TYR F 313 -18.65 10.59 -51.66
C TYR F 313 -17.63 11.56 -51.08
N ILE F 314 -16.90 11.11 -50.06
CA ILE F 314 -15.89 11.96 -49.44
C ILE F 314 -14.89 12.43 -50.49
N LYS F 315 -14.37 11.49 -51.27
CA LYS F 315 -13.43 11.81 -52.35
C LYS F 315 -13.98 12.87 -53.26
N GLN F 316 -15.20 12.65 -53.75
CA GLN F 316 -15.83 13.59 -54.66
C GLN F 316 -15.99 14.96 -54.05
N LYS F 317 -16.35 15.00 -52.78
CA LYS F 317 -16.54 16.27 -52.10
C LYS F 317 -15.20 16.96 -51.84
N ARG F 318 -14.14 16.16 -51.70
CA ARG F 318 -12.81 16.71 -51.47
C ARG F 318 -12.33 17.44 -52.70
N GLN F 319 -12.73 16.96 -53.88
CA GLN F 319 -12.36 17.67 -55.10
C GLN F 319 -13.10 19.01 -55.15
N LYS F 335 -26.07 8.67 -53.94
CA LYS F 335 -25.64 9.48 -52.82
C LYS F 335 -24.46 8.80 -52.12
N ILE F 336 -24.61 8.58 -50.82
CA ILE F 336 -23.76 7.63 -50.12
C ILE F 336 -24.04 6.26 -50.72
N ARG F 337 -23.05 5.36 -50.58
CA ARG F 337 -23.25 3.99 -50.98
C ARG F 337 -24.23 3.37 -49.93
N PRO F 338 -25.34 2.66 -50.36
CA PRO F 338 -26.25 2.04 -49.39
C PRO F 338 -25.47 1.23 -48.37
N LEU F 339 -25.69 1.52 -47.10
CA LEU F 339 -24.93 0.91 -46.01
C LEU F 339 -25.31 -0.55 -45.92
N LYS F 340 -24.51 -1.41 -46.56
CA LYS F 340 -24.78 -2.84 -46.57
C LYS F 340 -23.75 -3.58 -45.72
N THR F 341 -23.89 -4.91 -45.70
CA THR F 341 -23.22 -5.78 -44.74
C THR F 341 -21.71 -5.78 -44.88
N LYS F 342 -21.16 -5.33 -46.02
CA LYS F 342 -19.72 -5.45 -46.26
C LYS F 342 -18.91 -4.66 -45.23
N ASP F 343 -19.31 -3.42 -44.94
CA ASP F 343 -18.53 -2.56 -44.06
C ASP F 343 -18.53 -3.08 -42.62
N PHE F 344 -19.71 -3.40 -42.11
CA PHE F 344 -19.81 -3.96 -40.78
C PHE F 344 -19.07 -5.28 -40.70
N THR F 345 -19.28 -6.17 -41.66
CA THR F 345 -18.65 -7.48 -41.58
C THR F 345 -17.14 -7.37 -41.63
N LYS F 346 -16.59 -6.56 -42.53
CA LYS F 346 -15.13 -6.52 -42.64
C LYS F 346 -14.52 -5.93 -41.38
N LYS F 347 -15.30 -5.15 -40.64
CA LYS F 347 -14.79 -4.48 -39.45
C LYS F 347 -14.87 -5.39 -38.25
N LEU F 348 -16.09 -5.59 -37.74
CA LEU F 348 -16.27 -6.42 -36.57
C LEU F 348 -15.93 -7.86 -36.94
N ARG F 349 -15.06 -8.48 -36.14
CA ARG F 349 -14.55 -9.81 -36.46
C ARG F 349 -15.38 -10.85 -35.70
N MET F 350 -16.65 -10.90 -36.08
CA MET F 350 -17.62 -11.96 -35.76
C MET F 350 -17.64 -12.34 -34.28
N UNK G 1 -9.22 29.49 3.10
CA UNK G 1 -9.24 28.53 2.01
C UNK G 1 -8.92 27.13 2.51
N UNK G 2 -8.90 26.16 1.61
CA UNK G 2 -8.57 24.79 1.99
C UNK G 2 -7.62 24.20 0.97
N UNK G 3 -6.77 23.29 1.41
CA UNK G 3 -5.79 22.68 0.51
C UNK G 3 -5.83 21.16 0.64
N UNK G 4 -5.36 20.46 -0.39
CA UNK G 4 -5.38 19.01 -0.36
C UNK G 4 -3.97 18.43 -0.28
N UNK G 5 -3.83 17.28 0.38
CA UNK G 5 -2.51 16.63 0.51
C UNK G 5 -2.66 15.14 0.23
N UNK G 6 -1.55 14.45 0.02
CA UNK G 6 -1.62 13.04 -0.31
C UNK G 6 -0.92 12.17 0.72
N UNK G 7 -1.45 10.98 0.96
CA UNK G 7 -0.85 10.07 1.93
C UNK G 7 -0.58 8.73 1.27
N UNK G 8 0.36 7.99 1.81
CA UNK G 8 0.71 6.70 1.23
C UNK G 8 0.11 5.57 2.03
N UNK G 9 -0.53 4.63 1.34
CA UNK G 9 -1.12 3.48 2.02
C UNK G 9 -0.39 2.22 1.64
N UNK G 10 0.06 1.46 2.63
CA UNK G 10 0.75 0.21 2.36
C UNK G 10 -0.25 -0.90 2.07
N UNK G 11 0.05 -1.72 1.09
CA UNK G 11 -0.84 -2.83 0.75
C UNK G 11 -0.26 -4.12 1.30
N UNK G 12 -0.78 -5.25 0.86
CA UNK G 12 -0.25 -6.54 1.29
C UNK G 12 -0.51 -7.56 0.19
#